data_8YGO
#
_entry.id   8YGO
#
_cell.length_a   1.00
_cell.length_b   1.00
_cell.length_c   1.00
_cell.angle_alpha   90.00
_cell.angle_beta   90.00
_cell.angle_gamma   90.00
#
_symmetry.space_group_name_H-M   'P 1'
#
loop_
_entity.id
_entity.type
_entity.pdbx_description
1 polymer 'SIR2-like domain-containing protein'
2 polymer SPR
#
loop_
_entity_poly.entity_id
_entity_poly.type
_entity_poly.pdbx_seq_one_letter_code
_entity_poly.pdbx_strand_id
1 'polypeptide(L)'
;NKFITKDDEVIDYIYGKISPLFALQYIRKIDLKHVFEYDYHFEVNGTVVRHKNKGFGYMERFFELKESCDERSKLSKKQY
ERFNALFNFFEKNGVICMAKDAGTLNTSIEINSLAYHGKYDVMKKFIEEQSVSIEDDYKKAFFLACLGRWEESYDLYSNI
ILNSIDESNGCVYYLSQINRYRIYQSITQAVTQFNGLGLLTFGRHYKPFTDEFLARIEREMTNFNIDDLFNGMPFEFQKK
YKILEFLSDNQFLYDDTVKLFELTNKVRSEMSEGSYSFGMSSDIVVLLRLYDNLRFLYENCLWSVSFHEFHQYIRNSMSL
LIEKAEYERTRDIDELGFSFFGKKSGFFMEYYDFVNISRHFKIDDIKNLERSCSIDKIRFGEQEKIEEYLVGIAEEITKQ
FSANGMNVVFYTQFISEAKAALYFAKYVKLSEEGLGKIVKALLFYFPERDLDIGKRYVWLERLTKCNELPKSIISIIDDF
LVLQAEKHIDQNYSEVSSNGLYSRDYGALIKHFEKNFISKRLSEITLCLTQDKQKQIDFLFKLLPLLSTNAKSHLLSFKS
VENINDLMNGIRIGLIDEFTPEHEELIIEYLETRKVNYIVEKEKGIQTFSSNDYMSTFGIWYFLEEINNSKMEEFIGMDD
QYDFFVDPENFDYKKFIPSWLKNYNDKLLGKIAGNKHMKHHVIEVLKERVKNSNDKRYLEILMNYFI
;
A,B
2 'polypeptide(L)'
;MKTVIQDTADVYFKRKSDGKLVFTAEAQTASFSQAISEEKLRGGIGNKPLYILKSEKEINLTVKNAFFDLEWLAMTQGET
IQEETKVKVFDREHGLIVDDTNKVTLKGKPVSDVTFYNKKGLTYKIAVSTDGTYTIPTAFAAAKDKLTAVYQIEKVGRRL
AIKASKFSERYEVEYRTIAYNPDTEEVYSDIYIQFPNVSPSGEFEMSLENGNALAPEIKFEALADTDTDEMAVVIEASRD
ENTAAPVEDTTGSTQSSDLGGTTE
;
C,D
#
# COMPACT_ATOMS: atom_id res chain seq x y z
N THR A 5 35.99 36.32 -8.98
CA THR A 5 36.26 37.27 -10.05
C THR A 5 36.81 36.56 -11.30
N LYS A 6 38.11 36.25 -11.27
CA LYS A 6 38.73 35.56 -12.38
C LYS A 6 38.23 34.12 -12.45
N ASP A 7 38.19 33.59 -13.69
CA ASP A 7 37.64 32.25 -13.89
C ASP A 7 38.46 31.20 -13.13
N ASP A 8 39.78 31.38 -13.07
CA ASP A 8 40.63 30.45 -12.33
C ASP A 8 40.22 30.40 -10.86
N GLU A 9 39.77 31.52 -10.31
CA GLU A 9 39.31 31.54 -8.92
C GLU A 9 38.08 30.66 -8.74
N VAL A 10 37.33 30.42 -9.82
CA VAL A 10 36.14 29.59 -9.73
C VAL A 10 36.51 28.11 -9.78
N ILE A 11 37.30 27.72 -10.77
CA ILE A 11 37.53 26.31 -11.03
C ILE A 11 38.43 25.65 -9.98
N ASP A 12 39.23 26.43 -9.25
CA ASP A 12 40.12 25.84 -8.27
C ASP A 12 39.34 25.31 -7.07
N TYR A 13 38.32 26.03 -6.65
CA TYR A 13 37.50 25.60 -5.51
C TYR A 13 36.80 24.28 -5.79
N ILE A 14 36.26 24.15 -7.01
CA ILE A 14 35.55 22.93 -7.38
C ILE A 14 36.49 21.73 -7.34
N TYR A 15 37.69 21.87 -7.90
CA TYR A 15 38.65 20.79 -7.81
C TYR A 15 39.00 20.52 -6.36
N GLY A 16 39.20 21.56 -5.56
CA GLY A 16 39.59 21.40 -4.18
C GLY A 16 38.60 20.57 -3.38
N LYS A 17 37.32 20.74 -3.65
CA LYS A 17 36.29 20.01 -2.90
C LYS A 17 35.59 18.93 -3.71
N ILE A 18 36.15 18.53 -4.86
CA ILE A 18 35.62 17.42 -5.65
C ILE A 18 36.67 16.33 -5.87
N SER A 19 37.92 16.72 -6.14
CA SER A 19 38.99 15.81 -6.53
C SER A 19 39.20 14.62 -5.59
N PRO A 20 39.11 14.77 -4.26
CA PRO A 20 39.31 13.60 -3.40
C PRO A 20 38.30 12.49 -3.64
N LEU A 21 37.21 12.78 -4.36
CA LEU A 21 36.18 11.80 -4.65
C LEU A 21 36.52 10.91 -5.85
N PHE A 22 37.77 10.90 -6.30
CA PHE A 22 38.16 10.06 -7.42
C PHE A 22 38.44 8.61 -7.03
N ALA A 23 38.61 8.33 -5.74
CA ALA A 23 38.81 6.95 -5.31
C ALA A 23 37.57 6.11 -5.58
N LEU A 24 36.39 6.67 -5.36
CA LEU A 24 35.15 5.96 -5.67
C LEU A 24 34.87 5.99 -7.17
N GLN A 25 34.29 4.90 -7.66
CA GLN A 25 33.84 4.80 -9.03
C GLN A 25 32.54 5.56 -9.26
N TYR A 26 31.66 5.61 -8.27
CA TYR A 26 30.42 6.34 -8.37
C TYR A 26 30.06 7.02 -7.06
N ILE A 27 29.36 8.15 -7.18
CA ILE A 27 28.65 8.80 -6.08
C ILE A 27 27.25 9.13 -6.57
N ARG A 28 26.25 8.88 -5.73
CA ARG A 28 24.89 9.20 -6.13
C ARG A 28 24.69 10.71 -6.17
N LYS A 29 23.83 11.16 -7.09
CA LYS A 29 23.68 12.58 -7.33
C LYS A 29 23.16 13.30 -6.09
N ILE A 30 22.21 12.70 -5.39
CA ILE A 30 21.61 13.37 -4.24
C ILE A 30 22.58 13.46 -3.07
N ASP A 31 23.70 12.75 -3.13
CA ASP A 31 24.69 12.83 -2.06
C ASP A 31 25.65 14.00 -2.22
N LEU A 32 25.65 14.66 -3.38
CA LEU A 32 26.52 15.82 -3.58
C LEU A 32 26.12 17.01 -2.73
N LYS A 33 24.92 17.00 -2.14
CA LYS A 33 24.54 18.08 -1.26
C LYS A 33 25.41 18.13 0.00
N HIS A 34 25.99 16.99 0.38
CA HIS A 34 26.81 16.96 1.59
C HIS A 34 28.19 17.56 1.36
N VAL A 35 28.74 17.40 0.16
CA VAL A 35 30.12 17.82 -0.09
C VAL A 35 30.22 19.32 -0.30
N PHE A 36 29.08 20.01 -0.47
CA PHE A 36 29.07 21.45 -0.63
C PHE A 36 28.45 22.16 0.57
N GLU A 37 28.41 21.51 1.72
CA GLU A 37 27.83 22.07 2.94
C GLU A 37 26.39 22.54 2.71
N TYR A 38 25.59 21.65 2.11
CA TYR A 38 24.15 21.86 1.92
C TYR A 38 23.85 23.12 1.11
N ASP A 39 24.80 23.55 0.27
CA ASP A 39 24.62 24.82 -0.41
C ASP A 39 23.66 24.70 -1.59
N TYR A 40 23.64 23.56 -2.27
CA TYR A 40 22.81 23.36 -3.45
C TYR A 40 22.00 22.08 -3.33
N HIS A 41 20.97 21.98 -4.18
CA HIS A 41 20.23 20.75 -4.39
C HIS A 41 20.55 20.17 -5.77
N PHE A 42 20.84 18.88 -5.80
CA PHE A 42 21.18 18.16 -7.01
C PHE A 42 20.13 17.08 -7.21
N GLU A 43 19.13 17.36 -8.05
CA GLU A 43 17.99 16.48 -8.16
C GLU A 43 18.37 15.17 -8.85
N VAL A 44 17.48 14.18 -8.71
CA VAL A 44 17.71 12.85 -9.29
C VAL A 44 17.70 12.85 -10.80
N ASN A 45 17.23 13.92 -11.42
CA ASN A 45 17.27 14.06 -12.88
C ASN A 45 18.51 14.79 -13.38
N GLY A 46 19.39 15.23 -12.48
CA GLY A 46 20.66 15.82 -12.88
C GLY A 46 20.68 17.33 -12.99
N THR A 47 19.67 18.03 -12.48
CA THR A 47 19.59 19.47 -12.58
C THR A 47 20.13 20.12 -11.30
N VAL A 48 20.20 21.46 -11.31
CA VAL A 48 20.87 22.22 -10.26
C VAL A 48 19.94 23.32 -9.77
N VAL A 49 19.79 23.43 -8.44
CA VAL A 49 18.95 24.44 -7.80
C VAL A 49 19.67 24.94 -6.56
N ARG A 50 19.69 26.26 -6.36
CA ARG A 50 20.43 26.85 -5.25
C ARG A 50 19.57 26.90 -3.99
N HIS A 51 20.22 26.66 -2.84
CA HIS A 51 19.54 26.66 -1.54
C HIS A 51 20.07 27.75 -0.62
N LYS A 52 21.37 27.74 -0.31
CA LYS A 52 21.94 28.63 0.68
C LYS A 52 23.05 29.51 0.13
N ASN A 53 23.21 29.57 -1.19
CA ASN A 53 24.23 30.43 -1.78
C ASN A 53 23.86 31.89 -1.59
N LYS A 54 24.80 32.67 -1.08
CA LYS A 54 24.59 34.10 -0.90
C LYS A 54 25.69 34.89 -1.59
N GLY A 55 26.87 34.27 -1.70
CA GLY A 55 27.99 34.90 -2.38
C GLY A 55 28.00 34.61 -3.87
N PHE A 56 29.19 34.50 -4.45
CA PHE A 56 29.30 34.21 -5.86
C PHE A 56 28.84 32.79 -6.17
N GLY A 57 28.29 32.62 -7.37
CA GLY A 57 27.81 31.33 -7.81
C GLY A 57 28.91 30.45 -8.39
N TYR A 58 29.72 29.84 -7.53
CA TYR A 58 30.78 28.96 -8.00
C TYR A 58 30.26 27.74 -8.73
N MET A 59 28.98 27.41 -8.55
CA MET A 59 28.41 26.25 -9.21
C MET A 59 28.04 26.58 -10.66
N GLU A 60 27.33 27.69 -10.87
CA GLU A 60 26.83 28.02 -12.19
C GLU A 60 27.95 28.32 -13.19
N ARG A 61 29.07 28.84 -12.72
CA ARG A 61 30.15 29.20 -13.62
C ARG A 61 30.72 27.98 -14.35
N PHE A 62 30.78 26.84 -13.66
CA PHE A 62 31.33 25.64 -14.29
C PHE A 62 30.49 25.18 -15.46
N PHE A 63 29.16 25.16 -15.30
CA PHE A 63 28.30 24.79 -16.41
C PHE A 63 28.28 25.86 -17.49
N GLU A 64 28.41 27.13 -17.10
CA GLU A 64 28.54 28.19 -18.10
C GLU A 64 29.79 27.98 -18.96
N LEU A 65 30.92 27.65 -18.33
CA LEU A 65 32.14 27.37 -19.08
C LEU A 65 32.00 26.13 -19.95
N LYS A 66 31.35 25.08 -19.40
CA LYS A 66 31.15 23.85 -20.17
C LYS A 66 30.33 24.11 -21.43
N GLU A 67 29.27 24.92 -21.31
CA GLU A 67 28.49 25.27 -22.49
C GLU A 67 29.31 26.13 -23.46
N SER A 68 30.08 27.07 -22.93
CA SER A 68 30.86 27.95 -23.79
C SER A 68 32.03 27.19 -24.42
N CYS A 69 32.58 27.78 -25.49
CA CYS A 69 33.65 27.15 -26.25
C CYS A 69 34.96 27.89 -26.15
N ASP A 70 34.98 29.19 -26.48
CA ASP A 70 36.25 29.93 -26.48
C ASP A 70 36.80 30.12 -25.08
N GLU A 71 35.93 30.21 -24.07
CA GLU A 71 36.40 30.36 -22.69
C GLU A 71 37.20 29.16 -22.22
N ARG A 72 37.02 27.99 -22.86
CA ARG A 72 37.75 26.80 -22.44
C ARG A 72 39.25 26.99 -22.65
N SER A 73 39.64 27.61 -23.75
CA SER A 73 41.06 27.78 -24.09
C SER A 73 41.70 28.95 -23.36
N LYS A 74 40.92 29.83 -22.73
CA LYS A 74 41.49 31.00 -22.09
C LYS A 74 42.26 30.66 -20.81
N LEU A 75 42.15 29.43 -20.32
CA LEU A 75 42.83 29.03 -19.09
C LEU A 75 44.22 28.48 -19.39
N SER A 76 44.99 28.26 -18.33
CA SER A 76 46.31 27.67 -18.46
C SER A 76 46.19 26.18 -18.77
N LYS A 77 47.32 25.58 -19.16
CA LYS A 77 47.32 24.17 -19.53
C LYS A 77 46.97 23.29 -18.32
N LYS A 78 47.52 23.60 -17.15
CA LYS A 78 47.18 22.84 -15.96
C LYS A 78 45.71 23.02 -15.61
N GLN A 79 45.21 24.26 -15.71
CA GLN A 79 43.79 24.49 -15.45
C GLN A 79 42.91 23.87 -16.53
N TYR A 80 43.40 23.82 -17.77
CA TYR A 80 42.64 23.14 -18.82
C TYR A 80 42.54 21.64 -18.51
N GLU A 81 43.62 21.04 -18.02
CA GLU A 81 43.56 19.63 -17.61
C GLU A 81 42.62 19.44 -16.43
N ARG A 82 42.63 20.39 -15.48
CA ARG A 82 41.70 20.31 -14.35
C ARG A 82 40.25 20.37 -14.84
N PHE A 83 39.96 21.26 -15.79
CA PHE A 83 38.62 21.35 -16.34
C PHE A 83 38.25 20.07 -17.07
N ASN A 84 39.21 19.49 -17.80
CA ASN A 84 38.95 18.22 -18.47
C ASN A 84 38.60 17.12 -17.48
N ALA A 85 39.34 17.03 -16.38
CA ALA A 85 39.05 16.03 -15.36
C ALA A 85 37.68 16.25 -14.75
N LEU A 86 37.35 17.50 -14.41
CA LEU A 86 36.05 17.79 -13.83
C LEU A 86 34.92 17.46 -14.80
N PHE A 87 35.11 17.80 -16.09
CA PHE A 87 34.11 17.50 -17.10
C PHE A 87 33.90 16.00 -17.25
N ASN A 88 35.00 15.23 -17.31
CA ASN A 88 34.87 13.79 -17.45
C ASN A 88 34.15 13.18 -16.25
N PHE A 89 34.55 13.59 -15.05
CA PHE A 89 33.93 13.05 -13.84
C PHE A 89 32.45 13.43 -13.77
N PHE A 90 32.10 14.65 -14.14
CA PHE A 90 30.70 15.05 -14.10
C PHE A 90 29.88 14.30 -15.14
N GLU A 91 30.44 14.07 -16.33
CA GLU A 91 29.71 13.33 -17.35
C GLU A 91 29.49 11.89 -16.94
N LYS A 92 30.44 11.30 -16.21
CA LYS A 92 30.26 9.92 -15.79
C LYS A 92 29.13 9.74 -14.79
N ASN A 93 28.78 10.78 -14.04
CA ASN A 93 27.75 10.69 -13.01
C ASN A 93 26.41 11.27 -13.44
N GLY A 94 26.34 11.90 -14.61
CA GLY A 94 25.06 12.28 -15.19
C GLY A 94 24.55 13.67 -14.84
N VAL A 95 25.40 14.54 -14.30
CA VAL A 95 25.01 15.92 -14.03
C VAL A 95 25.14 16.70 -15.32
N ILE A 96 24.00 17.13 -15.88
CA ILE A 96 23.98 17.63 -17.25
C ILE A 96 24.05 19.16 -17.28
N CYS A 97 23.05 19.82 -16.72
CA CYS A 97 22.94 21.27 -16.82
C CYS A 97 22.29 21.79 -15.53
N MET A 98 21.76 23.00 -15.59
CA MET A 98 21.05 23.62 -14.47
C MET A 98 19.58 23.80 -14.80
N ALA A 99 18.81 24.18 -13.78
CA ALA A 99 17.35 24.25 -13.92
C ALA A 99 16.94 25.31 -14.91
N LYS A 100 17.59 26.48 -14.89
CA LYS A 100 17.18 27.57 -15.76
C LYS A 100 17.31 27.20 -17.23
N ASP A 101 18.39 26.52 -17.60
CA ASP A 101 18.61 26.10 -18.97
C ASP A 101 18.13 24.67 -19.24
N ALA A 102 17.51 24.03 -18.25
CA ALA A 102 17.13 22.62 -18.40
C ALA A 102 16.13 22.45 -19.52
N GLY A 103 16.40 21.47 -20.39
CA GLY A 103 15.50 21.17 -21.48
C GLY A 103 14.92 19.78 -21.33
N THR A 104 15.22 18.90 -22.29
CA THR A 104 14.85 17.50 -22.18
C THR A 104 16.07 16.70 -21.74
N LEU A 105 15.87 15.78 -20.81
CA LEU A 105 16.95 15.03 -20.20
C LEU A 105 16.72 13.54 -20.40
N ASN A 106 17.80 12.83 -20.71
CA ASN A 106 17.77 11.38 -20.87
C ASN A 106 18.91 10.79 -20.03
N THR A 107 18.59 10.47 -18.78
CA THR A 107 19.61 9.96 -17.86
C THR A 107 20.09 8.58 -18.30
N SER A 108 21.39 8.37 -18.19
CA SER A 108 22.02 7.11 -18.57
C SER A 108 22.44 6.33 -17.34
N ILE A 109 22.01 5.07 -17.28
CA ILE A 109 22.35 4.16 -16.19
C ILE A 109 22.98 2.95 -16.84
N GLU A 110 24.09 2.46 -16.29
CA GLU A 110 24.84 1.35 -16.87
C GLU A 110 25.59 0.64 -15.75
N ILE A 111 25.16 -0.57 -15.40
CA ILE A 111 25.86 -1.38 -14.42
C ILE A 111 26.88 -2.25 -15.14
N ASN A 112 28.15 -2.13 -14.74
CA ASN A 112 29.24 -2.87 -15.35
C ASN A 112 29.86 -3.92 -14.43
N SER A 113 29.35 -4.07 -13.22
CA SER A 113 29.91 -5.06 -12.31
C SER A 113 29.60 -6.47 -12.81
N LEU A 114 30.60 -7.35 -12.74
CA LEU A 114 30.40 -8.73 -13.14
C LEU A 114 29.48 -9.48 -12.19
N ALA A 115 29.32 -8.99 -10.96
CA ALA A 115 28.42 -9.64 -10.00
C ALA A 115 26.97 -9.55 -10.45
N TYR A 116 26.56 -8.40 -10.99
CA TYR A 116 25.17 -8.23 -11.40
C TYR A 116 24.80 -9.22 -12.49
N HIS A 117 25.69 -9.43 -13.45
CA HIS A 117 25.39 -10.23 -14.63
C HIS A 117 25.51 -11.73 -14.39
N GLY A 118 26.04 -12.13 -13.24
CA GLY A 118 26.11 -13.54 -12.91
C GLY A 118 27.04 -14.35 -13.79
N LYS A 119 28.17 -13.79 -14.19
CA LYS A 119 29.15 -14.52 -15.00
C LYS A 119 30.19 -15.13 -14.05
N TYR A 120 29.82 -16.26 -13.45
CA TYR A 120 30.67 -16.88 -12.45
C TYR A 120 31.95 -17.42 -13.05
N ASP A 121 31.91 -17.89 -14.30
CA ASP A 121 33.10 -18.48 -14.91
C ASP A 121 34.19 -17.41 -15.08
N VAL A 122 33.80 -16.21 -15.49
CA VAL A 122 34.75 -15.10 -15.59
C VAL A 122 35.33 -14.76 -14.22
N MET A 123 34.51 -14.83 -13.17
CA MET A 123 35.02 -14.64 -11.83
C MET A 123 36.08 -15.68 -11.49
N LYS A 124 35.81 -16.93 -11.87
CA LYS A 124 36.78 -17.99 -11.61
C LYS A 124 38.10 -17.73 -12.33
N LYS A 125 38.04 -17.24 -13.57
CA LYS A 125 39.28 -16.88 -14.25
C LYS A 125 39.98 -15.73 -13.54
N PHE A 126 39.23 -14.71 -13.10
CA PHE A 126 39.84 -13.54 -12.48
C PHE A 126 40.53 -13.90 -11.17
N ILE A 127 39.92 -14.80 -10.39
CA ILE A 127 40.43 -15.06 -9.05
C ILE A 127 41.82 -15.69 -9.11
N GLU A 128 42.02 -16.64 -10.03
CA GLU A 128 43.33 -17.26 -10.22
C GLU A 128 44.21 -16.34 -11.05
N GLU A 129 44.58 -15.23 -10.44
CA GLU A 129 45.43 -14.23 -11.07
C GLU A 129 46.13 -13.43 -9.98
N GLN A 130 47.42 -13.18 -10.18
CA GLN A 130 48.21 -12.48 -9.16
C GLN A 130 47.88 -11.00 -9.19
N SER A 131 47.41 -10.48 -8.06
CA SER A 131 47.01 -9.08 -7.98
C SER A 131 48.22 -8.16 -8.05
N VAL A 132 47.99 -6.95 -8.58
CA VAL A 132 49.02 -5.93 -8.70
C VAL A 132 48.68 -4.65 -7.97
N SER A 133 47.52 -4.59 -7.30
CA SER A 133 47.12 -3.39 -6.59
C SER A 133 46.15 -3.79 -5.47
N ILE A 134 45.96 -2.85 -4.53
CA ILE A 134 45.06 -3.09 -3.41
C ILE A 134 43.62 -3.17 -3.90
N GLU A 135 43.26 -2.34 -4.87
CA GLU A 135 41.92 -2.38 -5.45
C GLU A 135 41.63 -3.74 -6.06
N ASP A 136 42.62 -4.36 -6.70
CA ASP A 136 42.45 -5.70 -7.23
C ASP A 136 42.15 -6.72 -6.14
N ASP A 137 42.85 -6.62 -5.00
CA ASP A 137 42.59 -7.53 -3.89
C ASP A 137 41.18 -7.31 -3.35
N TYR A 138 40.75 -6.06 -3.25
CA TYR A 138 39.39 -5.76 -2.78
C TYR A 138 38.35 -6.39 -3.70
N LYS A 139 38.54 -6.24 -5.02
CA LYS A 139 37.64 -6.84 -5.97
C LYS A 139 37.64 -8.36 -5.86
N LYS A 140 38.82 -8.95 -5.69
CA LYS A 140 38.90 -10.42 -5.58
C LYS A 140 38.19 -10.92 -4.35
N ALA A 141 38.33 -10.21 -3.23
CA ALA A 141 37.64 -10.60 -2.01
C ALA A 141 36.13 -10.52 -2.20
N PHE A 142 35.64 -9.46 -2.84
CA PHE A 142 34.20 -9.37 -3.06
C PHE A 142 33.72 -10.48 -3.99
N PHE A 143 34.52 -10.81 -5.01
CA PHE A 143 34.14 -11.87 -5.94
C PHE A 143 34.05 -13.21 -5.23
N LEU A 144 34.99 -13.48 -4.31
CA LEU A 144 34.90 -14.69 -3.50
C LEU A 144 33.66 -14.66 -2.60
N ALA A 145 33.37 -13.51 -1.99
CA ALA A 145 32.21 -13.42 -1.10
C ALA A 145 30.91 -13.67 -1.84
N CYS A 146 30.79 -13.17 -3.07
CA CYS A 146 29.59 -13.44 -3.86
C CYS A 146 29.56 -14.89 -4.33
N LEU A 147 30.72 -15.51 -4.45
CA LEU A 147 30.82 -16.89 -4.93
C LEU A 147 30.55 -17.93 -3.85
N GLY A 148 30.32 -17.50 -2.61
CA GLY A 148 30.03 -18.41 -1.52
C GLY A 148 31.21 -18.77 -0.66
N ARG A 149 32.44 -18.54 -1.12
CA ARG A 149 33.63 -18.88 -0.36
C ARG A 149 33.78 -17.85 0.76
N TRP A 150 33.01 -18.05 1.82
CA TRP A 150 32.97 -17.10 2.92
C TRP A 150 34.15 -17.23 3.87
N GLU A 151 34.99 -18.23 3.69
CA GLU A 151 36.08 -18.46 4.64
C GLU A 151 37.35 -17.71 4.26
N GLU A 152 37.73 -17.77 2.97
CA GLU A 152 38.94 -17.09 2.53
C GLU A 152 38.72 -15.58 2.42
N SER A 153 37.48 -15.15 2.23
CA SER A 153 37.19 -13.73 2.13
C SER A 153 37.63 -13.00 3.39
N TYR A 154 37.42 -13.60 4.56
CA TYR A 154 37.86 -13.00 5.81
C TYR A 154 39.37 -12.83 5.85
N ASP A 155 40.12 -13.84 5.39
CA ASP A 155 41.57 -13.74 5.40
C ASP A 155 42.07 -12.65 4.44
N LEU A 156 41.49 -12.58 3.24
CA LEU A 156 41.93 -11.57 2.30
C LEU A 156 41.56 -10.18 2.78
N TYR A 157 40.40 -10.04 3.43
CA TYR A 157 40.03 -8.76 4.03
C TYR A 157 41.00 -8.36 5.14
N SER A 158 41.40 -9.33 5.97
CA SER A 158 42.38 -9.03 7.00
C SER A 158 43.71 -8.56 6.39
N ASN A 159 44.14 -9.22 5.31
CA ASN A 159 45.39 -8.82 4.67
C ASN A 159 45.30 -7.43 4.07
N ILE A 160 44.19 -7.12 3.39
CA ILE A 160 44.07 -5.80 2.77
C ILE A 160 43.96 -4.72 3.83
N ILE A 161 43.30 -5.00 4.95
CA ILE A 161 43.19 -4.00 6.00
C ILE A 161 44.51 -3.83 6.73
N LEU A 162 45.34 -4.88 6.78
CA LEU A 162 46.63 -4.76 7.45
C LEU A 162 47.64 -4.01 6.57
N ASN A 163 47.59 -4.22 5.26
CA ASN A 163 48.55 -3.58 4.36
C ASN A 163 48.14 -2.18 3.93
N SER A 164 46.96 -1.71 4.32
CA SER A 164 46.46 -0.41 3.88
C SER A 164 46.76 0.70 4.86
N ILE A 165 47.42 0.41 5.98
CA ILE A 165 47.75 1.45 6.94
C ILE A 165 48.83 2.38 6.40
N ASP A 166 49.86 1.82 5.76
CA ASP A 166 50.97 2.61 5.24
C ASP A 166 50.69 3.12 3.83
N GLU A 167 49.61 3.87 3.68
CA GLU A 167 49.26 4.47 2.40
C GLU A 167 48.28 5.61 2.65
N SER A 168 48.42 6.67 1.85
CA SER A 168 47.55 7.85 1.97
C SER A 168 46.23 7.63 1.22
N ASN A 169 45.49 6.62 1.68
CA ASN A 169 44.16 6.35 1.16
C ASN A 169 43.38 5.59 2.24
N GLY A 170 42.52 6.30 2.97
CA GLY A 170 41.71 5.68 3.98
C GLY A 170 40.40 5.11 3.48
N CYS A 171 40.04 5.41 2.23
CA CYS A 171 38.79 4.91 1.68
C CYS A 171 38.76 3.38 1.62
N VAL A 172 39.86 2.79 1.15
CA VAL A 172 39.95 1.34 1.08
C VAL A 172 39.87 0.74 2.46
N TYR A 173 40.56 1.33 3.43
CA TYR A 173 40.53 0.83 4.81
C TYR A 173 39.11 0.85 5.37
N TYR A 174 38.41 1.96 5.18
CA TYR A 174 37.05 2.10 5.69
C TYR A 174 36.12 1.08 5.04
N LEU A 175 36.17 0.97 3.72
CA LEU A 175 35.28 0.05 3.02
C LEU A 175 35.59 -1.40 3.38
N SER A 176 36.88 -1.74 3.50
CA SER A 176 37.25 -3.11 3.88
C SER A 176 36.77 -3.45 5.28
N GLN A 177 36.86 -2.49 6.21
CA GLN A 177 36.36 -2.76 7.55
C GLN A 177 34.86 -2.98 7.56
N ILE A 178 34.12 -2.18 6.79
CA ILE A 178 32.68 -2.38 6.70
C ILE A 178 32.37 -3.77 6.14
N ASN A 179 33.08 -4.16 5.08
CA ASN A 179 32.84 -5.46 4.48
C ASN A 179 33.18 -6.60 5.45
N ARG A 180 34.25 -6.44 6.23
CA ARG A 180 34.63 -7.46 7.20
C ARG A 180 33.53 -7.63 8.25
N TYR A 181 33.00 -6.51 8.74
CA TYR A 181 31.90 -6.61 9.70
C TYR A 181 30.72 -7.34 9.08
N ARG A 182 30.43 -7.06 7.81
CA ARG A 182 29.29 -7.70 7.17
C ARG A 182 29.50 -9.21 6.99
N ILE A 183 30.68 -9.62 6.54
CA ILE A 183 30.92 -11.06 6.36
C ILE A 183 30.89 -11.77 7.71
N TYR A 184 31.37 -11.12 8.77
CA TYR A 184 31.30 -11.74 10.10
C TYR A 184 29.85 -11.95 10.52
N GLN A 185 29.02 -10.92 10.31
CA GLN A 185 27.60 -11.03 10.66
C GLN A 185 26.93 -12.15 9.87
N SER A 186 27.22 -12.22 8.57
CA SER A 186 26.62 -13.26 7.73
C SER A 186 27.06 -14.65 8.19
N ILE A 187 28.33 -14.81 8.53
CA ILE A 187 28.83 -16.11 9.00
C ILE A 187 28.11 -16.51 10.28
N THR A 188 27.95 -15.56 11.22
CA THR A 188 27.30 -15.89 12.48
C THR A 188 25.86 -16.33 12.26
N GLN A 189 25.11 -15.56 11.46
CA GLN A 189 23.71 -15.93 11.21
C GLN A 189 23.63 -17.26 10.48
N ALA A 190 24.57 -17.52 9.56
CA ALA A 190 24.55 -18.76 8.80
C ALA A 190 24.80 -19.96 9.69
N VAL A 191 25.80 -19.91 10.57
CA VAL A 191 26.08 -21.05 11.42
C VAL A 191 24.96 -21.26 12.43
N THR A 192 24.38 -20.17 12.93
CA THR A 192 23.24 -20.30 13.85
C THR A 192 22.08 -21.02 13.17
N GLN A 193 21.69 -20.56 11.97
CA GLN A 193 20.58 -21.18 11.27
C GLN A 193 20.90 -22.62 10.90
N PHE A 194 22.14 -22.90 10.51
CA PHE A 194 22.55 -24.28 10.23
C PHE A 194 22.30 -25.16 11.44
N ASN A 195 23.02 -24.91 12.53
CA ASN A 195 22.93 -25.75 13.72
C ASN A 195 21.52 -25.78 14.30
N GLY A 196 20.68 -24.79 13.98
CA GLY A 196 19.32 -24.82 14.48
C GLY A 196 18.37 -25.66 13.66
N LEU A 197 18.37 -25.52 12.34
CA LEU A 197 17.32 -26.07 11.51
C LEU A 197 17.80 -26.92 10.34
N GLY A 198 19.06 -26.79 9.91
CA GLY A 198 19.50 -27.53 8.75
C GLY A 198 19.57 -29.03 8.97
N LEU A 199 19.68 -29.47 10.23
CA LEU A 199 19.64 -30.89 10.50
C LEU A 199 18.29 -31.49 10.13
N LEU A 200 17.25 -30.67 10.10
CA LEU A 200 15.90 -31.08 9.74
C LEU A 200 15.54 -30.73 8.30
N THR A 201 15.92 -29.55 7.83
CA THR A 201 15.59 -29.14 6.47
C THR A 201 16.41 -29.91 5.44
N PHE A 202 17.72 -30.02 5.67
CA PHE A 202 18.60 -30.66 4.71
C PHE A 202 18.66 -32.17 4.89
N GLY A 203 18.26 -32.67 6.06
CA GLY A 203 18.33 -34.08 6.36
C GLY A 203 19.56 -34.49 7.14
N ARG A 204 20.58 -33.65 7.21
CA ARG A 204 21.80 -33.97 7.93
C ARG A 204 22.35 -32.70 8.56
N HIS A 205 23.42 -32.86 9.35
CA HIS A 205 24.10 -31.75 9.99
C HIS A 205 25.27 -31.32 9.11
N TYR A 206 25.29 -30.03 8.75
CA TYR A 206 26.31 -29.48 7.88
C TYR A 206 27.07 -28.38 8.62
N LYS A 207 28.39 -28.50 8.67
CA LYS A 207 29.25 -27.58 9.41
C LYS A 207 30.34 -27.05 8.49
N PRO A 208 30.00 -26.09 7.63
CA PRO A 208 30.99 -25.60 6.66
C PRO A 208 32.18 -24.88 7.27
N PHE A 209 32.07 -24.41 8.51
CA PHE A 209 33.14 -23.64 9.14
C PHE A 209 33.70 -24.41 10.31
N THR A 210 35.02 -24.49 10.39
CA THR A 210 35.68 -25.14 11.52
C THR A 210 35.53 -24.28 12.77
N ASP A 211 35.59 -24.94 13.93
CA ASP A 211 35.45 -24.24 15.20
C ASP A 211 36.55 -23.20 15.42
N GLU A 212 37.77 -23.47 14.93
CA GLU A 212 38.85 -22.50 15.10
C GLU A 212 38.54 -21.19 14.43
N PHE A 213 37.94 -21.23 13.23
CA PHE A 213 37.63 -20.01 12.50
C PHE A 213 36.60 -19.16 13.23
N LEU A 214 35.53 -19.80 13.70
CA LEU A 214 34.50 -19.07 14.45
C LEU A 214 35.07 -18.50 15.75
N ALA A 215 35.89 -19.29 16.45
CA ALA A 215 36.51 -18.79 17.67
C ALA A 215 37.40 -17.59 17.39
N ARG A 216 38.18 -17.66 16.31
CA ARG A 216 39.08 -16.55 15.99
C ARG A 216 38.30 -15.29 15.64
N ILE A 217 37.23 -15.42 14.84
CA ILE A 217 36.49 -14.22 14.46
C ILE A 217 35.78 -13.62 15.68
N GLU A 218 35.25 -14.47 16.56
CA GLU A 218 34.64 -13.98 17.79
C GLU A 218 35.67 -13.25 18.66
N ARG A 219 36.85 -13.85 18.82
CA ARG A 219 37.88 -13.21 19.63
C ARG A 219 38.30 -11.88 19.04
N GLU A 220 38.39 -11.81 17.71
CA GLU A 220 38.85 -10.59 17.06
C GLU A 220 37.83 -9.47 17.19
N MET A 221 36.54 -9.76 17.02
CA MET A 221 35.55 -8.69 16.99
C MET A 221 34.50 -8.79 18.09
N THR A 222 34.85 -9.33 19.26
CA THR A 222 33.94 -9.27 20.40
C THR A 222 33.69 -7.83 20.86
N ASN A 223 34.63 -6.93 20.60
CA ASN A 223 34.59 -5.57 21.15
C ASN A 223 34.68 -4.53 20.04
N PHE A 224 33.84 -4.68 19.02
CA PHE A 224 33.82 -3.77 17.90
C PHE A 224 32.42 -3.18 17.74
N ASN A 225 32.33 -1.87 17.60
CA ASN A 225 31.08 -1.17 17.36
C ASN A 225 31.19 -0.39 16.06
N ILE A 226 30.08 -0.32 15.33
CA ILE A 226 30.10 0.26 13.99
C ILE A 226 29.76 1.74 13.97
N ASP A 227 29.07 2.25 15.01
CA ASP A 227 28.63 3.63 14.98
C ASP A 227 29.79 4.60 15.14
N ASP A 228 30.85 4.20 15.85
CA ASP A 228 31.97 5.07 16.14
C ASP A 228 33.14 4.87 15.18
N LEU A 229 32.93 4.13 14.08
CA LEU A 229 34.03 3.83 13.17
C LEU A 229 34.54 5.10 12.49
N PHE A 230 33.63 5.98 12.05
CA PHE A 230 34.04 7.19 11.35
C PHE A 230 34.73 8.17 12.28
N ASN A 231 34.27 8.28 13.52
CA ASN A 231 34.87 9.23 14.44
C ASN A 231 36.30 8.86 14.79
N GLY A 232 36.65 7.57 14.70
CA GLY A 232 38.02 7.13 14.91
C GLY A 232 38.94 7.40 13.74
N MET A 233 38.40 7.78 12.58
CA MET A 233 39.21 8.09 11.43
C MET A 233 39.88 9.46 11.61
N PRO A 234 41.04 9.67 10.98
CA PRO A 234 41.73 10.95 11.11
C PRO A 234 40.90 12.11 10.58
N PHE A 235 41.32 13.31 10.95
CA PHE A 235 40.53 14.51 10.68
C PHE A 235 40.42 14.79 9.18
N GLU A 236 41.45 14.46 8.40
CA GLU A 236 41.35 14.63 6.96
C GLU A 236 40.26 13.75 6.38
N PHE A 237 40.17 12.50 6.85
CA PHE A 237 39.10 11.60 6.42
C PHE A 237 37.75 12.04 6.97
N GLN A 238 37.76 12.70 8.12
CA GLN A 238 36.55 13.35 8.63
C GLN A 238 36.09 14.47 7.70
N LYS A 239 37.01 15.19 7.08
CA LYS A 239 36.69 16.40 6.34
C LYS A 239 36.35 16.11 4.87
N LYS A 240 37.28 15.49 4.14
CA LYS A 240 37.11 15.32 2.71
C LYS A 240 35.90 14.44 2.38
N TYR A 241 35.75 13.33 3.11
CA TYR A 241 34.86 12.25 2.70
C TYR A 241 33.55 12.27 3.48
N LYS A 242 33.01 13.46 3.73
CA LYS A 242 31.75 13.58 4.46
C LYS A 242 30.60 12.93 3.70
N ILE A 243 30.77 12.68 2.40
CA ILE A 243 29.76 11.98 1.61
C ILE A 243 29.57 10.53 2.04
N LEU A 244 30.43 10.01 2.92
CA LEU A 244 30.38 8.61 3.32
C LEU A 244 29.96 8.39 4.76
N GLU A 245 29.44 9.42 5.43
CA GLU A 245 28.87 9.20 6.75
C GLU A 245 27.65 8.30 6.69
N PHE A 246 26.78 8.51 5.72
CA PHE A 246 25.49 7.84 5.72
C PHE A 246 25.61 6.33 5.55
N LEU A 247 26.80 5.82 5.25
CA LEU A 247 26.99 4.38 5.08
C LEU A 247 27.44 3.67 6.35
N SER A 248 27.86 4.40 7.39
CA SER A 248 28.49 3.75 8.54
C SER A 248 27.51 2.86 9.28
N ASP A 249 26.35 3.40 9.63
CA ASP A 249 25.32 2.62 10.31
C ASP A 249 24.30 2.15 9.28
N ASN A 250 23.21 1.57 9.77
CA ASN A 250 22.12 1.14 8.91
C ASN A 250 21.06 2.21 8.71
N GLN A 251 21.32 3.43 9.17
CA GLN A 251 20.39 4.54 8.97
C GLN A 251 20.22 4.91 7.50
N PHE A 252 21.16 4.52 6.64
CA PHE A 252 21.03 4.84 5.22
C PHE A 252 19.81 4.17 4.61
N LEU A 253 19.63 2.88 4.85
CA LEU A 253 18.46 2.22 4.31
C LEU A 253 17.18 2.71 4.97
N TYR A 254 17.25 3.15 6.22
CA TYR A 254 16.12 3.83 6.86
C TYR A 254 15.73 5.10 6.10
N ASP A 255 16.73 5.92 5.76
CA ASP A 255 16.45 7.17 5.07
C ASP A 255 15.92 6.95 3.66
N ASP A 256 16.39 5.91 2.97
CA ASP A 256 15.82 5.60 1.67
C ASP A 256 14.41 5.02 1.80
N THR A 257 14.19 4.19 2.82
CA THR A 257 12.90 3.53 2.96
C THR A 257 11.79 4.52 3.33
N VAL A 258 12.10 5.51 4.16
CA VAL A 258 11.07 6.49 4.51
C VAL A 258 10.67 7.29 3.28
N LYS A 259 11.65 7.65 2.43
CA LYS A 259 11.32 8.37 1.20
C LYS A 259 10.49 7.50 0.27
N LEU A 260 10.82 6.21 0.18
CA LEU A 260 10.00 5.31 -0.62
C LEU A 260 8.59 5.23 -0.06
N PHE A 261 8.45 5.26 1.26
CA PHE A 261 7.13 5.21 1.88
C PHE A 261 6.30 6.44 1.50
N GLU A 262 6.92 7.62 1.56
CA GLU A 262 6.20 8.84 1.18
C GLU A 262 5.81 8.80 -0.31
N LEU A 263 6.74 8.36 -1.16
CA LEU A 263 6.45 8.28 -2.58
C LEU A 263 5.34 7.28 -2.86
N THR A 264 5.34 6.14 -2.16
CA THR A 264 4.30 5.14 -2.34
C THR A 264 2.94 5.66 -1.92
N ASN A 265 2.88 6.39 -0.80
CA ASN A 265 1.61 6.98 -0.40
C ASN A 265 1.11 7.98 -1.42
N LYS A 266 2.02 8.81 -1.95
CA LYS A 266 1.61 9.77 -2.97
C LYS A 266 1.09 9.08 -4.22
N VAL A 267 1.78 8.02 -4.65
CA VAL A 267 1.36 7.30 -5.86
C VAL A 267 0.02 6.63 -5.66
N ARG A 268 -0.21 6.03 -4.49
CA ARG A 268 -1.49 5.39 -4.22
C ARG A 268 -2.62 6.42 -4.17
N SER A 269 -2.37 7.57 -3.56
CA SER A 269 -3.39 8.62 -3.57
C SER A 269 -3.69 9.09 -4.98
N GLU A 270 -2.65 9.24 -5.81
CA GLU A 270 -2.84 9.62 -7.20
C GLU A 270 -3.69 8.59 -7.94
N MET A 271 -3.40 7.31 -7.75
CA MET A 271 -4.15 6.25 -8.41
C MET A 271 -5.61 6.26 -7.97
N SER A 272 -5.85 6.41 -6.67
CA SER A 272 -7.23 6.42 -6.18
C SER A 272 -8.01 7.62 -6.69
N GLU A 273 -7.38 8.79 -6.77
CA GLU A 273 -8.08 9.99 -7.21
C GLU A 273 -8.33 10.00 -8.71
N GLY A 274 -7.54 9.28 -9.50
CA GLY A 274 -7.68 9.33 -10.94
C GLY A 274 -7.28 10.64 -11.56
N SER A 275 -6.16 11.21 -11.14
CA SER A 275 -5.65 12.45 -11.72
C SER A 275 -4.53 12.18 -12.72
N TYR A 276 -4.05 13.25 -13.33
CA TYR A 276 -2.94 13.20 -14.27
C TYR A 276 -1.74 13.94 -13.69
N SER A 277 -0.55 13.56 -14.13
CA SER A 277 0.68 14.19 -13.66
C SER A 277 1.46 14.73 -14.84
N PHE A 278 1.73 16.03 -14.81
CA PHE A 278 2.60 16.67 -15.79
C PHE A 278 4.05 16.65 -15.27
N GLY A 279 4.96 17.07 -16.13
CA GLY A 279 6.35 17.14 -15.72
C GLY A 279 6.88 15.79 -15.30
N MET A 280 7.60 15.77 -14.19
CA MET A 280 8.17 14.53 -13.67
C MET A 280 7.16 13.88 -12.72
N SER A 281 6.77 12.66 -13.04
CA SER A 281 5.80 11.95 -12.22
C SER A 281 6.47 11.43 -10.94
N SER A 282 5.68 10.83 -10.07
CA SER A 282 6.20 10.30 -8.81
C SER A 282 6.80 8.91 -8.96
N ASP A 283 6.66 8.27 -10.12
CA ASP A 283 7.24 6.95 -10.32
C ASP A 283 8.59 6.99 -11.04
N ILE A 284 8.82 7.98 -11.90
CA ILE A 284 10.14 8.15 -12.50
C ILE A 284 11.16 8.45 -11.42
N VAL A 285 10.77 9.22 -10.41
CA VAL A 285 11.66 9.49 -9.28
C VAL A 285 12.04 8.20 -8.58
N VAL A 286 11.06 7.33 -8.34
CA VAL A 286 11.35 6.07 -7.66
C VAL A 286 12.28 5.21 -8.49
N LEU A 287 12.03 5.14 -9.80
CA LEU A 287 12.88 4.33 -10.67
C LEU A 287 14.32 4.85 -10.68
N LEU A 288 14.49 6.17 -10.81
CA LEU A 288 15.83 6.74 -10.85
C LEU A 288 16.55 6.51 -9.54
N ARG A 289 15.85 6.70 -8.41
CA ARG A 289 16.47 6.48 -7.11
C ARG A 289 16.88 5.02 -6.93
N LEU A 290 16.02 4.09 -7.36
CA LEU A 290 16.33 2.67 -7.25
C LEU A 290 17.58 2.33 -8.04
N TYR A 291 17.66 2.81 -9.28
CA TYR A 291 18.81 2.49 -10.11
C TYR A 291 20.08 3.11 -9.53
N ASP A 292 19.99 4.34 -9.03
CA ASP A 292 21.15 4.97 -8.41
C ASP A 292 21.64 4.17 -7.21
N ASN A 293 20.71 3.74 -6.35
CA ASN A 293 21.10 2.96 -5.19
C ASN A 293 21.75 1.64 -5.60
N LEU A 294 21.17 0.98 -6.61
CA LEU A 294 21.73 -0.28 -7.09
C LEU A 294 23.16 -0.10 -7.58
N ARG A 295 23.39 0.88 -8.44
CA ARG A 295 24.72 1.01 -9.03
C ARG A 295 25.72 1.53 -8.01
N PHE A 296 25.28 2.40 -7.09
CA PHE A 296 26.13 2.76 -5.96
C PHE A 296 26.59 1.53 -5.20
N LEU A 297 25.66 0.66 -4.82
CA LEU A 297 26.02 -0.47 -3.97
C LEU A 297 26.76 -1.56 -4.73
N TYR A 298 26.66 -1.59 -6.06
CA TYR A 298 27.31 -2.65 -6.83
C TYR A 298 28.69 -2.27 -7.36
N GLU A 299 28.82 -1.11 -8.03
CA GLU A 299 30.09 -0.75 -8.64
C GLU A 299 31.20 -0.56 -7.61
N ASN A 300 30.87 -0.14 -6.40
CA ASN A 300 31.88 0.17 -5.40
C ASN A 300 32.23 -1.02 -4.51
N CYS A 301 31.71 -2.21 -4.83
CA CYS A 301 31.99 -3.44 -4.09
C CYS A 301 31.59 -3.30 -2.62
N LEU A 302 30.30 -3.06 -2.41
CA LEU A 302 29.69 -3.03 -1.08
C LEU A 302 28.92 -4.32 -0.87
N TRP A 303 29.16 -4.98 0.26
CA TRP A 303 28.55 -6.29 0.52
C TRP A 303 27.13 -6.19 1.04
N SER A 304 26.59 -4.99 1.22
CA SER A 304 25.25 -4.85 1.74
C SER A 304 24.18 -5.38 0.80
N VAL A 305 24.54 -5.70 -0.44
CA VAL A 305 23.55 -6.12 -1.44
C VAL A 305 22.96 -7.49 -1.18
N SER A 306 23.61 -8.32 -0.36
CA SER A 306 23.16 -9.69 -0.10
C SER A 306 22.44 -9.82 1.25
N PHE A 307 21.68 -8.82 1.64
CA PHE A 307 20.95 -8.82 2.91
C PHE A 307 19.47 -8.58 2.66
N HIS A 308 18.67 -8.86 3.68
CA HIS A 308 17.21 -8.85 3.53
C HIS A 308 16.66 -7.45 3.32
N GLU A 309 17.24 -6.44 3.96
CA GLU A 309 16.67 -5.09 3.89
C GLU A 309 16.75 -4.52 2.48
N PHE A 310 17.89 -4.73 1.81
CA PHE A 310 18.02 -4.27 0.42
C PHE A 310 17.02 -4.99 -0.47
N HIS A 311 16.83 -6.29 -0.24
CA HIS A 311 15.84 -7.04 -1.00
C HIS A 311 14.46 -6.46 -0.81
N GLN A 312 14.12 -6.10 0.44
CA GLN A 312 12.81 -5.53 0.70
C GLN A 312 12.63 -4.20 -0.04
N TYR A 313 13.66 -3.35 -0.02
CA TYR A 313 13.55 -2.05 -0.67
C TYR A 313 13.36 -2.20 -2.18
N ILE A 314 14.19 -3.03 -2.82
CA ILE A 314 14.06 -3.18 -4.27
C ILE A 314 12.75 -3.87 -4.63
N ARG A 315 12.29 -4.82 -3.79
CA ARG A 315 11.02 -5.49 -4.04
C ARG A 315 9.87 -4.50 -4.02
N ASN A 316 9.82 -3.64 -3.01
CA ASN A 316 8.73 -2.69 -2.90
C ASN A 316 8.77 -1.69 -4.05
N SER A 317 9.96 -1.22 -4.42
CA SER A 317 10.06 -0.27 -5.53
C SER A 317 9.56 -0.89 -6.83
N MET A 318 9.99 -2.11 -7.14
CA MET A 318 9.55 -2.76 -8.38
C MET A 318 8.05 -3.03 -8.36
N SER A 319 7.52 -3.45 -7.21
CA SER A 319 6.09 -3.71 -7.13
C SER A 319 5.28 -2.45 -7.39
N LEU A 320 5.70 -1.33 -6.80
CA LEU A 320 4.98 -0.08 -7.04
C LEU A 320 5.05 0.32 -8.50
N LEU A 321 6.22 0.20 -9.12
CA LEU A 321 6.34 0.57 -10.53
C LEU A 321 5.44 -0.28 -11.41
N ILE A 322 5.40 -1.59 -11.16
CA ILE A 322 4.59 -2.48 -11.99
C ILE A 322 3.11 -2.21 -11.78
N GLU A 323 2.70 -1.95 -10.54
CA GLU A 323 1.30 -1.63 -10.29
C GLU A 323 0.89 -0.34 -10.99
N LYS A 324 1.75 0.69 -10.94
CA LYS A 324 1.43 1.94 -11.65
C LYS A 324 1.35 1.70 -13.14
N ALA A 325 2.27 0.88 -13.69
CA ALA A 325 2.23 0.58 -15.11
C ALA A 325 0.93 -0.13 -15.50
N GLU A 326 0.49 -1.08 -14.67
CA GLU A 326 -0.75 -1.78 -14.95
C GLU A 326 -1.94 -0.84 -14.90
N TYR A 327 -1.97 0.06 -13.92
CA TYR A 327 -3.07 1.01 -13.85
C TYR A 327 -3.05 2.00 -15.01
N GLU A 328 -1.87 2.31 -15.53
CA GLU A 328 -1.76 3.29 -16.60
C GLU A 328 -2.47 2.82 -17.86
N ARG A 329 -2.35 1.54 -18.18
CA ARG A 329 -2.93 0.97 -19.38
C ARG A 329 -4.45 0.89 -19.33
N THR A 330 -5.06 0.90 -18.14
CA THR A 330 -6.50 0.72 -18.01
C THR A 330 -7.21 1.99 -17.52
N ARG A 331 -6.64 3.16 -17.75
CA ARG A 331 -7.24 4.40 -17.29
C ARG A 331 -8.40 4.81 -18.20
N ASP A 332 -9.34 5.56 -17.63
CA ASP A 332 -10.51 6.01 -18.37
C ASP A 332 -10.13 7.10 -19.36
N ILE A 333 -10.97 7.27 -20.38
CA ILE A 333 -10.68 8.22 -21.44
C ILE A 333 -10.79 9.66 -20.93
N ASP A 334 -11.85 9.96 -20.18
CA ASP A 334 -12.15 11.31 -19.67
C ASP A 334 -12.30 12.22 -20.88
N GLU A 335 -11.69 13.42 -20.87
CA GLU A 335 -11.73 14.32 -22.03
C GLU A 335 -10.40 15.03 -22.24
N LEU A 336 -9.30 14.49 -21.72
CA LEU A 336 -8.01 15.17 -21.77
C LEU A 336 -6.88 14.26 -22.21
N GLY A 337 -7.10 12.95 -22.14
CA GLY A 337 -6.03 11.98 -22.33
C GLY A 337 -5.38 11.92 -23.71
N PHE A 338 -6.20 11.91 -24.76
CA PHE A 338 -5.65 11.69 -26.11
C PHE A 338 -4.71 12.81 -26.53
N SER A 339 -5.07 14.06 -26.22
CA SER A 339 -4.25 15.19 -26.65
C SER A 339 -2.89 15.18 -25.96
N PHE A 340 -2.82 14.73 -24.72
CA PHE A 340 -1.59 14.81 -23.93
C PHE A 340 -0.78 13.54 -23.97
N PHE A 341 -1.45 12.38 -23.89
CA PHE A 341 -0.77 11.07 -23.94
C PHE A 341 -1.51 10.19 -24.94
N GLY A 342 -1.13 10.30 -26.21
CA GLY A 342 -1.65 9.44 -27.26
C GLY A 342 -0.59 8.43 -27.68
N LYS A 343 -1.06 7.25 -28.12
CA LYS A 343 -0.20 6.13 -28.46
C LYS A 343 0.70 5.78 -27.26
N LYS A 344 0.02 5.33 -26.20
CA LYS A 344 0.61 5.10 -24.88
C LYS A 344 1.96 4.41 -24.96
N SER A 345 2.97 5.05 -24.37
CA SER A 345 4.31 4.46 -24.28
C SER A 345 4.35 3.58 -23.03
N GLY A 346 3.99 2.31 -23.22
CA GLY A 346 3.92 1.39 -22.11
C GLY A 346 5.26 1.13 -21.47
N PHE A 347 5.21 0.75 -20.19
CA PHE A 347 6.42 0.48 -19.43
C PHE A 347 7.06 -0.80 -19.94
N PHE A 348 8.12 -0.66 -20.74
CA PHE A 348 8.83 -1.81 -21.28
C PHE A 348 9.73 -2.38 -20.20
N MET A 349 9.76 -3.70 -20.09
CA MET A 349 10.63 -4.35 -19.10
C MET A 349 11.84 -4.92 -19.84
N GLU A 350 13.01 -4.34 -19.58
CA GLU A 350 14.23 -4.73 -20.25
C GLU A 350 14.95 -5.82 -19.46
N TYR A 351 16.20 -6.07 -19.84
CA TYR A 351 16.98 -7.13 -19.22
C TYR A 351 17.31 -6.82 -17.77
N TYR A 352 17.59 -5.55 -17.48
CA TYR A 352 17.92 -5.17 -16.10
C TYR A 352 16.75 -5.42 -15.16
N ASP A 353 15.54 -5.07 -15.58
CA ASP A 353 14.38 -5.29 -14.73
C ASP A 353 14.12 -6.77 -14.50
N PHE A 354 14.30 -7.59 -15.54
CA PHE A 354 14.11 -9.02 -15.39
C PHE A 354 15.11 -9.59 -14.41
N VAL A 355 16.38 -9.17 -14.50
CA VAL A 355 17.39 -9.67 -13.57
C VAL A 355 17.05 -9.24 -12.15
N ASN A 356 16.59 -8.00 -11.97
CA ASN A 356 16.23 -7.53 -10.64
C ASN A 356 15.11 -8.37 -10.04
N ILE A 357 14.02 -8.55 -10.79
CA ILE A 357 12.88 -9.31 -10.27
C ILE A 357 13.28 -10.75 -9.99
N SER A 358 14.09 -11.35 -10.86
CA SER A 358 14.52 -12.72 -10.63
C SER A 358 15.38 -12.85 -9.38
N ARG A 359 16.31 -11.93 -9.17
CA ARG A 359 17.24 -12.08 -8.06
C ARG A 359 16.60 -11.75 -6.72
N HIS A 360 15.78 -10.70 -6.65
CA HIS A 360 15.40 -10.13 -5.37
C HIS A 360 14.02 -10.54 -4.88
N PHE A 361 13.33 -11.44 -5.57
CA PHE A 361 11.99 -11.84 -5.17
C PHE A 361 11.98 -13.31 -4.77
N LYS A 362 10.93 -13.69 -4.05
CA LYS A 362 10.60 -15.08 -3.81
C LYS A 362 9.33 -15.45 -4.57
N ILE A 363 8.97 -16.72 -4.50
CA ILE A 363 7.85 -17.23 -5.29
C ILE A 363 6.54 -16.62 -4.84
N ASP A 364 6.37 -16.44 -3.53
CA ASP A 364 5.12 -15.91 -3.01
C ASP A 364 4.87 -14.49 -3.50
N ASP A 365 5.91 -13.66 -3.55
CA ASP A 365 5.75 -12.29 -4.01
C ASP A 365 5.39 -12.23 -5.48
N ILE A 366 6.00 -13.08 -6.29
CA ILE A 366 5.66 -13.12 -7.71
C ILE A 366 4.23 -13.58 -7.92
N LYS A 367 3.79 -14.55 -7.12
CA LYS A 367 2.40 -14.98 -7.21
C LYS A 367 1.45 -13.86 -6.82
N ASN A 368 1.80 -13.10 -5.79
CA ASN A 368 0.99 -11.96 -5.38
C ASN A 368 0.93 -10.92 -6.50
N LEU A 369 2.04 -10.69 -7.18
CA LEU A 369 2.03 -9.81 -8.35
C LEU A 369 1.09 -10.34 -9.42
N GLU A 370 1.13 -11.65 -9.66
CA GLU A 370 0.31 -12.24 -10.71
C GLU A 370 -1.18 -12.19 -10.39
N ARG A 371 -1.55 -12.17 -9.11
CA ARG A 371 -2.95 -12.09 -8.74
C ARG A 371 -3.53 -10.68 -8.82
N SER A 372 -2.69 -9.66 -9.02
CA SER A 372 -3.16 -8.28 -9.03
C SER A 372 -2.58 -7.46 -10.18
N CYS A 373 -2.06 -8.12 -11.22
CA CYS A 373 -1.50 -7.43 -12.36
C CYS A 373 -1.45 -8.39 -13.54
N SER A 374 -2.03 -7.99 -14.67
CA SER A 374 -2.00 -8.80 -15.88
C SER A 374 -0.60 -8.70 -16.50
N ILE A 375 0.34 -9.39 -15.86
CA ILE A 375 1.74 -9.27 -16.23
C ILE A 375 2.04 -9.86 -17.60
N ASP A 376 1.10 -10.63 -18.19
CA ASP A 376 1.32 -11.16 -19.53
C ASP A 376 1.13 -10.11 -20.61
N LYS A 377 0.38 -9.03 -20.34
CA LYS A 377 0.25 -7.97 -21.33
C LYS A 377 1.51 -7.12 -21.44
N ILE A 378 2.32 -7.06 -20.39
CA ILE A 378 3.49 -6.19 -20.41
C ILE A 378 4.51 -6.72 -21.41
N ARG A 379 5.01 -5.83 -22.26
CA ARG A 379 6.02 -6.20 -23.24
C ARG A 379 7.33 -6.57 -22.56
N PHE A 380 8.10 -7.40 -23.24
CA PHE A 380 9.39 -7.90 -22.74
C PHE A 380 10.43 -7.75 -23.84
N GLY A 381 11.36 -6.81 -23.67
CA GLY A 381 12.34 -6.54 -24.69
C GLY A 381 13.72 -7.07 -24.35
N GLU A 382 14.63 -6.96 -25.33
CA GLU A 382 16.02 -7.38 -25.20
C GLU A 382 16.12 -8.86 -24.82
N GLN A 383 15.58 -9.70 -25.69
CA GLN A 383 15.40 -11.11 -25.37
C GLN A 383 16.69 -11.92 -25.50
N GLU A 384 17.66 -11.47 -26.29
CA GLU A 384 18.90 -12.21 -26.43
C GLU A 384 19.66 -12.27 -25.10
N LYS A 385 19.72 -11.16 -24.39
CA LYS A 385 20.39 -11.15 -23.09
C LYS A 385 19.63 -11.98 -22.07
N ILE A 386 18.29 -11.98 -22.15
CA ILE A 386 17.49 -12.84 -21.27
C ILE A 386 17.84 -14.30 -21.52
N GLU A 387 17.93 -14.69 -22.80
CA GLU A 387 18.30 -16.05 -23.14
C GLU A 387 19.68 -16.40 -22.63
N GLU A 388 20.64 -15.49 -22.79
CA GLU A 388 22.01 -15.75 -22.33
C GLU A 388 22.05 -15.95 -20.82
N TYR A 389 21.34 -15.08 -20.08
CA TYR A 389 21.31 -15.18 -18.63
C TYR A 389 20.67 -16.50 -18.19
N LEU A 390 19.57 -16.88 -18.83
CA LEU A 390 18.90 -18.13 -18.47
C LEU A 390 19.76 -19.35 -18.77
N VAL A 391 20.43 -19.35 -19.93
CA VAL A 391 21.29 -20.47 -20.29
C VAL A 391 22.47 -20.56 -19.32
N GLY A 392 23.04 -19.43 -18.94
CA GLY A 392 24.09 -19.45 -17.94
C GLY A 392 23.62 -20.02 -16.61
N ILE A 393 22.40 -19.66 -16.19
CA ILE A 393 21.86 -20.20 -14.94
C ILE A 393 21.72 -21.71 -15.04
N ALA A 394 21.17 -22.19 -16.16
CA ALA A 394 20.96 -23.63 -16.32
C ALA A 394 22.29 -24.38 -16.33
N GLU A 395 23.27 -23.86 -17.05
CA GLU A 395 24.58 -24.52 -17.10
C GLU A 395 25.24 -24.53 -15.73
N GLU A 396 25.11 -23.44 -14.97
CA GLU A 396 25.69 -23.41 -13.63
C GLU A 396 25.03 -24.44 -12.73
N ILE A 397 23.71 -24.59 -12.82
CA ILE A 397 23.02 -25.59 -12.01
C ILE A 397 23.51 -26.98 -12.38
N THR A 398 23.60 -27.27 -13.68
CA THR A 398 24.04 -28.59 -14.11
C THR A 398 25.46 -28.89 -13.62
N LYS A 399 26.38 -27.93 -13.78
CA LYS A 399 27.74 -28.13 -13.31
C LYS A 399 27.79 -28.32 -11.79
N GLN A 400 27.01 -27.55 -11.05
CA GLN A 400 27.06 -27.61 -9.60
C GLN A 400 26.54 -28.95 -9.08
N PHE A 401 25.46 -29.47 -9.67
CA PHE A 401 24.82 -30.67 -9.15
C PHE A 401 25.16 -31.93 -9.92
N SER A 402 26.09 -31.86 -10.88
CA SER A 402 26.59 -33.06 -11.54
C SER A 402 27.82 -33.64 -10.85
N ALA A 403 28.72 -32.78 -10.38
CA ALA A 403 29.90 -33.23 -9.68
C ALA A 403 29.58 -33.58 -8.23
N ASN A 404 30.54 -34.20 -7.56
CA ASN A 404 30.35 -34.57 -6.17
C ASN A 404 30.43 -33.37 -5.23
N GLY A 405 31.01 -32.26 -5.68
CA GLY A 405 31.21 -31.11 -4.81
C GLY A 405 30.15 -30.04 -4.91
N MET A 406 29.33 -29.91 -3.87
CA MET A 406 28.32 -28.87 -3.77
C MET A 406 28.68 -27.93 -2.64
N ASN A 407 28.75 -26.63 -2.93
CA ASN A 407 29.01 -25.62 -1.90
C ASN A 407 27.69 -25.26 -1.25
N VAL A 408 27.49 -25.72 -0.01
CA VAL A 408 26.22 -25.50 0.66
C VAL A 408 25.99 -24.01 0.91
N VAL A 409 27.05 -23.29 1.29
CA VAL A 409 26.93 -21.87 1.57
C VAL A 409 26.46 -21.14 0.33
N PHE A 410 27.07 -21.45 -0.82
CA PHE A 410 26.63 -20.85 -2.07
C PHE A 410 25.28 -21.40 -2.51
N TYR A 411 24.94 -22.61 -2.05
CA TYR A 411 23.63 -23.17 -2.37
C TYR A 411 22.51 -22.35 -1.75
N THR A 412 22.70 -21.88 -0.51
CA THR A 412 21.65 -21.10 0.11
C THR A 412 21.45 -19.74 -0.55
N GLN A 413 22.51 -19.16 -1.12
CA GLN A 413 22.45 -17.82 -1.69
C GLN A 413 22.08 -17.82 -3.18
N PHE A 414 21.89 -18.98 -3.80
CA PHE A 414 21.76 -19.05 -5.24
C PHE A 414 20.48 -19.76 -5.67
N ILE A 415 20.00 -20.69 -4.86
CA ILE A 415 18.87 -21.53 -5.27
C ILE A 415 17.62 -20.68 -5.47
N SER A 416 17.49 -19.61 -4.68
CA SER A 416 16.32 -18.75 -4.82
C SER A 416 16.32 -18.02 -6.16
N GLU A 417 17.49 -17.54 -6.58
CA GLU A 417 17.58 -16.81 -7.84
C GLU A 417 17.25 -17.73 -9.02
N ALA A 418 17.80 -18.95 -9.01
CA ALA A 418 17.50 -19.89 -10.10
C ALA A 418 16.02 -20.27 -10.09
N LYS A 419 15.46 -20.50 -8.91
CA LYS A 419 14.04 -20.79 -8.79
C LYS A 419 13.19 -19.69 -9.42
N ALA A 420 13.42 -18.45 -9.00
CA ALA A 420 12.61 -17.34 -9.48
C ALA A 420 12.82 -17.12 -10.97
N ALA A 421 14.05 -17.26 -11.46
CA ALA A 421 14.31 -17.04 -12.87
C ALA A 421 13.61 -18.07 -13.74
N LEU A 422 13.70 -19.34 -13.37
CA LEU A 422 13.02 -20.38 -14.15
C LEU A 422 11.51 -20.27 -14.03
N TYR A 423 11.00 -19.72 -12.93
CA TYR A 423 9.57 -19.43 -12.87
C TYR A 423 9.18 -18.31 -13.82
N PHE A 424 9.91 -17.20 -13.78
CA PHE A 424 9.56 -16.03 -14.56
C PHE A 424 9.85 -16.19 -16.04
N ALA A 425 10.57 -17.24 -16.43
CA ALA A 425 10.83 -17.46 -17.85
C ALA A 425 9.57 -17.73 -18.66
N LYS A 426 8.40 -17.71 -18.04
CA LYS A 426 7.17 -18.03 -18.75
C LYS A 426 6.78 -16.96 -19.77
N TYR A 427 7.05 -15.69 -19.47
CA TYR A 427 6.55 -14.59 -20.27
C TYR A 427 7.52 -14.14 -21.36
N VAL A 428 8.61 -14.86 -21.56
CA VAL A 428 9.61 -14.46 -22.55
C VAL A 428 9.82 -15.60 -23.54
N LYS A 429 10.27 -15.24 -24.73
CA LYS A 429 10.47 -16.18 -25.83
C LYS A 429 11.87 -16.76 -25.77
N LEU A 430 11.99 -18.05 -26.10
CA LEU A 430 13.22 -18.80 -25.93
C LEU A 430 13.61 -19.46 -27.25
N SER A 431 14.91 -19.64 -27.46
CA SER A 431 15.39 -20.38 -28.62
C SER A 431 15.26 -21.88 -28.38
N GLU A 432 15.34 -22.65 -29.46
CA GLU A 432 15.12 -24.09 -29.37
C GLU A 432 16.20 -24.79 -28.56
N GLU A 433 17.47 -24.52 -28.89
CA GLU A 433 18.57 -25.15 -28.16
C GLU A 433 18.60 -24.69 -26.71
N GLY A 434 18.37 -23.39 -26.48
CA GLY A 434 18.28 -22.91 -25.11
C GLY A 434 17.12 -23.52 -24.36
N LEU A 435 15.99 -23.72 -25.04
CA LEU A 435 14.86 -24.40 -24.40
C LEU A 435 15.25 -25.81 -24.00
N GLY A 436 15.99 -26.51 -24.86
CA GLY A 436 16.45 -27.84 -24.49
C GLY A 436 17.34 -27.82 -23.26
N LYS A 437 18.29 -26.89 -23.21
CA LYS A 437 19.17 -26.80 -22.05
C LYS A 437 18.37 -26.53 -20.78
N ILE A 438 17.43 -25.58 -20.84
CA ILE A 438 16.69 -25.20 -19.65
C ILE A 438 15.81 -26.34 -19.18
N VAL A 439 15.14 -27.03 -20.11
CA VAL A 439 14.28 -28.15 -19.72
C VAL A 439 15.10 -29.28 -19.11
N LYS A 440 16.26 -29.57 -19.70
CA LYS A 440 17.13 -30.59 -19.12
C LYS A 440 17.55 -30.23 -17.71
N ALA A 441 17.94 -28.97 -17.50
CA ALA A 441 18.37 -28.54 -16.17
C ALA A 441 17.22 -28.62 -15.17
N LEU A 442 16.01 -28.23 -15.59
CA LEU A 442 14.88 -28.24 -14.67
C LEU A 442 14.45 -29.66 -14.33
N LEU A 443 14.55 -30.58 -15.29
CA LEU A 443 14.03 -31.92 -15.07
C LEU A 443 15.04 -32.80 -14.33
N PHE A 444 16.25 -32.92 -14.87
CA PHE A 444 17.15 -33.96 -14.36
C PHE A 444 17.87 -33.54 -13.08
N TYR A 445 18.63 -32.45 -13.13
CA TYR A 445 19.63 -32.18 -12.11
C TYR A 445 19.16 -31.21 -11.02
N PHE A 446 17.98 -30.62 -11.13
CA PHE A 446 17.49 -29.76 -10.07
C PHE A 446 17.13 -30.60 -8.85
N PRO A 447 17.52 -30.20 -7.64
CA PRO A 447 17.31 -31.05 -6.47
C PRO A 447 15.83 -31.27 -6.17
N GLU A 448 15.51 -32.46 -5.67
CA GLU A 448 14.14 -32.81 -5.32
C GLU A 448 13.72 -32.28 -3.96
N ARG A 449 14.68 -31.97 -3.09
CA ARG A 449 14.36 -31.52 -1.74
C ARG A 449 13.55 -30.23 -1.77
N ASP A 450 13.95 -29.29 -2.61
CA ASP A 450 13.34 -27.97 -2.64
C ASP A 450 12.22 -27.92 -3.66
N LEU A 451 12.24 -28.80 -4.66
CA LEU A 451 11.27 -28.76 -5.74
C LEU A 451 10.69 -30.16 -5.88
N ASP A 452 9.37 -30.28 -5.75
CA ASP A 452 8.70 -31.58 -5.76
C ASP A 452 8.26 -31.93 -7.19
N ILE A 453 7.59 -33.08 -7.32
CA ILE A 453 7.18 -33.52 -8.65
C ILE A 453 6.09 -32.62 -9.22
N GLY A 454 5.06 -32.33 -8.41
CA GLY A 454 3.99 -31.49 -8.89
C GLY A 454 4.46 -30.11 -9.25
N LYS A 455 5.34 -29.55 -8.42
CA LYS A 455 5.92 -28.25 -8.72
C LYS A 455 6.73 -28.29 -10.01
N ARG A 456 7.45 -29.40 -10.25
CA ARG A 456 8.18 -29.54 -11.50
C ARG A 456 7.25 -29.54 -12.70
N TYR A 457 6.15 -30.28 -12.62
CA TYR A 457 5.24 -30.30 -13.76
C TYR A 457 4.62 -28.93 -14.00
N VAL A 458 4.26 -28.23 -12.92
CA VAL A 458 3.67 -26.92 -13.07
C VAL A 458 4.66 -25.97 -13.73
N TRP A 459 5.93 -26.04 -13.33
CA TRP A 459 6.95 -25.21 -13.94
C TRP A 459 7.15 -25.54 -15.41
N LEU A 460 7.13 -26.83 -15.75
CA LEU A 460 7.27 -27.24 -17.14
C LEU A 460 6.13 -26.68 -17.99
N GLU A 461 4.90 -26.74 -17.47
CA GLU A 461 3.78 -26.16 -18.21
C GLU A 461 3.91 -24.64 -18.33
N ARG A 462 4.38 -23.99 -17.27
CA ARG A 462 4.57 -22.54 -17.33
C ARG A 462 5.54 -22.18 -18.44
N LEU A 463 6.64 -22.92 -18.55
CA LEU A 463 7.60 -22.66 -19.60
C LEU A 463 7.06 -23.04 -20.97
N THR A 464 6.15 -24.02 -21.02
CA THR A 464 5.51 -24.41 -22.27
C THR A 464 4.51 -23.37 -22.77
N LYS A 465 3.94 -22.58 -21.84
CA LYS A 465 2.85 -21.67 -22.19
C LYS A 465 3.18 -20.78 -23.39
N CYS A 466 4.41 -20.26 -23.45
CA CYS A 466 4.76 -19.28 -24.47
C CYS A 466 5.38 -19.88 -25.72
N ASN A 467 6.10 -21.00 -25.60
CA ASN A 467 6.77 -21.64 -26.72
C ASN A 467 6.12 -22.98 -27.02
N GLU A 468 6.03 -23.32 -28.30
CA GLU A 468 5.50 -24.61 -28.70
C GLU A 468 6.43 -25.73 -28.25
N LEU A 469 6.02 -26.98 -28.51
CA LEU A 469 6.77 -28.14 -28.05
C LEU A 469 7.36 -28.87 -29.24
N PRO A 470 8.66 -28.75 -29.50
CA PRO A 470 9.29 -29.53 -30.57
C PRO A 470 9.67 -30.93 -30.11
N LYS A 471 10.36 -31.68 -30.96
CA LYS A 471 10.65 -33.08 -30.67
C LYS A 471 11.75 -33.26 -29.62
N SER A 472 12.69 -32.31 -29.53
CA SER A 472 13.78 -32.46 -28.57
C SER A 472 13.27 -32.49 -27.15
N ILE A 473 12.32 -31.61 -26.83
CA ILE A 473 11.75 -31.58 -25.49
C ILE A 473 10.95 -32.85 -25.21
N ILE A 474 10.27 -33.39 -26.22
CA ILE A 474 9.55 -34.64 -26.05
C ILE A 474 10.51 -35.76 -25.71
N SER A 475 11.66 -35.81 -26.40
CA SER A 475 12.66 -36.84 -26.10
C SER A 475 13.23 -36.65 -24.70
N ILE A 476 13.43 -35.40 -24.28
CA ILE A 476 13.95 -35.14 -22.94
C ILE A 476 12.98 -35.65 -21.87
N ILE A 477 11.69 -35.31 -22.04
CA ILE A 477 10.68 -35.76 -21.08
C ILE A 477 10.59 -37.28 -21.08
N ASP A 478 10.68 -37.89 -22.25
CA ASP A 478 10.62 -39.34 -22.34
C ASP A 478 11.77 -39.99 -21.58
N ASP A 479 12.97 -39.42 -21.72
CA ASP A 479 14.12 -39.96 -21.00
C ASP A 479 13.91 -39.85 -19.49
N PHE A 480 13.48 -38.68 -19.01
CA PHE A 480 13.29 -38.54 -17.57
C PHE A 480 12.21 -39.47 -17.05
N LEU A 481 11.14 -39.65 -17.83
CA LEU A 481 10.06 -40.51 -17.38
C LEU A 481 10.48 -41.97 -17.35
N VAL A 482 11.31 -42.40 -18.30
CA VAL A 482 11.86 -43.75 -18.25
C VAL A 482 12.76 -43.92 -17.03
N LEU A 483 13.57 -42.90 -16.72
CA LEU A 483 14.41 -42.97 -15.54
C LEU A 483 13.57 -43.07 -14.27
N GLN A 484 12.49 -42.30 -14.19
CA GLN A 484 11.62 -42.37 -13.02
C GLN A 484 10.95 -43.74 -12.92
N ALA A 485 10.55 -44.31 -14.07
CA ALA A 485 9.94 -45.63 -14.06
C ALA A 485 10.91 -46.71 -13.58
N GLU A 486 12.17 -46.65 -14.03
CA GLU A 486 13.12 -47.67 -13.60
C GLU A 486 13.54 -47.46 -12.14
N LYS A 487 13.58 -46.21 -11.67
CA LYS A 487 13.88 -45.96 -10.27
C LYS A 487 12.79 -46.49 -9.35
N HIS A 488 11.58 -46.69 -9.87
CA HIS A 488 10.44 -47.13 -9.06
C HIS A 488 10.42 -48.65 -9.00
N ILE A 489 11.56 -49.21 -8.62
CA ILE A 489 11.72 -50.66 -8.55
C ILE A 489 11.99 -51.16 -7.14
N ASP A 490 12.36 -50.30 -6.19
CA ASP A 490 12.53 -50.71 -4.81
C ASP A 490 11.15 -50.76 -4.15
N GLN A 491 11.04 -51.58 -3.12
CA GLN A 491 9.76 -51.85 -2.47
C GLN A 491 9.27 -50.69 -1.62
N ASN A 492 10.08 -49.64 -1.43
CA ASN A 492 9.70 -48.55 -0.56
C ASN A 492 9.84 -47.19 -1.24
N TYR A 493 9.86 -47.14 -2.56
CA TYR A 493 10.07 -45.88 -3.29
C TYR A 493 8.73 -45.23 -3.63
N SER A 494 8.00 -44.84 -2.59
CA SER A 494 6.78 -44.09 -2.78
C SER A 494 7.10 -42.68 -3.25
N GLU A 495 6.13 -42.06 -3.90
CA GLU A 495 6.27 -40.71 -4.44
C GLU A 495 5.34 -39.76 -3.72
N VAL A 496 5.80 -38.52 -3.56
CA VAL A 496 5.06 -37.49 -2.86
C VAL A 496 5.00 -36.25 -3.72
N SER A 497 3.96 -35.45 -3.49
CA SER A 497 3.82 -34.20 -4.22
C SER A 497 2.90 -33.27 -3.43
N SER A 498 3.03 -31.98 -3.70
CA SER A 498 2.30 -30.95 -2.97
C SER A 498 1.00 -30.57 -3.65
N ASN A 499 0.88 -30.76 -4.95
CA ASN A 499 -0.36 -30.49 -5.66
C ASN A 499 -1.08 -31.74 -6.10
N GLY A 500 -0.55 -32.92 -5.80
CA GLY A 500 -1.17 -34.17 -6.22
C GLY A 500 -1.19 -34.36 -7.72
N LEU A 501 -0.04 -34.16 -8.37
CA LEU A 501 0.05 -34.21 -9.82
C LEU A 501 0.71 -35.48 -10.35
N TYR A 502 1.89 -35.83 -9.87
CA TYR A 502 2.54 -37.09 -10.22
C TYR A 502 2.82 -37.24 -11.72
N SER A 503 3.14 -38.45 -12.17
CA SER A 503 3.59 -38.72 -13.53
C SER A 503 2.46 -38.83 -14.54
N ARG A 504 1.23 -38.99 -14.08
CA ARG A 504 0.09 -39.00 -14.98
C ARG A 504 0.00 -37.69 -15.77
N ASP A 505 0.30 -36.58 -15.10
CA ASP A 505 0.24 -35.29 -15.77
C ASP A 505 1.35 -35.14 -16.79
N TYR A 506 2.51 -35.76 -16.54
CA TYR A 506 3.56 -35.79 -17.55
C TYR A 506 3.08 -36.52 -18.80
N GLY A 507 2.44 -37.67 -18.60
CA GLY A 507 1.86 -38.37 -19.74
C GLY A 507 0.83 -37.54 -20.48
N ALA A 508 -0.05 -36.85 -19.73
CA ALA A 508 -1.06 -36.01 -20.35
C ALA A 508 -0.43 -34.86 -21.13
N LEU A 509 0.63 -34.26 -20.59
CA LEU A 509 1.31 -33.17 -21.29
C LEU A 509 1.93 -33.66 -22.59
N ILE A 510 2.51 -34.86 -22.57
CA ILE A 510 3.03 -35.43 -23.81
C ILE A 510 1.90 -35.63 -24.81
N LYS A 511 0.77 -36.16 -24.35
CA LYS A 511 -0.32 -36.49 -25.28
C LYS A 511 -1.04 -35.26 -25.82
N HIS A 512 -1.07 -34.16 -25.07
CA HIS A 512 -1.87 -33.01 -25.49
C HIS A 512 -1.38 -32.39 -26.79
N PHE A 513 -0.07 -32.29 -26.99
CA PHE A 513 0.50 -31.66 -28.18
C PHE A 513 0.74 -32.65 -29.30
N GLU A 514 1.49 -33.71 -29.04
CA GLU A 514 1.72 -34.73 -30.05
C GLU A 514 0.91 -35.97 -29.66
N LYS A 515 0.29 -36.60 -30.65
CA LYS A 515 -0.79 -37.54 -30.41
C LYS A 515 -0.42 -38.99 -30.67
N ASN A 516 0.58 -39.28 -31.48
CA ASN A 516 0.86 -40.63 -31.95
C ASN A 516 2.19 -41.16 -31.40
N PHE A 517 2.44 -40.92 -30.12
CA PHE A 517 3.70 -41.33 -29.51
C PHE A 517 3.75 -42.84 -29.32
N ILE A 518 4.97 -43.39 -29.33
CA ILE A 518 5.19 -44.81 -29.15
C ILE A 518 6.05 -45.10 -27.92
N SER A 519 7.16 -44.39 -27.76
CA SER A 519 8.05 -44.54 -26.60
C SER A 519 8.55 -45.97 -26.48
N LYS A 520 9.40 -46.34 -27.45
CA LYS A 520 9.90 -47.71 -27.56
C LYS A 520 10.56 -48.18 -26.26
N ARG A 521 11.21 -47.27 -25.53
CA ARG A 521 11.89 -47.66 -24.30
C ARG A 521 10.91 -48.21 -23.27
N LEU A 522 9.78 -47.54 -23.08
CA LEU A 522 8.80 -48.01 -22.10
C LEU A 522 8.19 -49.33 -22.54
N SER A 523 8.00 -49.51 -23.85
CA SER A 523 7.53 -50.78 -24.36
C SER A 523 8.52 -51.89 -24.02
N GLU A 524 9.82 -51.62 -24.20
CA GLU A 524 10.83 -52.61 -23.85
C GLU A 524 10.79 -52.92 -22.35
N ILE A 525 10.61 -51.89 -21.53
CA ILE A 525 10.57 -52.10 -20.08
C ILE A 525 9.38 -52.96 -19.70
N THR A 526 8.21 -52.67 -20.26
CA THR A 526 7.01 -53.42 -19.88
C THR A 526 6.97 -54.81 -20.48
N LEU A 527 7.66 -55.04 -21.60
CA LEU A 527 7.65 -56.38 -22.20
C LEU A 527 8.39 -57.38 -21.32
N CYS A 528 9.36 -56.94 -20.54
CA CYS A 528 10.15 -57.82 -19.69
C CYS A 528 9.58 -57.97 -18.29
N LEU A 529 8.45 -57.35 -18.00
CA LEU A 529 7.88 -57.38 -16.65
C LEU A 529 7.18 -58.71 -16.44
N THR A 530 7.71 -59.55 -15.55
CA THR A 530 7.14 -60.87 -15.35
C THR A 530 5.94 -60.84 -14.40
N GLN A 531 6.19 -60.54 -13.12
CA GLN A 531 5.14 -60.62 -12.10
C GLN A 531 5.75 -60.20 -10.77
N ASP A 532 4.88 -60.06 -9.77
CA ASP A 532 5.27 -59.84 -8.37
C ASP A 532 6.03 -58.52 -8.21
N LYS A 533 5.56 -57.48 -8.90
CA LYS A 533 6.11 -56.14 -8.76
C LYS A 533 4.98 -55.14 -8.65
N GLN A 534 3.99 -55.43 -7.79
CA GLN A 534 2.69 -54.75 -7.81
C GLN A 534 2.79 -53.25 -8.07
N LYS A 535 3.69 -52.56 -7.38
CA LYS A 535 3.80 -51.12 -7.61
C LYS A 535 4.36 -50.80 -8.99
N GLN A 536 5.14 -51.72 -9.58
CA GLN A 536 5.65 -51.45 -10.92
C GLN A 536 4.55 -51.53 -11.96
N ILE A 537 3.66 -52.52 -11.86
CA ILE A 537 2.51 -52.56 -12.78
C ILE A 537 1.57 -51.39 -12.50
N ASP A 538 1.40 -51.03 -11.22
CA ASP A 538 0.53 -49.89 -10.92
C ASP A 538 1.10 -48.58 -11.44
N PHE A 539 2.43 -48.45 -11.48
CA PHE A 539 3.01 -47.18 -11.92
C PHE A 539 2.72 -46.91 -13.39
N LEU A 540 2.97 -47.89 -14.25
CA LEU A 540 2.79 -47.70 -15.67
C LEU A 540 1.39 -48.07 -16.14
N PHE A 541 0.51 -48.49 -15.24
CA PHE A 541 -0.90 -48.60 -15.58
C PHE A 541 -1.48 -47.24 -15.95
N LYS A 542 -1.17 -46.23 -15.15
CA LYS A 542 -1.61 -44.87 -15.44
C LYS A 542 -0.85 -44.25 -16.60
N LEU A 543 0.17 -44.95 -17.10
CA LEU A 543 0.97 -44.53 -18.23
C LEU A 543 0.54 -45.26 -19.51
N LEU A 544 -0.62 -45.93 -19.48
CA LEU A 544 -1.06 -46.74 -20.62
C LEU A 544 -1.13 -46.00 -21.94
N PRO A 545 -1.66 -44.77 -22.03
CA PRO A 545 -1.80 -44.15 -23.36
C PRO A 545 -0.49 -43.97 -24.08
N LEU A 546 0.64 -43.95 -23.38
CA LEU A 546 1.95 -43.79 -23.97
C LEU A 546 2.56 -45.12 -24.39
N LEU A 547 1.83 -46.22 -24.26
CA LEU A 547 2.36 -47.55 -24.51
C LEU A 547 1.86 -48.07 -25.85
N SER A 548 2.48 -49.14 -26.31
CA SER A 548 2.17 -49.76 -27.59
C SER A 548 0.93 -50.63 -27.48
N THR A 549 0.39 -50.99 -28.65
CA THR A 549 -0.76 -51.89 -28.68
C THR A 549 -0.43 -53.25 -28.10
N ASN A 550 0.73 -53.80 -28.47
CA ASN A 550 1.18 -55.06 -27.89
C ASN A 550 1.45 -54.89 -26.40
N ALA A 551 2.06 -53.77 -26.01
CA ALA A 551 2.27 -53.49 -24.59
C ALA A 551 0.95 -53.35 -23.85
N LYS A 552 -0.03 -52.69 -24.47
CA LYS A 552 -1.34 -52.57 -23.85
C LYS A 552 -1.98 -53.94 -23.64
N SER A 553 -1.89 -54.81 -24.65
CA SER A 553 -2.46 -56.14 -24.53
C SER A 553 -1.77 -56.95 -23.44
N HIS A 554 -0.44 -56.82 -23.34
CA HIS A 554 0.28 -57.49 -22.25
C HIS A 554 -0.16 -56.96 -20.90
N LEU A 555 -0.34 -55.65 -20.79
CA LEU A 555 -0.69 -55.05 -19.51
C LEU A 555 -2.12 -55.34 -19.07
N LEU A 556 -3.03 -55.58 -20.02
CA LEU A 556 -4.41 -55.85 -19.66
C LEU A 556 -4.53 -57.11 -18.79
N SER A 557 -3.60 -58.05 -18.93
CA SER A 557 -3.55 -59.20 -18.04
C SER A 557 -2.89 -58.81 -16.72
N PHE A 558 -3.20 -59.59 -15.68
CA PHE A 558 -2.91 -59.27 -14.29
C PHE A 558 -3.12 -57.80 -14.00
N LYS A 559 -4.19 -57.23 -14.54
CA LYS A 559 -4.50 -55.83 -14.31
C LYS A 559 -5.19 -55.64 -12.97
N SER A 560 -4.85 -54.55 -12.28
CA SER A 560 -5.62 -54.16 -11.11
C SER A 560 -7.06 -53.92 -11.56
N VAL A 561 -7.98 -54.81 -11.14
CA VAL A 561 -9.23 -54.97 -11.86
C VAL A 561 -10.18 -53.82 -11.61
N GLU A 562 -10.69 -53.68 -10.39
CA GLU A 562 -11.79 -52.74 -10.20
C GLU A 562 -11.74 -51.96 -8.89
N ASN A 563 -10.65 -52.01 -8.13
CA ASN A 563 -10.61 -51.29 -6.86
C ASN A 563 -10.88 -49.81 -7.08
N ILE A 564 -11.44 -49.16 -6.06
CA ILE A 564 -11.93 -47.79 -6.22
C ILE A 564 -10.81 -46.87 -6.68
N ASN A 565 -9.62 -46.99 -6.07
CA ASN A 565 -8.46 -46.25 -6.54
C ASN A 565 -8.14 -46.64 -7.98
N ASP A 566 -8.13 -47.94 -8.25
CA ASP A 566 -7.88 -48.41 -9.61
C ASP A 566 -9.00 -47.99 -10.56
N LEU A 567 -10.25 -47.97 -10.10
CA LEU A 567 -11.34 -47.51 -10.96
C LEU A 567 -11.12 -46.07 -11.39
N MET A 568 -10.82 -45.19 -10.43
CA MET A 568 -10.61 -43.79 -10.78
C MET A 568 -9.40 -43.62 -11.69
N ASN A 569 -8.32 -44.35 -11.40
CA ASN A 569 -7.13 -44.24 -12.23
C ASN A 569 -7.40 -44.70 -13.66
N GLY A 570 -8.12 -45.80 -13.84
CA GLY A 570 -8.47 -46.28 -15.16
C GLY A 570 -9.44 -45.41 -15.91
N ILE A 571 -10.40 -44.79 -15.22
CA ILE A 571 -11.33 -43.89 -15.89
C ILE A 571 -10.72 -42.53 -16.15
N ARG A 572 -9.59 -42.20 -15.53
CA ARG A 572 -8.90 -40.96 -15.86
C ARG A 572 -8.06 -41.08 -17.13
N ILE A 573 -7.83 -42.29 -17.62
CA ILE A 573 -7.08 -42.46 -18.86
C ILE A 573 -7.97 -42.81 -20.05
N GLY A 574 -9.23 -43.16 -19.80
CA GLY A 574 -10.16 -43.52 -20.86
C GLY A 574 -10.34 -45.00 -21.06
N LEU A 575 -9.79 -45.85 -20.19
CA LEU A 575 -9.99 -47.29 -20.33
C LEU A 575 -11.45 -47.66 -20.16
N ILE A 576 -12.15 -46.99 -19.24
CA ILE A 576 -13.58 -47.19 -19.05
C ILE A 576 -14.33 -45.97 -19.55
N ASP A 577 -15.31 -46.21 -20.42
CA ASP A 577 -16.11 -45.17 -21.03
C ASP A 577 -17.53 -45.07 -20.48
N GLU A 578 -18.17 -46.20 -20.20
CA GLU A 578 -19.50 -46.24 -19.63
C GLU A 578 -19.52 -47.17 -18.43
N PHE A 579 -20.36 -46.84 -17.46
CA PHE A 579 -20.43 -47.59 -16.21
C PHE A 579 -21.04 -48.96 -16.42
N THR A 580 -20.64 -49.90 -15.58
CA THR A 580 -21.23 -51.22 -15.47
C THR A 580 -21.82 -51.42 -14.07
N PRO A 581 -22.76 -52.34 -13.91
CA PRO A 581 -23.38 -52.53 -12.57
C PRO A 581 -22.38 -52.87 -11.48
N GLU A 582 -21.26 -53.52 -11.82
CA GLU A 582 -20.23 -53.78 -10.84
C GLU A 582 -19.64 -52.48 -10.30
N HIS A 583 -19.46 -51.50 -11.16
CA HIS A 583 -18.95 -50.20 -10.72
C HIS A 583 -19.93 -49.53 -9.76
N GLU A 584 -21.23 -49.59 -10.07
CA GLU A 584 -22.22 -49.03 -9.16
C GLU A 584 -22.19 -49.75 -7.83
N GLU A 585 -22.02 -51.07 -7.85
CA GLU A 585 -21.93 -51.84 -6.61
C GLU A 585 -20.73 -51.41 -5.77
N LEU A 586 -19.59 -51.19 -6.41
CA LEU A 586 -18.41 -50.75 -5.68
C LEU A 586 -18.59 -49.34 -5.13
N ILE A 587 -19.24 -48.46 -5.90
CA ILE A 587 -19.55 -47.13 -5.40
C ILE A 587 -20.43 -47.24 -4.16
N ILE A 588 -21.43 -48.12 -4.19
CA ILE A 588 -22.32 -48.27 -3.05
C ILE A 588 -21.56 -48.82 -1.85
N GLU A 589 -20.63 -49.75 -2.07
CA GLU A 589 -19.84 -50.30 -0.97
C GLU A 589 -18.99 -49.22 -0.32
N TYR A 590 -18.32 -48.40 -1.14
CA TYR A 590 -17.54 -47.30 -0.59
C TYR A 590 -18.42 -46.33 0.18
N LEU A 591 -19.60 -46.02 -0.35
CA LEU A 591 -20.50 -45.09 0.34
C LEU A 591 -20.95 -45.65 1.68
N GLU A 592 -21.26 -46.94 1.73
CA GLU A 592 -21.71 -47.52 2.99
C GLU A 592 -20.58 -47.53 4.03
N THR A 593 -19.36 -47.86 3.61
CA THR A 593 -18.24 -47.79 4.54
C THR A 593 -18.03 -46.37 5.04
N ARG A 594 -18.14 -45.39 4.14
CA ARG A 594 -18.00 -43.99 4.55
C ARG A 594 -19.10 -43.59 5.51
N LYS A 595 -20.32 -44.10 5.32
CA LYS A 595 -21.42 -43.75 6.23
C LYS A 595 -21.19 -44.34 7.62
N VAL A 596 -20.69 -45.56 7.69
CA VAL A 596 -20.33 -46.14 8.99
C VAL A 596 -19.23 -45.30 9.65
N ASN A 597 -18.23 -44.89 8.85
CA ASN A 597 -17.17 -44.05 9.38
C ASN A 597 -17.73 -42.73 9.90
N TYR A 598 -18.70 -42.15 9.20
CA TYR A 598 -19.31 -40.90 9.65
C TYR A 598 -20.07 -41.09 10.94
N ILE A 599 -20.76 -42.22 11.10
CA ILE A 599 -21.45 -42.51 12.35
C ILE A 599 -20.43 -42.58 13.49
N VAL A 600 -19.32 -43.28 13.25
CA VAL A 600 -18.26 -43.38 14.27
C VAL A 600 -17.73 -42.00 14.61
N GLU A 601 -17.46 -41.18 13.60
CA GLU A 601 -16.91 -39.84 13.83
C GLU A 601 -17.89 -38.97 14.61
N LYS A 602 -19.17 -39.02 14.26
CA LYS A 602 -20.17 -38.25 14.99
C LYS A 602 -20.25 -38.71 16.44
N GLU A 603 -20.11 -40.01 16.68
CA GLU A 603 -20.02 -40.50 18.05
C GLU A 603 -18.79 -39.93 18.75
N LYS A 604 -17.68 -39.79 18.03
CA LYS A 604 -16.45 -39.23 18.56
C LYS A 604 -16.31 -37.74 18.32
N GLY A 605 -17.25 -37.11 17.61
CA GLY A 605 -17.17 -35.69 17.33
C GLY A 605 -15.98 -35.32 16.45
N ILE A 606 -15.78 -36.04 15.36
CA ILE A 606 -14.64 -35.86 14.46
C ILE A 606 -15.15 -35.48 13.08
N GLN A 607 -14.47 -34.50 12.46
CA GLN A 607 -14.73 -34.11 11.09
C GLN A 607 -13.42 -34.22 10.31
N THR A 608 -13.51 -34.68 9.07
CA THR A 608 -12.34 -34.95 8.25
C THR A 608 -12.43 -34.22 6.91
N PHE A 609 -11.27 -33.82 6.39
CA PHE A 609 -11.16 -33.20 5.08
C PHE A 609 -10.00 -33.87 4.35
N SER A 610 -10.27 -34.45 3.19
CA SER A 610 -9.27 -35.22 2.46
C SER A 610 -9.07 -34.66 1.06
N SER A 611 -7.81 -34.72 0.59
CA SER A 611 -7.51 -34.43 -0.80
C SER A 611 -7.89 -35.58 -1.72
N ASN A 612 -8.06 -36.78 -1.16
CA ASN A 612 -8.54 -37.94 -1.90
C ASN A 612 -10.03 -38.15 -1.68
N ASP A 613 -10.77 -37.05 -1.56
CA ASP A 613 -12.21 -37.09 -1.30
C ASP A 613 -12.94 -37.44 -2.59
N TYR A 614 -13.30 -38.71 -2.73
CA TYR A 614 -14.19 -39.15 -3.81
C TYR A 614 -15.64 -38.78 -3.55
N MET A 615 -15.95 -38.20 -2.39
CA MET A 615 -17.33 -37.95 -2.01
C MET A 615 -18.02 -36.97 -2.95
N SER A 616 -17.26 -36.21 -3.73
CA SER A 616 -17.80 -35.12 -4.53
C SER A 616 -18.09 -35.52 -5.96
N THR A 617 -17.27 -36.39 -6.55
CA THR A 617 -17.50 -36.77 -7.93
C THR A 617 -18.72 -37.65 -8.09
N PHE A 618 -19.19 -38.28 -7.01
CA PHE A 618 -20.36 -39.13 -7.13
C PHE A 618 -21.62 -38.32 -7.45
N GLY A 619 -21.80 -37.19 -6.78
CA GLY A 619 -22.89 -36.30 -7.12
C GLY A 619 -22.77 -35.75 -8.53
N ILE A 620 -21.52 -35.51 -8.97
CA ILE A 620 -21.29 -35.04 -10.33
C ILE A 620 -21.75 -36.07 -11.34
N TRP A 621 -21.41 -37.34 -11.10
CA TRP A 621 -21.88 -38.41 -11.98
C TRP A 621 -23.40 -38.51 -11.94
N TYR A 622 -24.00 -38.42 -10.75
CA TYR A 622 -25.45 -38.56 -10.63
C TYR A 622 -26.19 -37.44 -11.35
N PHE A 623 -25.69 -36.21 -11.26
CA PHE A 623 -26.42 -35.07 -11.83
C PHE A 623 -26.38 -35.10 -13.35
N LEU A 624 -25.31 -35.62 -13.94
CA LEU A 624 -25.18 -35.69 -15.39
C LEU A 624 -25.54 -37.07 -15.93
N GLU A 625 -26.34 -37.83 -15.20
CA GLU A 625 -26.92 -39.08 -15.67
C GLU A 625 -25.85 -40.11 -16.06
N GLU A 626 -24.67 -40.04 -15.45
CA GLU A 626 -23.69 -41.09 -15.66
C GLU A 626 -24.19 -42.41 -15.09
N ILE A 627 -24.79 -42.38 -13.91
CA ILE A 627 -25.27 -43.56 -13.21
C ILE A 627 -26.76 -43.39 -12.97
N ASN A 628 -27.54 -44.39 -13.40
CA ASN A 628 -28.98 -44.38 -13.20
C ASN A 628 -29.43 -45.08 -11.94
N ASN A 629 -28.49 -45.60 -11.13
CA ASN A 629 -28.86 -46.27 -9.89
C ASN A 629 -29.48 -45.27 -8.92
N SER A 630 -30.55 -45.69 -8.25
CA SER A 630 -31.39 -44.77 -7.48
C SER A 630 -31.28 -44.99 -5.97
N LYS A 631 -30.20 -45.60 -5.49
CA LYS A 631 -29.98 -45.76 -4.06
C LYS A 631 -29.00 -44.73 -3.48
N MET A 632 -28.68 -43.67 -4.22
CA MET A 632 -27.84 -42.61 -3.68
C MET A 632 -28.58 -41.75 -2.65
N GLU A 633 -29.91 -41.67 -2.74
CA GLU A 633 -30.65 -40.70 -1.94
C GLU A 633 -30.59 -40.99 -0.44
N GLU A 634 -30.15 -42.18 -0.03
CA GLU A 634 -30.12 -42.49 1.39
C GLU A 634 -28.89 -41.93 2.09
N PHE A 635 -27.86 -41.54 1.34
CA PHE A 635 -26.62 -41.02 1.91
C PHE A 635 -26.64 -39.50 2.03
N ILE A 636 -27.83 -38.92 2.21
CA ILE A 636 -27.96 -37.47 2.40
C ILE A 636 -27.59 -37.14 3.83
N GLY A 637 -26.71 -36.15 3.99
CA GLY A 637 -26.23 -35.76 5.30
C GLY A 637 -24.78 -36.07 5.55
N MET A 638 -24.08 -36.66 4.59
CA MET A 638 -22.68 -36.99 4.75
C MET A 638 -21.78 -35.80 4.44
N ASP A 639 -21.93 -35.23 3.24
CA ASP A 639 -21.13 -34.10 2.79
C ASP A 639 -22.04 -33.11 2.06
N ASP A 640 -21.68 -31.83 2.14
CA ASP A 640 -22.53 -30.80 1.55
C ASP A 640 -22.60 -30.90 0.03
N GLN A 641 -21.48 -31.22 -0.62
CA GLN A 641 -21.45 -31.26 -2.07
C GLN A 641 -22.35 -32.34 -2.63
N TYR A 642 -22.37 -33.51 -1.99
CA TYR A 642 -23.28 -34.58 -2.39
C TYR A 642 -24.73 -34.11 -2.33
N ASP A 643 -25.11 -33.45 -1.24
CA ASP A 643 -26.47 -32.96 -1.09
C ASP A 643 -26.81 -31.93 -2.16
N PHE A 644 -25.88 -31.01 -2.44
CA PHE A 644 -26.15 -29.99 -3.45
C PHE A 644 -26.32 -30.61 -4.82
N PHE A 645 -25.49 -31.59 -5.17
CA PHE A 645 -25.54 -32.17 -6.50
C PHE A 645 -26.75 -33.08 -6.70
N VAL A 646 -27.10 -33.88 -5.69
CA VAL A 646 -28.09 -34.93 -5.92
C VAL A 646 -29.50 -34.41 -5.65
N ASP A 647 -29.71 -33.71 -4.53
CA ASP A 647 -31.00 -33.11 -4.21
C ASP A 647 -30.90 -31.59 -4.28
N PRO A 648 -31.11 -31.01 -5.46
CA PRO A 648 -31.09 -29.53 -5.54
C PRO A 648 -32.24 -28.89 -4.79
N GLU A 649 -33.38 -29.56 -4.67
CA GLU A 649 -34.56 -28.95 -4.05
C GLU A 649 -34.58 -29.11 -2.54
N ASN A 650 -33.76 -30.01 -1.99
CA ASN A 650 -33.80 -30.32 -0.57
C ASN A 650 -32.62 -29.72 0.20
N PHE A 651 -31.49 -29.47 -0.46
CA PHE A 651 -30.32 -28.93 0.21
C PHE A 651 -30.61 -27.52 0.72
N ASP A 652 -30.12 -27.21 1.91
CA ASP A 652 -30.17 -25.87 2.47
C ASP A 652 -29.02 -25.06 1.87
N TYR A 653 -29.35 -24.01 1.11
CA TYR A 653 -28.34 -23.26 0.39
C TYR A 653 -27.44 -22.42 1.28
N LYS A 654 -27.71 -22.36 2.58
CA LYS A 654 -26.87 -21.57 3.47
C LYS A 654 -25.46 -22.17 3.56
N LYS A 655 -25.34 -23.49 3.49
CA LYS A 655 -24.03 -24.13 3.55
C LYS A 655 -23.23 -23.99 2.28
N PHE A 656 -23.82 -23.47 1.20
CA PHE A 656 -23.14 -23.44 -0.09
C PHE A 656 -21.93 -22.51 -0.02
N ILE A 657 -20.74 -23.10 0.05
CA ILE A 657 -19.51 -22.33 0.02
C ILE A 657 -19.26 -21.85 -1.41
N PRO A 658 -19.03 -20.56 -1.64
CA PRO A 658 -18.88 -20.06 -3.01
C PRO A 658 -17.53 -20.36 -3.64
N SER A 659 -16.60 -20.98 -2.92
CA SER A 659 -15.33 -21.37 -3.52
C SER A 659 -15.44 -22.64 -4.36
N TRP A 660 -16.60 -23.30 -4.34
CA TRP A 660 -16.78 -24.53 -5.09
C TRP A 660 -16.78 -24.28 -6.60
N LEU A 661 -17.35 -23.16 -7.03
CA LEU A 661 -17.56 -22.92 -8.45
C LEU A 661 -16.26 -22.80 -9.23
N LYS A 662 -15.13 -22.58 -8.55
CA LYS A 662 -13.87 -22.42 -9.25
C LYS A 662 -13.41 -23.73 -9.89
N ASN A 663 -13.75 -24.86 -9.29
CA ASN A 663 -13.25 -26.16 -9.70
C ASN A 663 -14.08 -26.82 -10.78
N TYR A 664 -15.24 -26.27 -11.11
CA TYR A 664 -16.16 -26.91 -12.03
C TYR A 664 -15.67 -26.72 -13.47
N ASN A 665 -15.74 -27.79 -14.25
CA ASN A 665 -15.44 -27.70 -15.68
C ASN A 665 -16.54 -26.91 -16.39
N ASP A 666 -16.20 -26.39 -17.57
CA ASP A 666 -17.07 -25.41 -18.22
C ASP A 666 -18.42 -26.02 -18.59
N LYS A 667 -18.46 -27.29 -18.95
CA LYS A 667 -19.74 -27.88 -19.33
C LYS A 667 -20.68 -28.07 -18.15
N LEU A 668 -20.16 -28.31 -16.94
CA LEU A 668 -21.00 -28.26 -15.76
C LEU A 668 -21.59 -26.87 -15.58
N LEU A 669 -20.76 -25.84 -15.69
CA LEU A 669 -21.23 -24.48 -15.52
C LEU A 669 -22.26 -24.10 -16.58
N GLY A 670 -22.20 -24.72 -17.75
CA GLY A 670 -23.29 -24.62 -18.70
C GLY A 670 -24.53 -25.36 -18.23
N LYS A 671 -24.31 -26.56 -17.68
CA LYS A 671 -25.43 -27.36 -17.19
C LYS A 671 -25.97 -26.85 -15.87
N ILE A 672 -25.12 -26.22 -15.05
CA ILE A 672 -25.55 -25.67 -13.78
C ILE A 672 -26.54 -24.52 -13.99
N ALA A 673 -26.53 -23.91 -15.16
CA ALA A 673 -27.43 -22.81 -15.48
C ALA A 673 -28.65 -23.28 -16.26
N GLY A 674 -28.99 -24.56 -16.16
CA GLY A 674 -30.12 -25.09 -16.89
C GLY A 674 -31.29 -25.46 -16.02
N ASN A 675 -31.02 -25.88 -14.79
CA ASN A 675 -32.08 -26.32 -13.90
C ASN A 675 -32.58 -25.12 -13.12
N LYS A 676 -33.91 -25.06 -12.93
CA LYS A 676 -34.51 -23.97 -12.19
C LYS A 676 -34.09 -24.00 -10.71
N HIS A 677 -33.99 -25.19 -10.13
CA HIS A 677 -33.74 -25.32 -8.70
C HIS A 677 -32.36 -24.84 -8.27
N MET A 678 -31.44 -24.60 -9.20
CA MET A 678 -30.11 -24.13 -8.85
C MET A 678 -29.78 -22.79 -9.50
N LYS A 679 -30.77 -22.10 -10.06
CA LYS A 679 -30.54 -20.81 -10.69
C LYS A 679 -30.86 -19.64 -9.77
N HIS A 680 -31.91 -19.75 -8.97
CA HIS A 680 -32.32 -18.64 -8.11
C HIS A 680 -31.34 -18.38 -6.99
N HIS A 681 -30.60 -19.39 -6.54
CA HIS A 681 -29.72 -19.25 -5.39
C HIS A 681 -28.26 -18.98 -5.76
N VAL A 682 -27.73 -19.66 -6.78
CA VAL A 682 -26.33 -19.44 -7.15
C VAL A 682 -26.13 -18.03 -7.67
N ILE A 683 -27.16 -17.45 -8.29
CA ILE A 683 -27.03 -16.10 -8.81
C ILE A 683 -26.73 -15.13 -7.68
N GLU A 684 -27.45 -15.25 -6.56
CA GLU A 684 -27.29 -14.28 -5.47
C GLU A 684 -25.90 -14.36 -4.84
N VAL A 685 -25.41 -15.57 -4.61
CA VAL A 685 -24.07 -15.70 -4.04
C VAL A 685 -23.03 -15.19 -5.01
N LEU A 686 -23.24 -15.38 -6.32
CA LEU A 686 -22.33 -14.83 -7.31
C LEU A 686 -22.29 -13.30 -7.23
N LYS A 687 -23.47 -12.67 -7.15
CA LYS A 687 -23.49 -11.21 -7.05
C LYS A 687 -22.80 -10.73 -5.78
N GLU A 688 -23.08 -11.39 -4.66
CA GLU A 688 -22.49 -10.96 -3.40
C GLU A 688 -20.97 -11.07 -3.45
N ARG A 689 -20.45 -12.16 -4.00
CA ARG A 689 -19.00 -12.32 -4.06
C ARG A 689 -18.37 -11.32 -5.02
N VAL A 690 -19.02 -11.05 -6.16
CA VAL A 690 -18.43 -10.11 -7.10
C VAL A 690 -18.48 -8.69 -6.55
N LYS A 691 -19.49 -8.38 -5.74
CA LYS A 691 -19.59 -7.03 -5.17
C LYS A 691 -18.61 -6.84 -4.02
N ASN A 692 -18.43 -7.83 -3.17
CA ASN A 692 -17.62 -7.67 -1.97
C ASN A 692 -16.18 -8.12 -2.14
N SER A 693 -15.77 -8.57 -3.33
CA SER A 693 -14.43 -9.10 -3.51
C SER A 693 -13.92 -8.71 -4.89
N ASN A 694 -12.60 -8.77 -5.05
CA ASN A 694 -11.94 -8.34 -6.28
C ASN A 694 -11.49 -9.51 -7.14
N ASP A 695 -12.00 -10.71 -6.89
CA ASP A 695 -11.64 -11.88 -7.68
C ASP A 695 -12.27 -11.78 -9.06
N LYS A 696 -11.42 -11.76 -10.10
CA LYS A 696 -11.93 -11.58 -11.46
C LYS A 696 -12.57 -12.85 -12.00
N ARG A 697 -12.17 -14.01 -11.48
CA ARG A 697 -12.76 -15.26 -11.95
C ARG A 697 -14.25 -15.31 -11.66
N TYR A 698 -14.65 -14.82 -10.48
CA TYR A 698 -16.07 -14.77 -10.14
C TYR A 698 -16.84 -13.89 -11.11
N LEU A 699 -16.27 -12.75 -11.47
CA LEU A 699 -16.91 -11.88 -12.44
C LEU A 699 -17.02 -12.56 -13.79
N GLU A 700 -15.98 -13.29 -14.20
CA GLU A 700 -16.03 -14.00 -15.48
C GLU A 700 -17.15 -15.04 -15.48
N ILE A 701 -17.26 -15.81 -14.39
CA ILE A 701 -18.31 -16.82 -14.32
C ILE A 701 -19.68 -16.17 -14.34
N LEU A 702 -19.84 -15.06 -13.61
CA LEU A 702 -21.13 -14.37 -13.60
C LEU A 702 -21.47 -13.81 -14.97
N MET A 703 -20.46 -13.36 -15.71
CA MET A 703 -20.71 -12.62 -16.94
C MET A 703 -20.98 -13.56 -18.13
N ASN A 704 -20.05 -14.48 -18.41
CA ASN A 704 -20.12 -15.21 -19.67
C ASN A 704 -21.21 -16.27 -19.67
N TYR A 705 -21.39 -17.00 -18.56
CA TYR A 705 -22.24 -18.18 -18.55
C TYR A 705 -23.62 -17.94 -17.94
N PHE A 706 -23.69 -17.31 -16.76
CA PHE A 706 -24.98 -17.13 -16.11
C PHE A 706 -25.79 -16.00 -16.74
N ILE A 707 -25.13 -14.91 -17.12
CA ILE A 707 -25.83 -13.79 -17.74
C ILE A 707 -25.83 -13.92 -19.25
N ASN B 1 26.96 -6.43 35.79
CA ASN B 1 25.74 -7.21 35.97
C ASN B 1 26.06 -8.66 36.30
N LYS B 2 27.34 -8.94 36.53
CA LYS B 2 27.80 -10.29 36.85
C LYS B 2 27.85 -10.56 38.36
N PHE B 3 27.45 -9.58 39.18
CA PHE B 3 27.47 -9.74 40.63
C PHE B 3 26.07 -9.75 41.23
N ILE B 4 25.04 -9.95 40.40
CA ILE B 4 23.66 -9.95 40.86
C ILE B 4 23.30 -11.36 41.27
N THR B 5 23.31 -11.63 42.58
CA THR B 5 23.00 -12.95 43.11
C THR B 5 22.00 -12.97 44.24
N LYS B 6 21.80 -11.86 44.95
CA LYS B 6 20.91 -11.83 46.10
C LYS B 6 19.58 -11.17 45.75
N ASP B 7 18.53 -11.60 46.45
CA ASP B 7 17.20 -11.06 46.20
C ASP B 7 17.14 -9.58 46.56
N ASP B 8 17.62 -9.22 47.74
CA ASP B 8 17.72 -7.81 48.10
C ASP B 8 18.68 -7.07 47.19
N GLU B 9 19.77 -7.72 46.77
CA GLU B 9 20.64 -7.12 45.77
C GLU B 9 19.92 -6.96 44.44
N VAL B 10 19.04 -7.91 44.10
CA VAL B 10 18.25 -7.77 42.87
C VAL B 10 17.36 -6.54 42.95
N ILE B 11 16.68 -6.37 44.09
CA ILE B 11 15.80 -5.20 44.25
C ILE B 11 16.61 -3.92 44.22
N ASP B 12 17.78 -3.92 44.85
CA ASP B 12 18.63 -2.74 44.82
C ASP B 12 19.08 -2.42 43.40
N TYR B 13 19.44 -3.44 42.63
CA TYR B 13 19.85 -3.22 41.24
C TYR B 13 18.71 -2.64 40.41
N ILE B 14 17.52 -3.21 40.54
CA ILE B 14 16.39 -2.74 39.75
C ILE B 14 16.01 -1.32 40.16
N TYR B 15 16.06 -1.02 41.46
CA TYR B 15 15.80 0.34 41.92
C TYR B 15 16.84 1.30 41.38
N GLY B 16 18.12 0.92 41.43
CA GLY B 16 19.15 1.79 40.91
C GLY B 16 19.01 2.04 39.42
N LYS B 17 18.47 1.07 38.69
CA LYS B 17 18.34 1.20 37.25
C LYS B 17 17.00 1.79 36.81
N ILE B 18 16.04 1.94 37.72
CA ILE B 18 14.72 2.45 37.36
C ILE B 18 14.44 3.80 38.03
N SER B 19 15.08 4.06 39.17
CA SER B 19 14.75 5.23 39.98
C SER B 19 14.84 6.56 39.23
N PRO B 20 15.81 6.80 38.35
CA PRO B 20 15.83 8.10 37.66
C PRO B 20 14.59 8.35 36.81
N LEU B 21 13.80 7.34 36.48
CA LEU B 21 12.69 7.46 35.55
C LEU B 21 11.35 7.71 36.23
N PHE B 22 11.34 8.31 37.42
CA PHE B 22 10.10 8.72 38.05
C PHE B 22 9.72 10.16 37.77
N ALA B 23 10.54 10.91 37.04
CA ALA B 23 10.19 12.29 36.73
C ALA B 23 9.14 12.39 35.63
N LEU B 24 9.23 11.53 34.61
CA LEU B 24 8.27 11.55 33.51
C LEU B 24 6.98 10.85 33.93
N GLN B 25 5.87 11.33 33.38
CA GLN B 25 4.57 10.71 33.67
C GLN B 25 4.49 9.29 33.11
N TYR B 26 5.00 9.08 31.91
CA TYR B 26 4.89 7.78 31.25
C TYR B 26 6.07 7.62 30.30
N ILE B 27 6.48 6.36 30.09
CA ILE B 27 7.56 6.05 29.16
C ILE B 27 7.14 4.93 28.24
N ARG B 28 7.69 4.92 27.03
CA ARG B 28 7.37 3.88 26.06
C ARG B 28 7.89 2.53 26.54
N LYS B 29 7.07 1.50 26.38
CA LYS B 29 7.42 0.17 26.89
C LYS B 29 8.57 -0.42 26.12
N ILE B 30 8.50 -0.39 24.79
CA ILE B 30 9.47 -1.11 23.96
C ILE B 30 10.86 -0.52 24.04
N ASP B 31 11.03 0.66 24.62
CA ASP B 31 12.33 1.29 24.75
C ASP B 31 13.01 0.95 26.08
N LEU B 32 12.39 0.12 26.91
CA LEU B 32 13.03 -0.28 28.16
C LEU B 32 14.27 -1.14 27.92
N LYS B 33 14.40 -1.76 26.75
CA LYS B 33 15.59 -2.53 26.45
C LYS B 33 16.82 -1.64 26.38
N HIS B 34 16.65 -0.35 26.09
CA HIS B 34 17.78 0.57 26.07
C HIS B 34 18.31 0.82 27.47
N VAL B 35 17.43 0.84 28.47
CA VAL B 35 17.85 1.09 29.84
C VAL B 35 18.72 -0.04 30.35
N PHE B 36 18.27 -1.29 30.17
CA PHE B 36 18.95 -2.45 30.73
C PHE B 36 20.08 -2.95 29.84
N GLU B 37 20.61 -2.10 28.96
CA GLU B 37 21.73 -2.45 28.08
C GLU B 37 21.42 -3.70 27.26
N TYR B 38 20.24 -3.69 26.62
CA TYR B 38 19.80 -4.72 25.69
C TYR B 38 19.72 -6.10 26.35
N ASP B 39 19.51 -6.14 27.67
CA ASP B 39 19.51 -7.41 28.38
C ASP B 39 18.24 -8.21 28.08
N TYR B 40 17.08 -7.57 28.13
CA TYR B 40 15.79 -8.21 27.92
C TYR B 40 15.09 -7.57 26.73
N HIS B 41 13.83 -7.98 26.54
CA HIS B 41 13.02 -7.45 25.44
C HIS B 41 11.57 -7.38 25.90
N PHE B 42 11.03 -6.17 25.98
CA PHE B 42 9.64 -5.95 26.36
C PHE B 42 8.78 -5.97 25.11
N GLU B 43 7.99 -7.03 24.94
CA GLU B 43 7.06 -7.07 23.83
C GLU B 43 5.93 -6.07 24.06
N VAL B 44 5.36 -5.60 22.96
CA VAL B 44 4.34 -4.55 23.03
C VAL B 44 3.14 -5.01 23.82
N ASN B 45 2.91 -6.32 23.91
CA ASN B 45 1.85 -6.86 24.72
C ASN B 45 2.05 -6.59 26.21
N GLY B 46 3.28 -6.71 26.72
CA GLY B 46 3.56 -6.50 28.12
C GLY B 46 4.38 -7.60 28.76
N THR B 47 4.64 -8.69 28.07
CA THR B 47 5.46 -9.78 28.57
C THR B 47 6.94 -9.48 28.34
N VAL B 48 7.79 -10.41 28.78
CA VAL B 48 9.24 -10.28 28.64
C VAL B 48 9.84 -11.64 28.30
N VAL B 49 10.91 -11.62 27.49
CA VAL B 49 11.70 -12.81 27.17
C VAL B 49 13.17 -12.45 27.26
N ARG B 50 14.01 -13.45 27.45
CA ARG B 50 15.44 -13.25 27.63
C ARG B 50 16.12 -13.06 26.28
N HIS B 51 16.96 -12.03 26.18
CA HIS B 51 17.66 -11.75 24.93
C HIS B 51 19.18 -11.82 25.06
N LYS B 52 19.76 -11.08 26.00
CA LYS B 52 21.22 -11.00 26.14
C LYS B 52 21.61 -11.16 27.61
N ASN B 53 21.07 -12.19 28.25
CA ASN B 53 21.33 -12.47 29.65
C ASN B 53 22.08 -13.79 29.79
N LYS B 54 23.17 -13.78 30.56
CA LYS B 54 23.94 -14.97 30.82
C LYS B 54 24.05 -15.28 32.32
N GLY B 55 23.27 -14.60 33.15
CA GLY B 55 23.34 -14.81 34.58
C GLY B 55 21.99 -14.91 35.25
N PHE B 56 21.87 -14.36 36.45
CA PHE B 56 20.62 -14.43 37.20
C PHE B 56 19.53 -13.62 36.52
N GLY B 57 18.33 -14.19 36.48
CA GLY B 57 17.16 -13.51 35.94
C GLY B 57 16.51 -12.58 36.96
N TYR B 58 17.09 -11.40 37.16
CA TYR B 58 16.57 -10.49 38.18
C TYR B 58 15.14 -10.07 37.89
N MET B 59 14.82 -9.81 36.62
CA MET B 59 13.43 -9.52 36.27
C MET B 59 12.53 -10.70 36.57
N GLU B 60 13.01 -11.92 36.28
CA GLU B 60 12.25 -13.12 36.64
C GLU B 60 12.06 -13.22 38.14
N ARG B 61 13.09 -12.86 38.91
CA ARG B 61 13.00 -12.90 40.35
C ARG B 61 11.95 -11.91 40.86
N PHE B 62 11.94 -10.69 40.32
CA PHE B 62 10.92 -9.73 40.72
C PHE B 62 9.52 -10.22 40.34
N PHE B 63 9.39 -10.80 39.14
CA PHE B 63 8.09 -11.28 38.71
C PHE B 63 7.58 -12.39 39.63
N GLU B 64 8.46 -13.31 40.04
CA GLU B 64 8.02 -14.39 40.91
C GLU B 64 7.79 -13.91 42.34
N LEU B 65 8.47 -12.84 42.75
CA LEU B 65 8.15 -12.22 44.04
C LEU B 65 6.78 -11.55 44.00
N LYS B 66 6.42 -10.99 42.84
CA LYS B 66 5.16 -10.26 42.72
C LYS B 66 3.96 -11.16 43.00
N GLU B 67 3.96 -12.37 42.47
CA GLU B 67 2.84 -13.29 42.63
C GLU B 67 2.89 -14.06 43.93
N SER B 68 3.95 -13.92 44.71
CA SER B 68 4.09 -14.61 46.00
C SER B 68 3.84 -13.59 47.11
N CYS B 69 2.69 -13.68 47.75
CA CYS B 69 2.35 -12.75 48.82
C CYS B 69 3.24 -12.96 50.03
N ASP B 70 3.60 -14.20 50.32
CA ASP B 70 4.45 -14.49 51.48
C ASP B 70 5.83 -13.86 51.33
N GLU B 71 6.43 -13.99 50.15
CA GLU B 71 7.78 -13.47 49.95
C GLU B 71 7.82 -11.95 49.97
N ARG B 72 6.69 -11.30 49.64
CA ARG B 72 6.63 -9.84 49.73
C ARG B 72 6.80 -9.35 51.15
N SER B 73 6.46 -10.19 52.13
CA SER B 73 6.59 -9.84 53.54
C SER B 73 7.97 -10.14 54.10
N LYS B 74 8.87 -10.69 53.30
CA LYS B 74 10.21 -11.06 53.75
C LYS B 74 11.25 -9.97 53.49
N LEU B 75 10.82 -8.71 53.47
CA LEU B 75 11.73 -7.60 53.17
C LEU B 75 11.62 -6.54 54.27
N SER B 76 12.66 -5.72 54.36
CA SER B 76 12.68 -4.60 55.27
C SER B 76 11.60 -3.58 54.89
N LYS B 77 11.30 -2.67 55.82
CA LYS B 77 10.30 -1.64 55.54
C LYS B 77 10.76 -0.73 54.41
N LYS B 78 12.04 -0.36 54.40
CA LYS B 78 12.58 0.44 53.31
C LYS B 78 12.51 -0.35 52.00
N GLN B 79 12.88 -1.63 52.04
CA GLN B 79 12.79 -2.46 50.84
C GLN B 79 11.34 -2.65 50.42
N TYR B 80 10.43 -2.72 51.40
CA TYR B 80 9.01 -2.78 51.07
C TYR B 80 8.56 -1.51 50.35
N GLU B 81 9.03 -0.36 50.78
CA GLU B 81 8.69 0.89 50.11
C GLU B 81 9.25 0.93 48.69
N ARG B 82 10.51 0.50 48.51
CA ARG B 82 11.07 0.46 47.15
C ARG B 82 10.26 -0.47 46.27
N PHE B 83 9.89 -1.65 46.79
CA PHE B 83 9.14 -2.60 45.99
C PHE B 83 7.76 -2.06 45.64
N ASN B 84 7.14 -1.32 46.57
CA ASN B 84 5.85 -0.71 46.30
C ASN B 84 5.95 0.34 45.19
N ALA B 85 7.01 1.16 45.24
CA ALA B 85 7.21 2.15 44.19
C ALA B 85 7.44 1.49 42.85
N LEU B 86 8.25 0.41 42.83
CA LEU B 86 8.46 -0.35 41.60
C LEU B 86 7.15 -0.92 41.07
N PHE B 87 6.32 -1.46 41.96
CA PHE B 87 5.04 -2.03 41.55
C PHE B 87 4.14 -0.98 40.94
N ASN B 88 4.06 0.20 41.58
CA ASN B 88 3.22 1.25 41.03
C ASN B 88 3.72 1.72 39.67
N PHE B 89 5.03 1.87 39.52
CA PHE B 89 5.59 2.26 38.23
C PHE B 89 5.32 1.21 37.16
N PHE B 90 5.47 -0.07 37.50
CA PHE B 90 5.28 -1.14 36.52
C PHE B 90 3.82 -1.26 36.12
N GLU B 91 2.90 -1.07 37.07
CA GLU B 91 1.49 -1.08 36.74
C GLU B 91 1.11 0.12 35.87
N LYS B 92 1.61 1.31 36.19
CA LYS B 92 1.29 2.49 35.37
C LYS B 92 1.86 2.35 33.97
N ASN B 93 3.10 1.85 33.85
CA ASN B 93 3.70 1.68 32.54
C ASN B 93 2.93 0.70 31.67
N GLY B 94 2.41 -0.38 32.27
CA GLY B 94 1.60 -1.34 31.55
C GLY B 94 2.11 -2.77 31.57
N VAL B 95 3.33 -3.01 32.05
CA VAL B 95 3.84 -4.38 32.09
C VAL B 95 3.05 -5.19 33.11
N ILE B 96 2.81 -6.46 32.80
CA ILE B 96 1.93 -7.28 33.62
C ILE B 96 2.66 -8.50 34.18
N CYS B 97 3.23 -9.33 33.32
CA CYS B 97 3.84 -10.58 33.78
C CYS B 97 4.83 -11.09 32.72
N MET B 98 5.29 -12.32 32.91
CA MET B 98 6.25 -12.94 32.01
C MET B 98 5.54 -13.55 30.80
N ALA B 99 6.34 -13.87 29.77
CA ALA B 99 5.82 -14.47 28.56
C ALA B 99 5.54 -15.96 28.73
N LYS B 100 6.39 -16.69 29.45
CA LYS B 100 6.23 -18.14 29.56
C LYS B 100 5.02 -18.52 30.40
N ASP B 101 4.46 -17.58 31.16
CA ASP B 101 3.25 -17.83 31.95
C ASP B 101 2.11 -16.92 31.55
N ALA B 102 2.27 -16.14 30.47
CA ALA B 102 1.24 -15.18 30.08
C ALA B 102 0.01 -15.92 29.56
N GLY B 103 -1.15 -15.62 30.14
CA GLY B 103 -2.39 -16.19 29.67
C GLY B 103 -3.16 -15.21 28.81
N THR B 104 -4.35 -14.83 29.26
CA THR B 104 -5.13 -13.81 28.58
C THR B 104 -4.83 -12.46 29.23
N LEU B 105 -4.34 -11.51 28.42
CA LEU B 105 -3.97 -10.19 28.91
C LEU B 105 -4.86 -9.13 28.28
N ASN B 106 -5.17 -8.10 29.06
CA ASN B 106 -6.02 -6.99 28.62
C ASN B 106 -5.29 -5.69 28.93
N THR B 107 -4.47 -5.23 27.98
CA THR B 107 -3.72 -3.99 28.16
C THR B 107 -4.65 -2.78 28.12
N SER B 108 -4.32 -1.77 28.91
CA SER B 108 -5.14 -0.57 29.05
C SER B 108 -4.49 0.61 28.34
N ILE B 109 -5.32 1.43 27.71
CA ILE B 109 -4.88 2.64 27.02
C ILE B 109 -5.68 3.82 27.56
N GLU B 110 -4.98 4.86 28.00
CA GLU B 110 -5.65 6.03 28.54
C GLU B 110 -4.77 7.25 28.31
N ILE B 111 -5.41 8.36 27.91
CA ILE B 111 -4.75 9.63 27.66
C ILE B 111 -5.38 10.68 28.55
N ASN B 112 -4.56 11.40 29.30
CA ASN B 112 -5.05 12.36 30.28
C ASN B 112 -4.73 13.80 29.95
N SER B 113 -4.00 14.07 28.88
CA SER B 113 -3.60 15.43 28.55
C SER B 113 -4.81 16.26 28.16
N LEU B 114 -4.93 17.43 28.76
CA LEU B 114 -6.03 18.33 28.42
C LEU B 114 -5.90 18.87 26.99
N ALA B 115 -4.70 18.85 26.42
CA ALA B 115 -4.53 19.30 25.04
C ALA B 115 -5.20 18.34 24.07
N TYR B 116 -5.15 17.04 24.36
CA TYR B 116 -5.78 16.06 23.49
C TYR B 116 -7.29 16.22 23.45
N HIS B 117 -7.91 16.45 24.61
CA HIS B 117 -9.37 16.48 24.67
C HIS B 117 -9.97 17.75 24.09
N GLY B 118 -9.14 18.74 23.75
CA GLY B 118 -9.65 19.97 23.17
C GLY B 118 -10.48 20.80 24.12
N LYS B 119 -10.07 20.87 25.39
CA LYS B 119 -10.75 21.66 26.40
C LYS B 119 -10.00 22.98 26.54
N TYR B 120 -10.35 23.94 25.67
CA TYR B 120 -9.59 25.17 25.60
C TYR B 120 -9.92 26.15 26.72
N ASP B 121 -11.19 26.24 27.13
CA ASP B 121 -11.56 27.20 28.17
C ASP B 121 -10.94 26.83 29.51
N VAL B 122 -11.01 25.56 29.89
CA VAL B 122 -10.38 25.11 31.14
C VAL B 122 -8.87 25.33 31.07
N MET B 123 -8.28 25.11 29.90
CA MET B 123 -6.85 25.33 29.74
C MET B 123 -6.48 26.80 29.93
N LYS B 124 -7.30 27.71 29.40
CA LYS B 124 -7.08 29.13 29.63
C LYS B 124 -7.18 29.47 31.10
N LYS B 125 -8.18 28.94 31.78
CA LYS B 125 -8.34 29.20 33.21
C LYS B 125 -7.15 28.70 34.00
N PHE B 126 -6.65 27.50 33.66
CA PHE B 126 -5.44 26.97 34.29
C PHE B 126 -4.23 27.85 34.00
N ILE B 127 -4.16 28.40 32.80
CA ILE B 127 -3.03 29.23 32.41
C ILE B 127 -3.01 30.51 33.26
N GLU B 128 -4.18 31.11 33.48
CA GLU B 128 -4.23 32.35 34.25
C GLU B 128 -3.90 32.19 35.73
N GLU B 129 -3.90 30.96 36.25
CA GLU B 129 -3.62 30.75 37.67
C GLU B 129 -2.14 31.00 37.96
N GLN B 130 -1.84 31.20 39.25
CA GLN B 130 -0.46 31.43 39.67
C GLN B 130 0.32 30.11 39.66
N SER B 131 1.57 30.17 39.20
CA SER B 131 2.41 28.99 39.14
C SER B 131 2.82 28.54 40.53
N VAL B 132 3.20 27.27 40.63
CA VAL B 132 3.64 26.69 41.89
C VAL B 132 5.05 26.14 41.75
N SER B 133 5.25 25.20 40.84
CA SER B 133 6.53 24.52 40.65
C SER B 133 6.99 24.69 39.21
N ILE B 134 8.18 24.13 38.93
CA ILE B 134 8.73 24.21 37.59
C ILE B 134 7.95 23.33 36.62
N GLU B 135 7.44 22.18 37.09
CA GLU B 135 6.62 21.33 36.23
C GLU B 135 5.34 22.03 35.83
N ASP B 136 4.77 22.81 36.74
CA ASP B 136 3.61 23.62 36.40
C ASP B 136 3.96 24.61 35.29
N ASP B 137 5.15 25.21 35.37
CA ASP B 137 5.57 26.14 34.32
C ASP B 137 5.70 25.41 32.98
N TYR B 138 6.21 24.18 33.00
CA TYR B 138 6.29 23.40 31.77
C TYR B 138 4.90 23.16 31.19
N LYS B 139 3.93 22.83 32.04
CA LYS B 139 2.56 22.63 31.57
C LYS B 139 1.97 23.90 30.97
N LYS B 140 2.16 25.05 31.65
CA LYS B 140 1.61 26.29 31.10
C LYS B 140 2.28 26.66 29.79
N ALA B 141 3.58 26.38 29.67
CA ALA B 141 4.26 26.65 28.41
C ALA B 141 3.66 25.82 27.28
N PHE B 142 3.41 24.54 27.54
CA PHE B 142 2.80 23.69 26.52
C PHE B 142 1.40 24.20 26.16
N PHE B 143 0.61 24.58 27.17
CA PHE B 143 -0.74 25.04 26.91
C PHE B 143 -0.76 26.33 26.10
N LEU B 144 0.14 27.27 26.44
CA LEU B 144 0.27 28.50 25.67
C LEU B 144 0.70 28.21 24.25
N ALA B 145 1.60 27.24 24.06
CA ALA B 145 2.02 26.86 22.71
C ALA B 145 0.84 26.34 21.90
N CYS B 146 -0.02 25.53 22.52
CA CYS B 146 -1.13 24.95 21.77
C CYS B 146 -2.23 25.97 21.49
N LEU B 147 -2.26 27.08 22.22
CA LEU B 147 -3.31 28.08 22.09
C LEU B 147 -3.02 29.15 21.05
N GLY B 148 -1.90 29.08 20.34
CA GLY B 148 -1.57 30.09 19.37
C GLY B 148 -0.89 31.33 19.91
N ARG B 149 -0.52 31.33 21.19
CA ARG B 149 0.24 32.44 21.77
C ARG B 149 1.72 32.04 21.88
N TRP B 150 2.32 31.90 20.70
CA TRP B 150 3.74 31.58 20.54
C TRP B 150 4.66 32.69 21.02
N GLU B 151 4.15 33.90 21.23
CA GLU B 151 5.01 34.97 21.71
C GLU B 151 5.43 34.75 23.15
N GLU B 152 4.46 34.54 24.04
CA GLU B 152 4.79 34.33 25.45
C GLU B 152 5.33 32.94 25.74
N SER B 153 5.10 31.97 24.85
CA SER B 153 5.62 30.63 25.09
C SER B 153 7.14 30.63 25.09
N TYR B 154 7.75 31.34 24.14
CA TYR B 154 9.20 31.48 24.14
C TYR B 154 9.69 32.13 25.43
N ASP B 155 9.00 33.18 25.88
CA ASP B 155 9.44 33.86 27.10
C ASP B 155 9.40 32.93 28.31
N LEU B 156 8.31 32.17 28.46
CA LEU B 156 8.21 31.26 29.58
C LEU B 156 9.27 30.16 29.50
N TYR B 157 9.53 29.64 28.31
CA TYR B 157 10.54 28.61 28.15
C TYR B 157 11.93 29.15 28.48
N SER B 158 12.20 30.40 28.09
CA SER B 158 13.48 31.01 28.43
C SER B 158 13.62 31.16 29.95
N ASN B 159 12.54 31.57 30.62
CA ASN B 159 12.60 31.71 32.07
C ASN B 159 12.90 30.36 32.74
N ILE B 160 12.21 29.30 32.32
CA ILE B 160 12.45 28.01 32.96
C ILE B 160 13.85 27.51 32.64
N ILE B 161 14.34 27.75 31.42
CA ILE B 161 15.69 27.29 31.10
C ILE B 161 16.73 28.09 31.89
N LEU B 162 16.41 29.33 32.26
CA LEU B 162 17.34 30.08 33.10
C LEU B 162 17.30 29.63 34.56
N ASN B 163 16.14 29.19 35.04
CA ASN B 163 16.00 28.78 36.43
C ASN B 163 16.15 27.27 36.62
N SER B 164 16.50 26.53 35.57
CA SER B 164 16.46 25.07 35.65
C SER B 164 17.57 24.51 36.54
N ILE B 165 18.78 25.05 36.42
CA ILE B 165 19.93 24.48 37.10
C ILE B 165 19.84 24.63 38.62
N ASP B 166 19.04 25.57 39.12
CA ASP B 166 18.96 25.80 40.55
C ASP B 166 18.38 24.59 41.29
N GLU B 167 17.34 23.98 40.75
CA GLU B 167 16.67 22.87 41.42
C GLU B 167 17.32 21.52 41.17
N SER B 168 18.41 21.49 40.39
CA SER B 168 19.14 20.25 40.09
C SER B 168 18.22 19.22 39.44
N ASN B 169 17.36 19.69 38.54
CA ASN B 169 16.54 18.83 37.70
C ASN B 169 17.20 18.67 36.34
N GLY B 170 17.16 17.46 35.81
CA GLY B 170 17.80 17.21 34.53
C GLY B 170 16.83 17.14 33.36
N CYS B 171 15.66 16.55 33.60
CA CYS B 171 14.71 16.32 32.51
C CYS B 171 14.15 17.64 31.98
N VAL B 172 13.89 18.60 32.87
CA VAL B 172 13.22 19.83 32.48
C VAL B 172 14.11 20.66 31.55
N TYR B 173 15.42 20.67 31.79
CA TYR B 173 16.32 21.44 30.94
C TYR B 173 16.33 20.90 29.52
N TYR B 174 16.50 19.58 29.37
CA TYR B 174 16.51 18.94 28.06
C TYR B 174 15.19 19.17 27.33
N LEU B 175 14.08 18.91 28.01
CA LEU B 175 12.77 19.03 27.36
C LEU B 175 12.47 20.49 26.98
N SER B 176 12.81 21.43 27.86
CA SER B 176 12.58 22.83 27.57
C SER B 176 13.39 23.29 26.37
N GLN B 177 14.65 22.86 26.28
CA GLN B 177 15.47 23.24 25.13
C GLN B 177 14.89 22.69 23.84
N ILE B 178 14.45 21.43 23.85
CA ILE B 178 13.90 20.84 22.64
C ILE B 178 12.66 21.59 22.20
N ASN B 179 11.77 21.88 23.16
CA ASN B 179 10.55 22.61 22.83
C ASN B 179 10.87 24.00 22.30
N ARG B 180 11.91 24.64 22.85
CA ARG B 180 12.35 25.93 22.34
C ARG B 180 12.72 25.84 20.87
N TYR B 181 13.50 24.82 20.51
CA TYR B 181 13.91 24.68 19.12
C TYR B 181 12.71 24.47 18.20
N ARG B 182 11.79 23.59 18.58
CA ARG B 182 10.63 23.36 17.72
C ARG B 182 9.76 24.60 17.59
N ILE B 183 9.55 25.32 18.69
CA ILE B 183 8.70 26.51 18.62
C ILE B 183 9.36 27.59 17.76
N TYR B 184 10.69 27.70 17.81
CA TYR B 184 11.40 28.63 16.93
C TYR B 184 11.23 28.25 15.47
N GLN B 185 11.41 26.97 15.16
CA GLN B 185 11.23 26.51 13.79
C GLN B 185 9.84 26.85 13.29
N SER B 186 8.83 26.62 14.13
CA SER B 186 7.45 26.85 13.73
C SER B 186 7.17 28.33 13.51
N ILE B 187 7.75 29.19 14.35
CA ILE B 187 7.58 30.64 14.17
C ILE B 187 8.20 31.08 12.85
N THR B 188 9.41 30.60 12.56
CA THR B 188 10.09 30.98 11.33
C THR B 188 9.30 30.52 10.10
N GLN B 189 8.86 29.27 10.10
CA GLN B 189 8.09 28.78 8.95
C GLN B 189 6.77 29.52 8.83
N ALA B 190 6.17 29.90 9.96
CA ALA B 190 4.91 30.63 9.91
C ALA B 190 5.09 31.99 9.23
N VAL B 191 6.11 32.75 9.64
CA VAL B 191 6.29 34.07 9.05
C VAL B 191 6.71 33.96 7.58
N THR B 192 7.55 32.96 7.25
CA THR B 192 7.95 32.78 5.86
C THR B 192 6.76 32.43 4.98
N GLN B 193 5.93 31.49 5.42
CA GLN B 193 4.77 31.09 4.63
C GLN B 193 3.75 32.21 4.56
N PHE B 194 3.64 33.00 5.63
CA PHE B 194 2.83 34.21 5.60
C PHE B 194 3.25 35.10 4.45
N ASN B 195 4.47 35.63 4.52
CA ASN B 195 4.99 36.53 3.50
C ASN B 195 4.96 35.91 2.11
N GLY B 196 5.03 34.58 2.01
CA GLY B 196 5.01 33.91 0.73
C GLY B 196 3.64 33.86 0.08
N LEU B 197 2.66 33.26 0.76
CA LEU B 197 1.37 33.01 0.14
C LEU B 197 0.16 33.51 0.92
N GLY B 198 0.31 33.82 2.22
CA GLY B 198 -0.84 34.33 2.95
C GLY B 198 -1.30 35.67 2.46
N LEU B 199 -0.42 36.42 1.77
CA LEU B 199 -0.83 37.68 1.17
C LEU B 199 -1.91 37.46 0.13
N LEU B 200 -1.74 36.43 -0.70
CA LEU B 200 -2.78 36.09 -1.67
C LEU B 200 -3.97 35.40 -1.00
N THR B 201 -3.70 34.53 -0.03
CA THR B 201 -4.75 33.76 0.62
C THR B 201 -5.73 34.64 1.41
N PHE B 202 -5.24 35.28 2.48
CA PHE B 202 -6.13 36.05 3.34
C PHE B 202 -6.47 37.42 2.78
N GLY B 203 -5.72 37.91 1.80
CA GLY B 203 -5.97 39.20 1.20
C GLY B 203 -5.25 40.36 1.85
N ARG B 204 -4.55 40.13 2.96
CA ARG B 204 -3.81 41.18 3.65
C ARG B 204 -2.47 40.64 4.12
N HIS B 205 -1.56 41.55 4.44
CA HIS B 205 -0.25 41.18 4.99
C HIS B 205 -0.35 41.19 6.52
N TYR B 206 -0.65 40.03 7.09
CA TYR B 206 -0.83 39.92 8.53
C TYR B 206 0.54 39.83 9.21
N LYS B 207 0.78 40.73 10.17
CA LYS B 207 2.02 40.72 10.93
C LYS B 207 1.70 40.59 12.42
N PRO B 208 1.60 39.36 12.95
CA PRO B 208 1.29 39.20 14.37
C PRO B 208 2.50 39.16 15.28
N PHE B 209 3.71 39.33 14.76
CA PHE B 209 4.92 39.30 15.55
C PHE B 209 5.74 40.55 15.29
N THR B 210 6.25 41.17 16.35
CA THR B 210 7.04 42.38 16.23
C THR B 210 8.44 42.05 15.72
N ASP B 211 9.06 42.99 15.01
CA ASP B 211 10.32 42.73 14.34
C ASP B 211 11.45 42.46 15.33
N GLU B 212 11.42 43.11 16.49
CA GLU B 212 12.49 42.89 17.47
C GLU B 212 12.51 41.46 17.98
N PHE B 213 11.34 40.84 18.14
CA PHE B 213 11.30 39.43 18.52
C PHE B 213 11.98 38.57 17.47
N LEU B 214 11.70 38.85 16.19
CA LEU B 214 12.34 38.09 15.13
C LEU B 214 13.84 38.29 15.14
N ALA B 215 14.30 39.52 15.38
CA ALA B 215 15.73 39.79 15.46
C ALA B 215 16.36 38.98 16.60
N ARG B 216 15.72 38.98 17.77
CA ARG B 216 16.27 38.27 18.91
C ARG B 216 16.31 36.76 18.66
N ILE B 217 15.24 36.19 18.11
CA ILE B 217 15.22 34.75 17.88
C ILE B 217 16.24 34.38 16.83
N GLU B 218 16.51 35.27 15.88
CA GLU B 218 17.57 35.01 14.92
C GLU B 218 18.94 35.10 15.57
N ARG B 219 19.13 36.02 16.52
CA ARG B 219 20.46 36.20 17.12
C ARG B 219 20.82 35.06 18.07
N GLU B 220 19.88 34.67 18.94
CA GLU B 220 20.24 33.81 20.07
C GLU B 220 20.75 32.45 19.61
N MET B 221 20.18 31.92 18.54
CA MET B 221 20.36 30.54 18.11
C MET B 221 20.65 30.43 16.62
N THR B 222 21.60 31.24 16.14
CA THR B 222 22.04 31.13 14.75
C THR B 222 22.73 29.80 14.50
N ASN B 223 23.58 29.37 15.42
CA ASN B 223 24.39 28.17 15.25
C ASN B 223 23.97 27.06 16.21
N PHE B 224 22.67 26.87 16.41
CA PHE B 224 22.15 25.75 17.19
C PHE B 224 22.21 24.48 16.36
N ASN B 225 22.95 23.48 16.84
CA ASN B 225 22.99 22.17 16.21
C ASN B 225 22.38 21.18 17.18
N ILE B 226 21.26 20.58 16.79
CA ILE B 226 20.41 19.86 17.73
C ILE B 226 20.96 18.48 18.08
N ASP B 227 21.74 17.86 17.19
CA ASP B 227 22.20 16.50 17.44
C ASP B 227 23.20 16.42 18.59
N ASP B 228 23.84 17.53 18.95
CA ASP B 228 24.86 17.53 19.99
C ASP B 228 24.30 17.82 21.37
N LEU B 229 22.99 18.09 21.47
CA LEU B 229 22.41 18.48 22.75
C LEU B 229 22.52 17.37 23.79
N PHE B 230 22.31 16.12 23.38
CA PHE B 230 22.46 15.00 24.32
C PHE B 230 23.93 14.74 24.61
N ASN B 231 24.77 14.71 23.59
CA ASN B 231 26.15 14.30 23.77
C ASN B 231 26.98 15.30 24.57
N GLY B 232 26.69 16.60 24.49
CA GLY B 232 27.57 17.62 25.06
C GLY B 232 27.30 17.96 26.51
N MET B 233 26.27 17.37 27.06
CA MET B 233 25.84 17.75 28.39
C MET B 233 26.08 16.63 29.40
N PRO B 234 26.30 16.97 30.73
CA PRO B 234 26.99 16.05 31.66
C PRO B 234 26.59 14.58 31.65
N PHE B 235 27.52 13.79 32.21
CA PHE B 235 27.54 12.34 32.02
C PHE B 235 26.45 11.62 32.83
N GLU B 236 26.04 12.17 33.96
CA GLU B 236 25.03 11.46 34.77
C GLU B 236 23.72 11.32 34.00
N PHE B 237 23.35 12.35 33.24
CA PHE B 237 22.24 12.25 32.31
C PHE B 237 22.54 11.23 31.21
N GLN B 238 23.78 11.22 30.71
CA GLN B 238 24.16 10.29 29.66
C GLN B 238 24.08 8.83 30.11
N LYS B 239 24.19 8.56 31.41
CA LYS B 239 24.11 7.19 31.90
C LYS B 239 22.75 6.83 32.50
N LYS B 240 21.96 7.81 32.95
CA LYS B 240 20.69 7.52 33.60
C LYS B 240 19.53 7.47 32.62
N TYR B 241 19.33 8.56 31.88
CA TYR B 241 18.17 8.76 31.02
C TYR B 241 18.47 8.38 29.57
N LYS B 242 19.22 7.30 29.34
CA LYS B 242 19.58 6.93 27.98
C LYS B 242 18.35 6.62 27.13
N ILE B 243 17.20 6.40 27.75
CA ILE B 243 15.96 6.20 27.00
C ILE B 243 15.57 7.45 26.23
N LEU B 244 15.83 8.63 26.79
CA LEU B 244 15.41 9.88 26.15
C LEU B 244 16.39 10.39 25.10
N GLU B 245 17.30 9.54 24.61
CA GLU B 245 18.24 10.00 23.60
C GLU B 245 17.56 10.28 22.27
N PHE B 246 16.54 9.50 21.91
CA PHE B 246 16.01 9.58 20.56
C PHE B 246 15.25 10.88 20.30
N LEU B 247 14.81 11.57 21.35
CA LEU B 247 14.06 12.81 21.18
C LEU B 247 14.90 13.91 20.54
N SER B 248 16.23 13.80 20.60
CA SER B 248 17.09 14.85 20.07
C SER B 248 17.09 14.82 18.55
N ASP B 249 17.56 13.73 17.96
CA ASP B 249 17.68 13.65 16.50
C ASP B 249 16.31 13.42 15.88
N ASN B 250 16.28 13.22 14.57
CA ASN B 250 15.03 13.03 13.83
C ASN B 250 14.67 11.57 13.65
N GLN B 251 15.52 10.63 14.09
CA GLN B 251 15.26 9.21 13.90
C GLN B 251 14.04 8.73 14.69
N PHE B 252 13.58 9.52 15.67
CA PHE B 252 12.43 9.12 16.47
C PHE B 252 11.15 9.05 15.65
N LEU B 253 11.10 9.69 14.49
CA LEU B 253 10.00 9.50 13.55
C LEU B 253 10.42 8.75 12.30
N TYR B 254 11.65 8.23 12.25
CA TYR B 254 12.09 7.35 11.17
C TYR B 254 11.97 5.88 11.53
N ASP B 255 12.38 5.50 12.74
CA ASP B 255 12.29 4.08 13.13
C ASP B 255 10.85 3.60 13.12
N ASP B 256 9.95 4.38 13.71
CA ASP B 256 8.55 3.99 13.75
C ASP B 256 7.95 3.93 12.35
N THR B 257 8.32 4.89 11.50
CA THR B 257 7.77 4.90 10.14
C THR B 257 8.23 3.68 9.36
N VAL B 258 9.50 3.30 9.50
CA VAL B 258 9.99 2.12 8.79
C VAL B 258 9.32 0.85 9.32
N LYS B 259 9.13 0.74 10.64
CA LYS B 259 8.45 -0.42 11.17
C LYS B 259 7.02 -0.51 10.69
N LEU B 260 6.32 0.64 10.64
CA LEU B 260 4.96 0.64 10.11
C LEU B 260 4.94 0.28 8.64
N PHE B 261 5.95 0.69 7.89
CA PHE B 261 6.04 0.32 6.48
C PHE B 261 6.18 -1.19 6.32
N GLU B 262 7.03 -1.81 7.14
CA GLU B 262 7.18 -3.26 7.09
C GLU B 262 5.88 -3.97 7.47
N LEU B 263 5.22 -3.51 8.53
CA LEU B 263 3.98 -4.16 8.95
C LEU B 263 2.87 -3.96 7.92
N THR B 264 2.83 -2.79 7.27
CA THR B 264 1.86 -2.57 6.20
C THR B 264 2.09 -3.51 5.04
N ASN B 265 3.36 -3.72 4.67
CA ASN B 265 3.66 -4.68 3.63
C ASN B 265 3.19 -6.07 4.02
N LYS B 266 3.43 -6.47 5.27
CA LYS B 266 3.01 -7.79 5.72
C LYS B 266 1.49 -7.94 5.68
N VAL B 267 0.77 -6.93 6.16
CA VAL B 267 -0.69 -7.00 6.18
C VAL B 267 -1.25 -7.05 4.76
N ARG B 268 -0.69 -6.23 3.86
CA ARG B 268 -1.15 -6.26 2.47
C ARG B 268 -0.88 -7.61 1.82
N SER B 269 0.28 -8.20 2.10
CA SER B 269 0.58 -9.52 1.56
C SER B 269 -0.39 -10.57 2.09
N GLU B 270 -0.72 -10.51 3.37
CA GLU B 270 -1.64 -11.47 3.96
C GLU B 270 -3.07 -11.26 3.48
N MET B 271 -3.42 -10.04 3.06
CA MET B 271 -4.77 -9.78 2.57
C MET B 271 -5.04 -10.48 1.24
N SER B 272 -4.05 -10.55 0.35
CA SER B 272 -4.23 -11.06 -1.00
C SER B 272 -4.08 -12.56 -1.10
N GLU B 273 -3.80 -13.23 0.01
CA GLU B 273 -3.63 -14.68 0.04
C GLU B 273 -4.79 -15.39 0.69
N GLY B 274 -5.44 -14.78 1.67
CA GLY B 274 -6.47 -15.47 2.43
C GLY B 274 -5.95 -16.22 3.63
N SER B 275 -4.78 -15.87 4.12
CA SER B 275 -4.21 -16.53 5.29
C SER B 275 -5.01 -16.20 6.54
N TYR B 276 -5.01 -17.14 7.47
CA TYR B 276 -5.61 -16.95 8.79
C TYR B 276 -4.50 -16.87 9.83
N SER B 277 -4.49 -15.80 10.61
CA SER B 277 -3.43 -15.53 11.56
C SER B 277 -3.91 -15.82 12.97
N PHE B 278 -3.10 -16.56 13.73
CA PHE B 278 -3.39 -16.83 15.12
C PHE B 278 -2.58 -15.89 16.01
N GLY B 279 -2.95 -15.87 17.29
CA GLY B 279 -2.20 -15.06 18.25
C GLY B 279 -2.33 -13.58 17.96
N MET B 280 -1.24 -12.86 18.20
CA MET B 280 -1.22 -11.42 17.94
C MET B 280 -1.08 -11.17 16.45
N SER B 281 -2.12 -10.61 15.83
CA SER B 281 -2.08 -10.36 14.41
C SER B 281 -1.10 -9.23 14.10
N SER B 282 -0.91 -8.97 12.81
CA SER B 282 -0.04 -7.89 12.39
C SER B 282 -0.72 -6.52 12.40
N ASP B 283 -2.01 -6.46 12.73
CA ASP B 283 -2.70 -5.19 12.84
C ASP B 283 -2.85 -4.70 14.27
N ILE B 284 -2.89 -5.60 15.24
CA ILE B 284 -2.96 -5.20 16.64
C ILE B 284 -1.67 -4.49 17.05
N VAL B 285 -0.54 -4.92 16.52
CA VAL B 285 0.73 -4.28 16.85
C VAL B 285 0.72 -2.82 16.43
N VAL B 286 0.12 -2.53 15.28
CA VAL B 286 0.05 -1.15 14.81
C VAL B 286 -0.74 -0.28 15.78
N LEU B 287 -1.90 -0.77 16.21
CA LEU B 287 -2.74 -0.03 17.14
C LEU B 287 -2.02 0.21 18.47
N LEU B 288 -1.39 -0.84 19.01
CA LEU B 288 -0.69 -0.69 20.29
C LEU B 288 0.47 0.30 20.17
N ARG B 289 1.25 0.21 19.09
CA ARG B 289 2.37 1.11 18.91
C ARG B 289 1.90 2.55 18.78
N LEU B 290 0.84 2.78 18.00
CA LEU B 290 0.32 4.12 17.83
C LEU B 290 -0.15 4.70 19.15
N TYR B 291 -0.85 3.89 19.96
CA TYR B 291 -1.37 4.42 21.21
C TYR B 291 -0.24 4.72 22.21
N ASP B 292 0.78 3.86 22.25
CA ASP B 292 1.94 4.17 23.10
C ASP B 292 2.61 5.47 22.67
N ASN B 293 2.77 5.65 21.36
CA ASN B 293 3.41 6.87 20.87
C ASN B 293 2.59 8.10 21.23
N LEU B 294 1.26 8.03 21.07
CA LEU B 294 0.41 9.15 21.41
C LEU B 294 0.51 9.48 22.89
N ARG B 295 0.48 8.46 23.73
CA ARG B 295 0.59 8.70 25.17
C ARG B 295 1.91 9.37 25.51
N PHE B 296 3.01 8.91 24.91
CA PHE B 296 4.30 9.52 25.21
C PHE B 296 4.33 10.99 24.78
N LEU B 297 3.88 11.28 23.57
CA LEU B 297 4.04 12.64 23.07
C LEU B 297 2.94 13.59 23.53
N TYR B 298 1.91 13.11 24.23
CA TYR B 298 0.89 14.02 24.76
C TYR B 298 0.90 14.13 26.28
N GLU B 299 1.21 13.06 27.00
CA GLU B 299 1.22 13.16 28.46
C GLU B 299 2.40 14.00 28.94
N ASN B 300 3.55 13.88 28.28
CA ASN B 300 4.79 14.49 28.75
C ASN B 300 5.01 15.89 28.18
N CYS B 301 3.98 16.53 27.63
CA CYS B 301 4.01 17.94 27.25
C CYS B 301 5.13 18.24 26.24
N LEU B 302 4.99 17.68 25.04
CA LEU B 302 5.92 17.92 23.95
C LEU B 302 5.22 18.66 22.81
N TRP B 303 6.01 19.46 22.08
CA TRP B 303 5.48 20.27 21.00
C TRP B 303 5.65 19.65 19.62
N SER B 304 6.17 18.43 19.53
CA SER B 304 6.28 17.76 18.24
C SER B 304 4.96 17.23 17.74
N VAL B 305 3.84 17.66 18.32
CA VAL B 305 2.53 17.12 17.95
C VAL B 305 1.80 17.95 16.91
N SER B 306 2.31 19.14 16.58
CA SER B 306 1.69 20.00 15.58
C SER B 306 2.44 20.00 14.25
N PHE B 307 3.15 18.92 13.94
CA PHE B 307 3.99 18.86 12.76
C PHE B 307 3.40 17.90 11.72
N HIS B 308 3.94 17.98 10.51
CA HIS B 308 3.39 17.21 9.39
C HIS B 308 3.83 15.75 9.47
N GLU B 309 5.05 15.50 9.96
CA GLU B 309 5.56 14.13 9.99
C GLU B 309 4.71 13.22 10.87
N PHE B 310 4.31 13.71 12.04
CA PHE B 310 3.53 12.89 12.95
C PHE B 310 2.11 12.66 12.42
N HIS B 311 1.55 13.68 11.77
CA HIS B 311 0.24 13.53 11.13
C HIS B 311 0.29 12.45 10.06
N GLN B 312 1.38 12.40 9.29
CA GLN B 312 1.52 11.35 8.28
C GLN B 312 1.51 9.97 8.91
N TYR B 313 2.21 9.80 10.02
CA TYR B 313 2.26 8.52 10.72
C TYR B 313 0.87 8.09 11.17
N ILE B 314 0.14 8.99 11.83
CA ILE B 314 -1.19 8.62 12.31
C ILE B 314 -2.11 8.31 11.14
N ARG B 315 -2.03 9.10 10.06
CA ARG B 315 -2.86 8.85 8.89
C ARG B 315 -2.65 7.45 8.35
N ASN B 316 -1.38 7.07 8.15
CA ASN B 316 -1.09 5.77 7.56
C ASN B 316 -1.55 4.63 8.47
N SER B 317 -1.29 4.73 9.78
CA SER B 317 -1.70 3.65 10.68
C SER B 317 -3.21 3.47 10.65
N MET B 318 -3.96 4.57 10.76
CA MET B 318 -5.42 4.46 10.77
C MET B 318 -5.95 3.91 9.45
N SER B 319 -5.39 4.36 8.33
CA SER B 319 -5.86 3.87 7.04
C SER B 319 -5.63 2.36 6.90
N LEU B 320 -4.46 1.88 7.32
CA LEU B 320 -4.21 0.45 7.26
C LEU B 320 -5.19 -0.32 8.13
N LEU B 321 -5.48 0.18 9.33
CA LEU B 321 -6.41 -0.53 10.22
C LEU B 321 -7.80 -0.60 9.61
N ILE B 322 -8.29 0.52 9.03
CA ILE B 322 -9.63 0.50 8.44
C ILE B 322 -9.68 -0.41 7.22
N GLU B 323 -8.61 -0.43 6.43
CA GLU B 323 -8.56 -1.35 5.29
C GLU B 323 -8.68 -2.79 5.77
N LYS B 324 -7.95 -3.15 6.83
CA LYS B 324 -8.03 -4.50 7.35
C LYS B 324 -9.43 -4.82 7.85
N ALA B 325 -10.08 -3.86 8.52
CA ALA B 325 -11.43 -4.10 9.01
C ALA B 325 -12.40 -4.36 7.87
N GLU B 326 -12.32 -3.55 6.81
CA GLU B 326 -13.20 -3.75 5.67
C GLU B 326 -12.95 -5.10 4.99
N TYR B 327 -11.69 -5.51 4.87
CA TYR B 327 -11.45 -6.82 4.27
C TYR B 327 -12.00 -7.94 5.14
N GLU B 328 -11.78 -7.86 6.45
CA GLU B 328 -12.26 -8.89 7.35
C GLU B 328 -13.78 -8.96 7.39
N ARG B 329 -14.46 -7.87 7.05
CA ARG B 329 -15.93 -7.91 7.01
C ARG B 329 -16.43 -8.91 5.97
N THR B 330 -15.82 -8.94 4.80
CA THR B 330 -16.29 -9.76 3.70
C THR B 330 -15.19 -10.68 3.21
N ARG B 331 -15.37 -11.98 3.38
CA ARG B 331 -14.47 -12.98 2.82
C ARG B 331 -15.18 -14.34 2.86
N ASP B 332 -14.53 -15.34 2.29
CA ASP B 332 -15.10 -16.68 2.16
C ASP B 332 -14.31 -17.66 3.01
N ILE B 333 -15.03 -18.61 3.61
CA ILE B 333 -14.42 -19.67 4.40
C ILE B 333 -15.05 -21.00 4.01
N ASP B 334 -14.28 -22.07 4.08
CA ASP B 334 -14.84 -23.39 3.81
C ASP B 334 -15.54 -23.97 5.05
N GLU B 335 -14.77 -24.31 6.08
CA GLU B 335 -15.35 -24.79 7.33
C GLU B 335 -14.73 -24.15 8.56
N LEU B 336 -13.41 -23.96 8.54
CA LEU B 336 -12.66 -23.60 9.73
C LEU B 336 -12.22 -22.15 9.76
N GLY B 337 -12.66 -21.34 8.79
CA GLY B 337 -12.31 -19.92 8.82
C GLY B 337 -12.87 -19.22 10.03
N PHE B 338 -14.13 -19.52 10.38
CA PHE B 338 -14.72 -18.98 11.60
C PHE B 338 -14.30 -19.74 12.84
N SER B 339 -13.77 -20.95 12.69
CA SER B 339 -13.32 -21.72 13.85
C SER B 339 -12.15 -21.02 14.53
N PHE B 340 -11.18 -20.54 13.76
CA PHE B 340 -10.09 -19.78 14.31
C PHE B 340 -10.57 -18.39 14.69
N PHE B 341 -10.16 -17.93 15.87
CA PHE B 341 -10.61 -16.66 16.45
C PHE B 341 -12.10 -16.44 16.22
N GLY B 342 -12.93 -17.30 16.80
CA GLY B 342 -14.35 -17.28 16.52
C GLY B 342 -15.09 -16.10 17.10
N LYS B 343 -14.54 -14.91 16.88
CA LYS B 343 -15.14 -13.63 17.26
C LYS B 343 -14.35 -12.55 16.53
N LYS B 344 -14.85 -11.32 16.59
CA LYS B 344 -14.18 -10.22 15.95
C LYS B 344 -14.40 -8.95 16.76
N SER B 345 -13.34 -8.15 16.89
CA SER B 345 -13.49 -6.84 17.50
C SER B 345 -14.30 -5.92 16.61
N GLY B 346 -14.31 -6.18 15.31
CA GLY B 346 -15.08 -5.38 14.38
C GLY B 346 -14.58 -3.98 14.17
N PHE B 347 -13.42 -3.64 14.73
CA PHE B 347 -12.88 -2.28 14.70
C PHE B 347 -13.94 -1.27 15.12
N PHE B 348 -14.46 -1.48 16.34
CA PHE B 348 -15.39 -0.52 16.92
C PHE B 348 -14.68 0.81 17.12
N MET B 349 -15.01 1.80 16.29
CA MET B 349 -14.32 3.08 16.36
C MET B 349 -14.74 3.81 17.63
N GLU B 350 -13.80 3.98 18.55
CA GLU B 350 -14.08 4.57 19.85
C GLU B 350 -13.94 6.09 19.79
N TYR B 351 -13.99 6.73 20.96
CA TYR B 351 -13.86 8.17 21.03
C TYR B 351 -12.44 8.62 20.67
N TYR B 352 -11.44 7.89 21.15
CA TYR B 352 -10.05 8.24 20.86
C TYR B 352 -9.77 8.14 19.36
N ASP B 353 -10.31 7.12 18.71
CA ASP B 353 -10.10 6.98 17.27
C ASP B 353 -10.73 8.15 16.51
N PHE B 354 -11.90 8.59 16.94
CA PHE B 354 -12.56 9.71 16.27
C PHE B 354 -11.76 10.99 16.46
N VAL B 355 -11.24 11.23 17.67
CA VAL B 355 -10.38 12.39 17.87
C VAL B 355 -9.14 12.31 16.99
N ASN B 356 -8.55 11.12 16.90
CA ASN B 356 -7.36 10.93 16.07
C ASN B 356 -7.64 11.25 14.61
N ILE B 357 -8.78 10.78 14.09
CA ILE B 357 -9.10 11.04 12.69
C ILE B 357 -9.37 12.53 12.48
N SER B 358 -10.08 13.15 13.42
CA SER B 358 -10.40 14.57 13.28
C SER B 358 -9.15 15.44 13.29
N ARG B 359 -8.20 15.14 14.17
CA ARG B 359 -7.09 16.04 14.37
C ARG B 359 -6.10 16.00 13.20
N HIS B 360 -5.80 14.81 12.69
CA HIS B 360 -4.66 14.62 11.80
C HIS B 360 -5.06 14.15 10.40
N PHE B 361 -6.19 14.62 9.88
CA PHE B 361 -6.60 14.26 8.54
C PHE B 361 -7.09 15.50 7.79
N LYS B 362 -7.04 15.41 6.47
CA LYS B 362 -7.59 16.43 5.59
C LYS B 362 -8.77 15.84 4.84
N ILE B 363 -9.46 16.69 4.07
CA ILE B 363 -10.66 16.24 3.39
C ILE B 363 -10.33 15.20 2.32
N ASP B 364 -9.20 15.37 1.64
CA ASP B 364 -8.86 14.48 0.53
C ASP B 364 -8.65 13.05 1.00
N ASP B 365 -7.96 12.85 2.12
CA ASP B 365 -7.71 11.49 2.58
C ASP B 365 -8.96 10.81 3.11
N ILE B 366 -9.83 11.57 3.78
CA ILE B 366 -11.13 11.01 4.18
C ILE B 366 -11.93 10.61 2.96
N LYS B 367 -11.86 11.41 1.89
CA LYS B 367 -12.53 11.03 0.64
C LYS B 367 -11.94 9.75 0.05
N ASN B 368 -10.62 9.60 0.12
CA ASN B 368 -9.99 8.36 -0.34
C ASN B 368 -10.51 7.16 0.44
N LEU B 369 -10.59 7.29 1.77
CA LEU B 369 -11.15 6.21 2.56
C LEU B 369 -12.60 5.92 2.21
N GLU B 370 -13.40 6.96 1.95
CA GLU B 370 -14.78 6.73 1.53
C GLU B 370 -14.83 5.94 0.23
N ARG B 371 -13.95 6.27 -0.72
CA ARG B 371 -13.94 5.56 -1.99
C ARG B 371 -13.55 4.10 -1.80
N SER B 372 -12.52 3.84 -1.01
CA SER B 372 -12.03 2.46 -0.88
C SER B 372 -12.90 1.64 0.07
N CYS B 373 -12.98 2.06 1.34
CA CYS B 373 -13.69 1.30 2.34
C CYS B 373 -15.12 1.79 2.50
N SER B 374 -15.94 0.98 3.17
CA SER B 374 -17.33 1.34 3.46
C SER B 374 -17.43 1.64 4.95
N ILE B 375 -17.27 2.92 5.29
CA ILE B 375 -17.25 3.34 6.68
C ILE B 375 -18.63 3.21 7.33
N ASP B 376 -19.69 3.36 6.53
CA ASP B 376 -21.04 3.31 7.09
C ASP B 376 -21.31 2.01 7.83
N LYS B 377 -20.74 0.90 7.37
CA LYS B 377 -20.99 -0.38 8.00
C LYS B 377 -20.25 -0.55 9.33
N ILE B 378 -19.26 0.29 9.61
CA ILE B 378 -18.51 0.18 10.87
C ILE B 378 -19.32 0.77 12.01
N ARG B 379 -19.35 0.06 13.13
CA ARG B 379 -20.10 0.46 14.30
C ARG B 379 -19.42 1.63 15.00
N PHE B 380 -20.20 2.36 15.80
CA PHE B 380 -19.72 3.52 16.54
C PHE B 380 -20.11 3.41 18.00
N GLY B 381 -19.25 3.91 18.88
CA GLY B 381 -19.47 3.80 20.31
C GLY B 381 -19.38 5.11 21.06
N GLU B 382 -19.89 5.11 22.29
CA GLU B 382 -19.96 6.29 23.15
C GLU B 382 -20.34 7.54 22.35
N GLN B 383 -21.55 7.51 21.81
CA GLN B 383 -22.09 8.63 21.07
C GLN B 383 -22.23 9.89 21.92
N GLU B 384 -22.08 9.79 23.25
CA GLU B 384 -22.21 10.96 24.11
C GLU B 384 -20.93 11.81 24.15
N LYS B 385 -19.77 11.17 24.31
CA LYS B 385 -18.53 11.94 24.38
C LYS B 385 -18.22 12.63 23.06
N ILE B 386 -18.47 11.97 21.94
CA ILE B 386 -18.23 12.57 20.64
C ILE B 386 -19.14 13.78 20.43
N GLU B 387 -20.37 13.70 20.94
CA GLU B 387 -21.27 14.84 20.91
C GLU B 387 -20.69 16.01 21.69
N GLU B 388 -20.10 15.73 22.86
CA GLU B 388 -19.46 16.79 23.64
C GLU B 388 -18.31 17.42 22.88
N TYR B 389 -17.48 16.61 22.22
CA TYR B 389 -16.36 17.13 21.45
C TYR B 389 -16.85 18.05 20.33
N LEU B 390 -17.87 17.61 19.59
CA LEU B 390 -18.38 18.40 18.48
C LEU B 390 -19.01 19.71 18.97
N VAL B 391 -19.77 19.65 20.06
CA VAL B 391 -20.38 20.87 20.59
C VAL B 391 -19.30 21.83 21.08
N GLY B 392 -18.22 21.30 21.66
CA GLY B 392 -17.12 22.15 22.06
C GLY B 392 -16.48 22.86 20.87
N ILE B 393 -16.30 22.14 19.77
CA ILE B 393 -15.77 22.77 18.56
C ILE B 393 -16.70 23.89 18.10
N ALA B 394 -18.00 23.62 18.07
CA ALA B 394 -18.96 24.62 17.61
C ALA B 394 -18.93 25.85 18.50
N GLU B 395 -18.89 25.67 19.82
CA GLU B 395 -18.88 26.80 20.73
C GLU B 395 -17.59 27.60 20.60
N GLU B 396 -16.45 26.93 20.43
CA GLU B 396 -15.20 27.67 20.23
C GLU B 396 -15.27 28.52 18.97
N ILE B 397 -15.80 27.96 17.88
CA ILE B 397 -15.88 28.74 16.65
C ILE B 397 -16.82 29.93 16.83
N THR B 398 -17.98 29.71 17.46
CA THR B 398 -18.92 30.80 17.65
C THR B 398 -18.33 31.91 18.50
N LYS B 399 -17.66 31.54 19.60
CA LYS B 399 -17.04 32.53 20.47
C LYS B 399 -15.94 33.29 19.74
N GLN B 400 -15.12 32.59 18.96
CA GLN B 400 -14.00 33.24 18.30
C GLN B 400 -14.48 34.22 17.23
N PHE B 401 -15.37 33.78 16.34
CA PHE B 401 -15.73 34.60 15.19
C PHE B 401 -16.94 35.50 15.46
N SER B 402 -17.59 35.38 16.61
CA SER B 402 -18.73 36.26 16.89
C SER B 402 -18.28 37.67 17.25
N ALA B 403 -17.22 37.79 18.03
CA ALA B 403 -16.65 39.08 18.38
C ALA B 403 -15.58 39.47 17.37
N ASN B 404 -15.10 40.70 17.49
CA ASN B 404 -14.05 41.19 16.59
C ASN B 404 -12.72 40.47 16.81
N GLY B 405 -12.57 39.75 17.91
CA GLY B 405 -11.32 39.04 18.16
C GLY B 405 -11.11 37.93 17.15
N MET B 406 -9.93 37.94 16.50
CA MET B 406 -9.52 36.84 15.64
C MET B 406 -8.02 36.69 15.83
N ASN B 407 -7.58 35.47 16.15
CA ASN B 407 -6.16 35.19 16.26
C ASN B 407 -5.75 34.38 15.05
N VAL B 408 -4.97 34.99 14.15
CA VAL B 408 -4.59 34.31 12.92
C VAL B 408 -3.76 33.09 13.21
N VAL B 409 -2.89 33.16 14.22
CA VAL B 409 -2.04 32.04 14.56
C VAL B 409 -2.88 30.84 15.01
N PHE B 410 -3.91 31.09 15.81
CA PHE B 410 -4.83 30.03 16.17
C PHE B 410 -5.66 29.56 14.98
N TYR B 411 -5.90 30.47 14.03
CA TYR B 411 -6.67 30.11 12.83
C TYR B 411 -5.93 29.14 11.94
N THR B 412 -4.60 29.25 11.87
CA THR B 412 -3.84 28.29 11.07
C THR B 412 -3.94 26.88 11.61
N GLN B 413 -4.18 26.72 12.91
CA GLN B 413 -4.14 25.41 13.53
C GLN B 413 -5.51 24.81 13.79
N PHE B 414 -6.54 25.62 14.02
CA PHE B 414 -7.83 25.11 14.46
C PHE B 414 -8.77 24.75 13.31
N ILE B 415 -8.60 25.39 12.14
CA ILE B 415 -9.60 25.29 11.08
C ILE B 415 -9.59 23.90 10.44
N SER B 416 -8.43 23.28 10.30
CA SER B 416 -8.38 21.94 9.72
C SER B 416 -9.11 20.93 10.59
N GLU B 417 -8.90 21.01 11.91
CA GLU B 417 -9.62 20.15 12.83
C GLU B 417 -11.12 20.40 12.77
N ALA B 418 -11.52 21.68 12.70
CA ALA B 418 -12.95 21.98 12.63
C ALA B 418 -13.57 21.38 11.37
N LYS B 419 -12.91 21.55 10.23
CA LYS B 419 -13.41 21.01 8.98
C LYS B 419 -13.51 19.48 9.05
N ALA B 420 -12.45 18.83 9.51
CA ALA B 420 -12.45 17.37 9.55
C ALA B 420 -13.54 16.85 10.48
N ALA B 421 -13.72 17.48 11.64
CA ALA B 421 -14.75 17.05 12.57
C ALA B 421 -16.14 17.19 11.96
N LEU B 422 -16.41 18.35 11.36
CA LEU B 422 -17.76 18.55 10.84
C LEU B 422 -18.02 17.70 9.60
N TYR B 423 -16.98 17.30 8.87
CA TYR B 423 -17.17 16.37 7.77
C TYR B 423 -17.42 14.96 8.28
N PHE B 424 -16.65 14.51 9.28
CA PHE B 424 -16.73 13.12 9.69
C PHE B 424 -17.87 12.87 10.67
N ALA B 425 -18.53 13.92 11.16
CA ALA B 425 -19.68 13.76 12.03
C ALA B 425 -20.92 13.24 11.30
N LYS B 426 -20.79 12.88 10.03
CA LYS B 426 -21.93 12.37 9.27
C LYS B 426 -22.37 11.00 9.77
N TYR B 427 -21.42 10.17 10.20
CA TYR B 427 -21.71 8.79 10.53
C TYR B 427 -22.08 8.57 11.99
N VAL B 428 -22.17 9.61 12.81
CA VAL B 428 -22.41 9.46 14.25
C VAL B 428 -23.74 10.07 14.61
N LYS B 429 -24.56 9.32 15.36
CA LYS B 429 -25.92 9.72 15.69
C LYS B 429 -25.88 10.87 16.70
N LEU B 430 -26.48 12.00 16.34
CA LEU B 430 -26.35 13.22 17.10
C LEU B 430 -27.64 13.52 17.87
N SER B 431 -27.56 14.45 18.80
CA SER B 431 -28.69 14.85 19.62
C SER B 431 -29.43 16.00 18.96
N GLU B 432 -30.34 16.64 19.70
CA GLU B 432 -31.09 17.77 19.19
C GLU B 432 -30.35 19.09 19.39
N GLU B 433 -30.01 19.41 20.64
CA GLU B 433 -29.31 20.66 20.94
C GLU B 433 -27.95 20.70 20.25
N GLY B 434 -27.22 19.58 20.29
CA GLY B 434 -25.94 19.53 19.60
C GLY B 434 -26.06 19.77 18.11
N LEU B 435 -27.07 19.16 17.49
CA LEU B 435 -27.31 19.37 16.06
C LEU B 435 -27.60 20.83 15.78
N GLY B 436 -28.45 21.45 16.61
CA GLY B 436 -28.76 22.86 16.41
C GLY B 436 -27.53 23.74 16.50
N LYS B 437 -26.71 23.52 17.53
CA LYS B 437 -25.51 24.33 17.70
C LYS B 437 -24.53 24.13 16.56
N ILE B 438 -24.33 22.89 16.14
CA ILE B 438 -23.41 22.60 15.04
C ILE B 438 -23.90 23.24 13.75
N VAL B 439 -25.20 23.16 13.48
CA VAL B 439 -25.74 23.73 12.25
C VAL B 439 -25.59 25.24 12.28
N LYS B 440 -25.86 25.87 13.42
CA LYS B 440 -25.70 27.33 13.50
C LYS B 440 -24.26 27.73 13.26
N ALA B 441 -23.32 27.03 13.89
CA ALA B 441 -21.91 27.35 13.72
C ALA B 441 -21.48 27.17 12.27
N LEU B 442 -21.95 26.11 11.61
CA LEU B 442 -21.59 25.89 10.21
C LEU B 442 -22.18 26.96 9.31
N LEU B 443 -23.44 27.31 9.53
CA LEU B 443 -24.15 28.16 8.58
C LEU B 443 -23.75 29.63 8.72
N PHE B 444 -23.56 30.13 9.93
CA PHE B 444 -23.44 31.57 10.13
C PHE B 444 -21.99 32.04 10.27
N TYR B 445 -21.25 31.48 11.23
CA TYR B 445 -19.99 32.07 11.66
C TYR B 445 -18.75 31.42 11.04
N PHE B 446 -18.90 30.35 10.29
CA PHE B 446 -17.73 29.73 9.68
C PHE B 446 -17.23 30.59 8.52
N PRO B 447 -15.92 30.84 8.42
CA PRO B 447 -15.43 31.78 7.42
C PRO B 447 -15.78 31.35 6.00
N GLU B 448 -16.05 32.35 5.15
CA GLU B 448 -16.37 32.08 3.76
C GLU B 448 -15.14 31.83 2.90
N ARG B 449 -13.95 32.15 3.41
CA ARG B 449 -12.74 31.89 2.65
C ARG B 449 -12.44 30.40 2.58
N ASP B 450 -12.56 29.71 3.71
CA ASP B 450 -12.30 28.27 3.73
C ASP B 450 -13.51 27.44 3.36
N LEU B 451 -14.68 28.05 3.22
CA LEU B 451 -15.90 27.29 2.91
C LEU B 451 -16.83 28.23 2.15
N ASP B 452 -16.88 28.07 0.83
CA ASP B 452 -17.73 28.91 -0.01
C ASP B 452 -19.17 28.45 0.13
N ILE B 453 -20.08 29.04 -0.66
CA ILE B 453 -21.48 28.66 -0.58
C ILE B 453 -21.71 27.26 -1.14
N GLY B 454 -20.71 26.66 -1.77
CA GLY B 454 -20.86 25.33 -2.33
C GLY B 454 -20.74 24.20 -1.33
N LYS B 455 -19.59 24.12 -0.65
CA LYS B 455 -19.32 22.98 0.22
C LYS B 455 -20.17 22.99 1.49
N ARG B 456 -20.68 24.14 1.90
CA ARG B 456 -21.58 24.19 3.04
C ARG B 456 -22.81 23.32 2.80
N TYR B 457 -23.35 23.36 1.59
CA TYR B 457 -24.51 22.55 1.28
C TYR B 457 -24.18 21.07 1.38
N VAL B 458 -23.00 20.68 0.88
CA VAL B 458 -22.58 19.30 0.95
C VAL B 458 -22.49 18.85 2.40
N TRP B 459 -21.90 19.67 3.25
CA TRP B 459 -21.68 19.26 4.64
C TRP B 459 -22.98 19.20 5.41
N LEU B 460 -23.88 20.16 5.21
CA LEU B 460 -25.18 20.10 5.87
C LEU B 460 -25.97 18.88 5.41
N GLU B 461 -25.98 18.62 4.10
CA GLU B 461 -26.70 17.46 3.59
C GLU B 461 -26.15 16.16 4.14
N ARG B 462 -24.82 16.06 4.25
CA ARG B 462 -24.22 14.85 4.81
C ARG B 462 -24.48 14.73 6.30
N LEU B 463 -24.67 15.84 7.02
CA LEU B 463 -25.11 15.72 8.40
C LEU B 463 -26.57 15.34 8.52
N THR B 464 -27.39 15.59 7.50
CA THR B 464 -28.77 15.13 7.53
C THR B 464 -28.94 13.69 7.04
N LYS B 465 -27.85 13.02 6.66
CA LYS B 465 -27.97 11.66 6.13
C LYS B 465 -28.37 10.67 7.23
N CYS B 466 -27.68 10.70 8.36
CA CYS B 466 -27.93 9.76 9.44
C CYS B 466 -28.92 10.30 10.46
N ASN B 467 -29.40 11.52 10.30
CA ASN B 467 -30.33 12.15 11.22
C ASN B 467 -31.57 12.61 10.44
N GLU B 468 -32.53 13.13 11.17
CA GLU B 468 -33.73 13.69 10.58
C GLU B 468 -33.57 15.20 10.46
N LEU B 469 -34.65 15.89 10.11
CA LEU B 469 -34.67 17.35 10.07
C LEU B 469 -35.79 17.83 10.98
N PRO B 470 -35.51 18.01 12.26
CA PRO B 470 -36.53 18.57 13.17
C PRO B 470 -36.85 20.02 12.86
N LYS B 471 -37.79 20.60 13.62
CA LYS B 471 -38.23 21.96 13.36
C LYS B 471 -37.12 22.97 13.56
N SER B 472 -36.22 22.74 14.51
CA SER B 472 -35.19 23.72 14.83
C SER B 472 -34.25 23.94 13.65
N ILE B 473 -33.84 22.87 12.98
CA ILE B 473 -32.92 23.00 11.86
C ILE B 473 -33.60 23.70 10.69
N ILE B 474 -34.86 23.39 10.45
CA ILE B 474 -35.61 24.08 9.41
C ILE B 474 -35.69 25.58 9.71
N SER B 475 -35.99 25.92 10.95
CA SER B 475 -36.08 27.34 11.33
C SER B 475 -34.75 28.05 11.17
N ILE B 476 -33.65 27.38 11.55
CA ILE B 476 -32.35 28.05 11.46
C ILE B 476 -31.90 28.19 10.00
N ILE B 477 -32.22 27.23 9.14
CA ILE B 477 -31.89 27.42 7.73
C ILE B 477 -32.76 28.53 7.14
N ASP B 478 -34.02 28.63 7.58
CA ASP B 478 -34.84 29.77 7.15
C ASP B 478 -34.20 31.08 7.59
N ASP B 479 -33.65 31.12 8.80
CA ASP B 479 -32.96 32.32 9.26
C ASP B 479 -31.76 32.63 8.37
N PHE B 480 -31.03 31.60 7.96
CA PHE B 480 -29.89 31.81 7.05
C PHE B 480 -30.35 32.37 5.71
N LEU B 481 -31.44 31.85 5.18
CA LEU B 481 -31.98 32.36 3.91
C LEU B 481 -32.43 33.80 4.05
N VAL B 482 -33.04 34.14 5.19
CA VAL B 482 -33.49 35.52 5.41
C VAL B 482 -32.30 36.46 5.53
N LEU B 483 -31.23 36.01 6.18
CA LEU B 483 -30.00 36.82 6.21
C LEU B 483 -29.45 37.01 4.81
N GLN B 484 -29.50 35.96 3.98
CA GLN B 484 -29.06 36.09 2.60
C GLN B 484 -29.92 37.10 1.84
N ALA B 485 -31.24 37.07 2.05
CA ALA B 485 -32.12 38.01 1.38
C ALA B 485 -31.86 39.44 1.82
N GLU B 486 -31.68 39.67 3.12
CA GLU B 486 -31.26 40.98 3.60
C GLU B 486 -29.92 41.38 3.00
N LYS B 487 -29.03 40.42 2.76
CA LYS B 487 -27.74 40.66 2.13
C LYS B 487 -27.87 40.88 0.63
N HIS B 488 -28.94 40.37 0.00
CA HIS B 488 -29.08 40.46 -1.44
C HIS B 488 -29.51 41.86 -1.88
N ILE B 489 -28.76 42.87 -1.45
CA ILE B 489 -28.95 44.23 -1.90
C ILE B 489 -27.71 44.80 -2.57
N ASP B 490 -26.55 44.15 -2.42
CA ASP B 490 -25.32 44.60 -3.06
C ASP B 490 -25.49 44.56 -4.58
N GLN B 491 -24.85 45.53 -5.25
CA GLN B 491 -24.98 45.67 -6.69
C GLN B 491 -23.97 44.84 -7.47
N ASN B 492 -23.03 44.20 -6.79
CA ASN B 492 -21.99 43.43 -7.46
C ASN B 492 -21.93 41.99 -7.00
N TYR B 493 -22.74 41.59 -6.02
CA TYR B 493 -22.59 40.26 -5.44
C TYR B 493 -22.93 39.19 -6.46
N SER B 494 -22.14 38.12 -6.49
CA SER B 494 -22.28 37.09 -7.50
C SER B 494 -22.45 35.69 -6.95
N GLU B 495 -22.15 35.45 -5.67
CA GLU B 495 -22.33 34.15 -5.03
C GLU B 495 -21.54 33.06 -5.77
N VAL B 496 -20.22 33.25 -5.81
CA VAL B 496 -19.36 32.29 -6.49
C VAL B 496 -19.33 30.98 -5.72
N SER B 497 -19.06 29.89 -6.43
CA SER B 497 -19.02 28.57 -5.82
C SER B 497 -18.16 27.63 -6.64
N SER B 498 -17.62 26.60 -5.99
CA SER B 498 -16.80 25.58 -6.63
C SER B 498 -17.54 24.25 -6.73
N ASN B 499 -18.86 24.28 -6.67
CA ASN B 499 -19.68 23.07 -6.76
C ASN B 499 -20.86 23.21 -7.71
N GLY B 500 -21.37 24.43 -7.94
CA GLY B 500 -22.47 24.63 -8.86
C GLY B 500 -23.83 24.81 -8.22
N LEU B 501 -23.90 24.89 -6.89
CA LEU B 501 -25.17 25.04 -6.20
C LEU B 501 -25.14 26.28 -5.31
N TYR B 502 -26.31 26.82 -5.04
CA TYR B 502 -26.46 28.11 -4.36
C TYR B 502 -27.61 27.99 -3.37
N SER B 503 -28.10 29.14 -2.90
CA SER B 503 -29.09 29.16 -1.84
C SER B 503 -30.39 28.47 -2.21
N ARG B 504 -30.66 28.28 -3.51
CA ARG B 504 -31.88 27.58 -3.90
C ARG B 504 -31.85 26.12 -3.48
N ASP B 505 -30.66 25.50 -3.44
CA ASP B 505 -30.60 24.11 -3.05
C ASP B 505 -30.86 23.91 -1.56
N TYR B 506 -30.56 24.90 -0.72
CA TYR B 506 -30.95 24.80 0.68
C TYR B 506 -32.46 24.72 0.82
N GLY B 507 -33.17 25.60 0.10
CA GLY B 507 -34.62 25.56 0.14
C GLY B 507 -35.19 24.28 -0.44
N ALA B 508 -34.59 23.77 -1.52
CA ALA B 508 -35.02 22.49 -2.07
C ALA B 508 -34.80 21.37 -1.07
N LEU B 509 -33.68 21.41 -0.35
CA LEU B 509 -33.41 20.40 0.67
C LEU B 509 -34.44 20.46 1.77
N ILE B 510 -34.83 21.66 2.20
CA ILE B 510 -35.87 21.77 3.21
C ILE B 510 -37.19 21.21 2.67
N LYS B 511 -37.54 21.58 1.43
CA LYS B 511 -38.83 21.18 0.89
C LYS B 511 -38.91 19.67 0.68
N HIS B 512 -37.77 19.02 0.43
CA HIS B 512 -37.76 17.57 0.36
C HIS B 512 -38.17 16.95 1.69
N PHE B 513 -37.65 17.48 2.80
CA PHE B 513 -37.96 16.92 4.11
C PHE B 513 -39.33 17.37 4.61
N GLU B 514 -39.72 18.62 4.33
CA GLU B 514 -41.01 19.13 4.75
C GLU B 514 -41.52 20.08 3.67
N LYS B 515 -42.67 19.77 3.10
CA LYS B 515 -43.12 20.43 1.89
C LYS B 515 -43.91 21.70 2.22
N ASN B 516 -44.88 21.61 3.13
CA ASN B 516 -45.76 22.74 3.42
C ASN B 516 -44.98 23.80 4.19
N PHE B 517 -44.10 24.49 3.46
CA PHE B 517 -43.18 25.48 4.00
C PHE B 517 -43.39 26.81 3.29
N ILE B 518 -44.62 27.30 3.28
CA ILE B 518 -44.86 28.68 2.86
C ILE B 518 -44.02 29.57 3.76
N SER B 519 -43.04 30.26 3.18
CA SER B 519 -42.15 31.11 3.95
C SER B 519 -42.88 32.35 4.43
N LYS B 520 -42.35 32.96 5.49
CA LYS B 520 -42.98 34.13 6.09
C LYS B 520 -42.16 35.40 5.87
N ARG B 521 -40.90 35.41 6.31
CA ARG B 521 -40.08 36.61 6.16
C ARG B 521 -39.74 36.89 4.71
N LEU B 522 -39.41 35.84 3.95
CA LEU B 522 -39.10 36.02 2.53
C LEU B 522 -40.29 36.62 1.80
N SER B 523 -41.50 36.26 2.22
CA SER B 523 -42.70 36.83 1.60
C SER B 523 -42.75 38.34 1.80
N GLU B 524 -42.47 38.81 3.01
CA GLU B 524 -42.45 40.24 3.25
C GLU B 524 -41.35 40.92 2.44
N ILE B 525 -40.17 40.29 2.36
CA ILE B 525 -39.08 40.88 1.59
C ILE B 525 -39.47 41.00 0.12
N THR B 526 -40.09 39.96 -0.44
CA THR B 526 -40.54 40.02 -1.83
C THR B 526 -41.61 41.10 -2.02
N LEU B 527 -42.55 41.19 -1.09
CA LEU B 527 -43.62 42.17 -1.22
C LEU B 527 -43.09 43.60 -1.19
N CYS B 528 -42.13 43.87 -0.29
CA CYS B 528 -41.63 45.23 -0.15
C CYS B 528 -40.73 45.64 -1.32
N LEU B 529 -40.38 44.71 -2.19
CA LEU B 529 -39.48 44.98 -3.30
C LEU B 529 -40.27 45.32 -4.57
N THR B 530 -39.77 46.32 -5.30
CA THR B 530 -40.42 46.86 -6.48
C THR B 530 -39.60 46.58 -7.72
N GLN B 531 -40.08 47.10 -8.85
CA GLN B 531 -39.48 46.78 -10.15
C GLN B 531 -38.17 47.50 -10.40
N ASP B 532 -37.88 48.56 -9.64
CA ASP B 532 -36.66 49.33 -9.89
C ASP B 532 -35.41 48.51 -9.57
N LYS B 533 -35.38 47.90 -8.38
CA LYS B 533 -34.23 47.12 -7.95
C LYS B 533 -34.44 45.68 -8.39
N GLN B 534 -33.72 45.27 -9.43
CA GLN B 534 -33.92 43.97 -10.05
C GLN B 534 -32.75 43.03 -9.86
N LYS B 535 -31.79 43.38 -8.99
CA LYS B 535 -30.73 42.45 -8.66
C LYS B 535 -31.29 41.24 -7.93
N GLN B 536 -32.24 41.45 -7.04
CA GLN B 536 -32.84 40.36 -6.29
C GLN B 536 -33.77 39.51 -7.14
N ILE B 537 -34.01 39.89 -8.39
CA ILE B 537 -34.94 39.12 -9.21
C ILE B 537 -34.44 37.69 -9.37
N ASP B 538 -33.14 37.52 -9.64
CA ASP B 538 -32.59 36.18 -9.78
C ASP B 538 -32.71 35.38 -8.50
N PHE B 539 -32.31 35.97 -7.36
CA PHE B 539 -32.33 35.22 -6.11
C PHE B 539 -33.75 34.84 -5.71
N LEU B 540 -34.71 35.73 -5.96
CA LEU B 540 -36.10 35.40 -5.63
C LEU B 540 -36.67 34.36 -6.57
N PHE B 541 -36.35 34.44 -7.86
CA PHE B 541 -36.90 33.48 -8.81
C PHE B 541 -36.30 32.10 -8.64
N LYS B 542 -35.03 32.02 -8.23
CA LYS B 542 -34.43 30.72 -7.93
C LYS B 542 -35.17 30.03 -6.80
N LEU B 543 -35.78 30.81 -5.90
CA LEU B 543 -36.36 30.31 -4.66
C LEU B 543 -37.87 30.47 -4.67
N LEU B 544 -38.48 30.24 -5.83
CA LEU B 544 -39.92 30.44 -6.00
C LEU B 544 -40.78 29.59 -5.07
N PRO B 545 -40.53 28.30 -4.88
CA PRO B 545 -41.49 27.49 -4.09
C PRO B 545 -41.64 27.95 -2.66
N LEU B 546 -40.68 28.69 -2.11
CA LEU B 546 -40.76 29.21 -0.74
C LEU B 546 -41.33 30.63 -0.80
N LEU B 547 -42.64 30.73 -0.98
CA LEU B 547 -43.31 32.01 -1.08
C LEU B 547 -44.78 31.82 -0.75
N SER B 548 -45.48 32.94 -0.60
CA SER B 548 -46.91 32.91 -0.34
C SER B 548 -47.71 32.99 -1.64
N THR B 549 -49.00 32.67 -1.55
CA THR B 549 -49.87 32.74 -2.71
C THR B 549 -49.99 34.17 -3.23
N ASN B 550 -50.15 35.13 -2.33
CA ASN B 550 -50.09 36.54 -2.74
C ASN B 550 -48.71 36.87 -3.30
N ALA B 551 -47.66 36.33 -2.68
CA ALA B 551 -46.33 36.46 -3.24
C ALA B 551 -46.21 35.77 -4.59
N LYS B 552 -46.88 34.62 -4.74
CA LYS B 552 -46.91 33.95 -6.04
C LYS B 552 -47.50 34.86 -7.11
N SER B 553 -48.63 35.50 -6.82
CA SER B 553 -49.26 36.39 -7.79
C SER B 553 -48.37 37.60 -8.08
N HIS B 554 -47.74 38.15 -7.04
CA HIS B 554 -46.87 39.30 -7.24
C HIS B 554 -45.68 38.95 -8.11
N LEU B 555 -45.09 37.77 -7.92
CA LEU B 555 -43.99 37.36 -8.78
C LEU B 555 -44.48 36.99 -10.17
N LEU B 556 -45.72 36.53 -10.30
CA LEU B 556 -46.28 36.31 -11.63
C LEU B 556 -46.38 37.62 -12.40
N SER B 557 -46.81 38.70 -11.73
CA SER B 557 -46.80 40.01 -12.38
C SER B 557 -45.38 40.53 -12.56
N PHE B 558 -44.47 40.10 -11.69
CA PHE B 558 -43.09 40.55 -11.71
C PHE B 558 -42.35 39.58 -12.62
N LYS B 559 -41.03 39.75 -12.73
CA LYS B 559 -40.12 38.83 -13.40
C LYS B 559 -40.40 38.72 -14.89
N SER B 560 -39.50 38.09 -15.63
CA SER B 560 -39.71 37.84 -17.06
C SER B 560 -38.87 36.65 -17.49
N VAL B 561 -39.23 36.07 -18.64
CA VAL B 561 -38.47 34.99 -19.27
C VAL B 561 -38.15 35.40 -20.70
N GLU B 562 -36.88 35.65 -20.97
CA GLU B 562 -36.45 36.03 -22.31
C GLU B 562 -35.25 35.22 -22.82
N ASN B 563 -34.30 34.91 -21.95
CA ASN B 563 -33.12 34.13 -22.33
C ASN B 563 -33.28 32.70 -21.82
N ILE B 564 -32.26 31.88 -22.09
CA ILE B 564 -32.40 30.44 -21.85
C ILE B 564 -32.14 30.08 -20.40
N ASN B 565 -31.46 30.94 -19.64
CA ASN B 565 -31.25 30.67 -18.22
C ASN B 565 -32.58 30.69 -17.46
N ASP B 566 -33.45 31.65 -17.77
CA ASP B 566 -34.77 31.69 -17.13
C ASP B 566 -35.56 30.42 -17.45
N LEU B 567 -35.52 29.99 -18.71
CA LEU B 567 -36.23 28.76 -19.09
C LEU B 567 -35.68 27.56 -18.34
N MET B 568 -34.35 27.43 -18.28
CA MET B 568 -33.75 26.29 -17.60
C MET B 568 -34.08 26.29 -16.11
N ASN B 569 -34.05 27.46 -15.45
CA ASN B 569 -34.37 27.50 -14.04
C ASN B 569 -35.84 27.20 -13.80
N GLY B 570 -36.74 27.74 -14.63
CA GLY B 570 -38.15 27.42 -14.47
C GLY B 570 -38.42 25.93 -14.65
N ILE B 571 -37.65 25.29 -15.52
CA ILE B 571 -37.67 23.84 -15.61
C ILE B 571 -37.14 23.20 -14.33
N ARG B 572 -36.11 23.81 -13.73
CA ARG B 572 -35.53 23.27 -12.50
C ARG B 572 -36.51 23.29 -11.34
N ILE B 573 -37.39 24.28 -11.30
CA ILE B 573 -38.36 24.41 -10.21
C ILE B 573 -39.68 23.73 -10.52
N GLY B 574 -39.85 23.19 -11.73
CA GLY B 574 -41.08 22.51 -12.08
C GLY B 574 -42.23 23.40 -12.49
N LEU B 575 -41.99 24.71 -12.62
CA LEU B 575 -43.07 25.62 -13.03
C LEU B 575 -43.56 25.31 -14.43
N ILE B 576 -42.64 25.03 -15.35
CA ILE B 576 -42.99 24.87 -16.76
C ILE B 576 -43.45 23.44 -17.00
N ASP B 577 -44.67 23.30 -17.53
CA ASP B 577 -45.25 22.01 -17.87
C ASP B 577 -44.93 21.56 -19.29
N GLU B 578 -45.10 22.45 -20.27
CA GLU B 578 -44.82 22.14 -21.66
C GLU B 578 -44.24 23.38 -22.32
N PHE B 579 -43.99 23.28 -23.62
CA PHE B 579 -43.36 24.36 -24.38
C PHE B 579 -44.28 24.81 -25.50
N THR B 580 -44.64 26.08 -25.51
CA THR B 580 -45.19 26.70 -26.70
C THR B 580 -44.06 26.87 -27.71
N PRO B 581 -44.39 26.99 -29.00
CA PRO B 581 -43.32 27.13 -30.02
C PRO B 581 -42.39 28.32 -29.80
N GLU B 582 -42.71 29.25 -28.89
CA GLU B 582 -41.82 30.39 -28.66
C GLU B 582 -40.51 29.95 -28.02
N HIS B 583 -40.57 29.12 -26.98
CA HIS B 583 -39.35 28.59 -26.39
C HIS B 583 -38.57 27.75 -27.40
N GLU B 584 -39.28 27.01 -28.25
CA GLU B 584 -38.61 26.25 -29.29
C GLU B 584 -37.86 27.19 -30.24
N GLU B 585 -38.49 28.32 -30.58
CA GLU B 585 -37.81 29.30 -31.44
C GLU B 585 -36.57 29.86 -30.77
N LEU B 586 -36.65 30.13 -29.47
CA LEU B 586 -35.47 30.61 -28.75
C LEU B 586 -34.35 29.58 -28.76
N ILE B 587 -34.69 28.30 -28.55
CA ILE B 587 -33.70 27.25 -28.58
C ILE B 587 -33.05 27.16 -29.95
N ILE B 588 -33.88 27.25 -30.99
CA ILE B 588 -33.36 27.20 -32.37
C ILE B 588 -32.41 28.36 -32.62
N GLU B 589 -32.76 29.56 -32.11
CA GLU B 589 -31.88 30.71 -32.28
C GLU B 589 -30.53 30.51 -31.61
N TYR B 590 -30.54 29.98 -30.37
CA TYR B 590 -29.28 29.70 -29.71
C TYR B 590 -28.46 28.67 -30.47
N LEU B 591 -29.12 27.63 -30.98
CA LEU B 591 -28.41 26.62 -31.76
C LEU B 591 -27.82 27.22 -33.03
N GLU B 592 -28.54 28.12 -33.68
CA GLU B 592 -28.02 28.79 -34.87
C GLU B 592 -26.81 29.63 -34.56
N THR B 593 -26.86 30.41 -33.48
CA THR B 593 -25.68 31.19 -33.08
C THR B 593 -24.50 30.28 -32.79
N ARG B 594 -24.77 29.10 -32.23
CA ARG B 594 -23.72 28.14 -32.00
C ARG B 594 -23.05 27.74 -33.30
N LYS B 595 -23.83 27.56 -34.37
CA LYS B 595 -23.23 27.14 -35.65
C LYS B 595 -22.31 28.22 -36.21
N VAL B 596 -22.72 29.49 -36.14
CA VAL B 596 -21.90 30.53 -36.75
C VAL B 596 -20.61 30.74 -35.95
N ASN B 597 -20.69 30.82 -34.62
CA ASN B 597 -19.42 30.98 -33.91
C ASN B 597 -18.61 29.70 -34.00
N TYR B 598 -19.27 28.56 -34.24
CA TYR B 598 -18.54 27.31 -34.44
C TYR B 598 -17.74 27.33 -35.72
N ILE B 599 -18.33 27.82 -36.82
CA ILE B 599 -17.57 27.89 -38.06
C ILE B 599 -16.43 28.90 -37.93
N VAL B 600 -16.65 29.98 -37.18
CA VAL B 600 -15.54 30.91 -36.92
C VAL B 600 -14.41 30.21 -36.16
N GLU B 601 -14.76 29.48 -35.09
CA GLU B 601 -13.75 28.77 -34.31
C GLU B 601 -13.03 27.75 -35.16
N LYS B 602 -13.76 27.03 -36.01
CA LYS B 602 -13.15 26.06 -36.90
C LYS B 602 -12.19 26.73 -37.86
N GLU B 603 -12.54 27.93 -38.33
CA GLU B 603 -11.62 28.68 -39.18
C GLU B 603 -10.34 29.02 -38.43
N LYS B 604 -10.45 29.41 -37.16
CA LYS B 604 -9.24 29.68 -36.40
C LYS B 604 -8.66 28.42 -35.76
N GLY B 605 -9.50 27.43 -35.46
CA GLY B 605 -9.01 26.17 -34.89
C GLY B 605 -8.60 26.21 -33.43
N ILE B 606 -9.59 26.29 -32.53
CA ILE B 606 -9.34 26.29 -31.10
C ILE B 606 -9.78 24.97 -30.48
N GLN B 607 -10.95 24.48 -30.90
CA GLN B 607 -11.80 23.49 -30.24
C GLN B 607 -12.82 24.18 -29.35
N THR B 608 -12.66 24.00 -28.03
CA THR B 608 -13.27 24.65 -26.87
C THR B 608 -13.64 23.59 -25.85
N PHE B 609 -14.76 23.80 -25.17
CA PHE B 609 -15.20 22.94 -24.07
C PHE B 609 -16.45 23.55 -23.48
N SER B 610 -16.26 24.58 -22.67
CA SER B 610 -17.29 25.48 -22.15
C SER B 610 -18.18 24.80 -21.12
N SER B 611 -18.03 23.49 -20.94
CA SER B 611 -18.24 22.83 -19.65
C SER B 611 -19.68 22.40 -19.43
N ASN B 612 -20.54 23.38 -19.12
CA ASN B 612 -21.97 23.16 -19.03
C ASN B 612 -22.55 23.17 -20.45
N ASP B 613 -22.45 22.00 -21.08
CA ASP B 613 -22.92 21.83 -22.45
C ASP B 613 -24.44 21.73 -22.49
N TYR B 614 -25.10 22.87 -22.69
CA TYR B 614 -26.55 22.89 -22.80
C TYR B 614 -27.06 22.03 -23.96
N MET B 615 -26.22 21.78 -24.95
CA MET B 615 -26.64 20.96 -26.08
C MET B 615 -26.73 19.48 -25.72
N SER B 616 -25.98 19.02 -24.72
CA SER B 616 -26.21 17.66 -24.20
C SER B 616 -27.60 17.56 -23.59
N THR B 617 -28.00 18.57 -22.82
CA THR B 617 -29.36 18.60 -22.30
C THR B 617 -30.37 18.69 -23.43
N PHE B 618 -30.05 19.42 -24.49
CA PHE B 618 -30.95 19.49 -25.63
C PHE B 618 -31.12 18.13 -26.30
N GLY B 619 -30.02 17.39 -26.46
CA GLY B 619 -30.13 16.02 -26.95
C GLY B 619 -30.95 15.14 -26.04
N ILE B 620 -30.86 15.37 -24.73
CA ILE B 620 -31.71 14.66 -23.79
C ILE B 620 -33.18 15.03 -24.02
N TRP B 621 -33.45 16.32 -24.26
CA TRP B 621 -34.82 16.73 -24.57
C TRP B 621 -35.32 15.94 -25.78
N TYR B 622 -34.48 15.84 -26.80
CA TYR B 622 -34.89 15.19 -28.04
C TYR B 622 -35.15 13.70 -27.87
N PHE B 623 -34.25 12.99 -27.19
CA PHE B 623 -34.41 11.55 -27.06
C PHE B 623 -35.65 11.21 -26.24
N LEU B 624 -35.83 11.87 -25.11
CA LEU B 624 -36.85 11.48 -24.14
C LEU B 624 -38.23 12.00 -24.49
N GLU B 625 -38.47 12.33 -25.75
CA GLU B 625 -39.79 12.54 -26.37
C GLU B 625 -40.42 13.88 -26.02
N GLU B 626 -39.93 14.59 -25.00
CA GLU B 626 -40.64 15.79 -24.55
C GLU B 626 -40.64 16.86 -25.63
N ILE B 627 -39.61 16.90 -26.46
CA ILE B 627 -39.54 17.75 -27.64
C ILE B 627 -39.43 16.85 -28.85
N ASN B 628 -40.36 16.98 -29.80
CA ASN B 628 -40.41 16.11 -30.97
C ASN B 628 -40.24 16.88 -32.27
N ASN B 629 -39.64 18.07 -32.23
CA ASN B 629 -39.42 18.83 -33.44
C ASN B 629 -38.40 18.15 -34.35
N SER B 630 -38.53 18.40 -35.65
CA SER B 630 -37.65 17.79 -36.63
C SER B 630 -36.47 18.67 -37.01
N LYS B 631 -36.53 19.97 -36.74
CA LYS B 631 -35.42 20.85 -37.06
C LYS B 631 -34.22 20.62 -36.16
N MET B 632 -34.38 19.83 -35.09
CA MET B 632 -33.29 19.55 -34.17
C MET B 632 -32.12 18.87 -34.86
N GLU B 633 -32.41 18.02 -35.85
CA GLU B 633 -31.42 17.15 -36.46
C GLU B 633 -30.39 17.90 -37.30
N GLU B 634 -30.61 19.19 -37.58
CA GLU B 634 -29.71 19.94 -38.44
C GLU B 634 -28.36 20.22 -37.78
N PHE B 635 -28.21 19.92 -36.49
CA PHE B 635 -27.01 20.28 -35.73
C PHE B 635 -26.20 19.06 -35.30
N ILE B 636 -26.16 18.03 -36.14
CA ILE B 636 -25.35 16.86 -35.83
C ILE B 636 -23.87 17.18 -36.04
N GLY B 637 -23.03 16.73 -35.12
CA GLY B 637 -21.61 16.94 -35.22
C GLY B 637 -21.02 17.91 -34.23
N MET B 638 -21.82 18.45 -33.30
CA MET B 638 -21.31 19.40 -32.34
C MET B 638 -20.52 18.69 -31.24
N ASP B 639 -21.17 17.79 -30.49
CA ASP B 639 -20.53 17.02 -29.45
C ASP B 639 -20.70 15.54 -29.71
N ASP B 640 -19.84 14.75 -29.07
CA ASP B 640 -19.93 13.29 -29.17
C ASP B 640 -21.25 12.79 -28.58
N GLN B 641 -21.62 13.29 -27.41
CA GLN B 641 -22.87 12.86 -26.79
C GLN B 641 -24.08 13.36 -27.57
N TYR B 642 -23.98 14.52 -28.21
CA TYR B 642 -25.06 15.01 -29.04
C TYR B 642 -25.39 14.05 -30.17
N ASP B 643 -24.37 13.56 -30.87
CA ASP B 643 -24.60 12.56 -31.91
C ASP B 643 -25.01 11.23 -31.31
N PHE B 644 -24.48 10.89 -30.13
CA PHE B 644 -24.84 9.63 -29.49
C PHE B 644 -26.33 9.58 -29.17
N PHE B 645 -26.91 10.72 -28.82
CA PHE B 645 -28.32 10.74 -28.44
C PHE B 645 -29.25 11.03 -29.61
N VAL B 646 -28.96 12.05 -30.41
CA VAL B 646 -29.93 12.49 -31.42
C VAL B 646 -30.08 11.44 -32.52
N ASP B 647 -28.96 10.96 -33.06
CA ASP B 647 -28.96 9.99 -34.15
C ASP B 647 -28.05 8.83 -33.79
N PRO B 648 -28.55 7.85 -33.04
CA PRO B 648 -27.72 6.68 -32.70
C PRO B 648 -27.34 5.84 -33.91
N GLU B 649 -28.08 5.97 -35.02
CA GLU B 649 -27.82 5.13 -36.18
C GLU B 649 -26.46 5.44 -36.81
N ASN B 650 -26.06 6.71 -36.81
CA ASN B 650 -24.88 7.14 -37.55
C ASN B 650 -23.88 7.72 -36.56
N PHE B 651 -23.69 7.01 -35.44
CA PHE B 651 -22.80 7.46 -34.37
C PHE B 651 -21.77 6.37 -34.11
N ASP B 652 -20.50 6.72 -34.25
CA ASP B 652 -19.45 5.75 -33.99
C ASP B 652 -19.19 5.69 -32.49
N TYR B 653 -19.10 4.48 -31.96
CA TYR B 653 -18.98 4.26 -30.52
C TYR B 653 -17.56 4.41 -30.01
N LYS B 654 -16.59 4.69 -30.89
CA LYS B 654 -15.26 5.01 -30.41
C LYS B 654 -15.31 6.30 -29.60
N LYS B 655 -16.07 7.29 -30.05
CA LYS B 655 -16.18 8.58 -29.40
C LYS B 655 -17.05 8.54 -28.15
N PHE B 656 -17.38 7.38 -27.61
CA PHE B 656 -18.21 7.29 -26.42
C PHE B 656 -17.35 7.27 -25.17
N ILE B 657 -17.62 8.18 -24.25
CA ILE B 657 -16.93 8.25 -22.98
C ILE B 657 -17.70 7.39 -21.97
N PRO B 658 -17.06 6.43 -21.31
CA PRO B 658 -17.77 5.65 -20.29
C PRO B 658 -18.22 6.46 -19.08
N SER B 659 -17.62 7.62 -18.81
CA SER B 659 -17.94 8.39 -17.62
C SER B 659 -19.22 9.19 -17.75
N TRP B 660 -19.82 9.24 -18.95
CA TRP B 660 -21.11 9.88 -19.09
C TRP B 660 -22.17 9.18 -18.26
N LEU B 661 -22.11 7.85 -18.21
CA LEU B 661 -23.14 7.05 -17.54
C LEU B 661 -23.21 7.32 -16.05
N LYS B 662 -22.19 7.96 -15.47
CA LYS B 662 -22.27 8.38 -14.07
C LYS B 662 -23.39 9.38 -13.87
N ASN B 663 -23.62 10.25 -14.86
CA ASN B 663 -24.59 11.34 -14.72
C ASN B 663 -25.94 10.98 -15.33
N TYR B 664 -26.38 9.73 -15.24
CA TYR B 664 -27.62 9.30 -15.84
C TYR B 664 -28.63 8.90 -14.77
N ASN B 665 -29.87 9.39 -14.92
CA ASN B 665 -30.94 9.15 -13.97
C ASN B 665 -31.49 7.73 -14.13
N ASP B 666 -32.25 7.30 -13.14
CA ASP B 666 -32.91 6.00 -13.18
C ASP B 666 -33.76 5.85 -14.44
N LYS B 667 -34.64 6.81 -14.69
CA LYS B 667 -35.56 6.70 -15.83
C LYS B 667 -34.80 6.79 -17.15
N LEU B 668 -33.75 7.61 -17.21
CA LEU B 668 -33.00 7.74 -18.45
C LEU B 668 -32.20 6.48 -18.76
N LEU B 669 -31.56 5.89 -17.76
CA LEU B 669 -30.87 4.62 -17.98
C LEU B 669 -31.86 3.52 -18.35
N GLY B 670 -33.04 3.52 -17.72
CA GLY B 670 -34.06 2.57 -18.12
C GLY B 670 -34.49 2.73 -19.56
N LYS B 671 -34.69 3.97 -20.00
CA LYS B 671 -35.08 4.22 -21.38
C LYS B 671 -33.98 3.81 -22.35
N ILE B 672 -32.73 4.15 -22.04
CA ILE B 672 -31.63 3.80 -22.95
C ILE B 672 -31.44 2.28 -23.00
N ALA B 673 -31.66 1.59 -21.88
CA ALA B 673 -31.57 0.13 -21.90
C ALA B 673 -32.76 -0.48 -22.63
N GLY B 674 -33.89 0.22 -22.66
CA GLY B 674 -35.05 -0.30 -23.37
C GLY B 674 -34.92 -0.26 -24.87
N ASN B 675 -33.99 0.54 -25.40
CA ASN B 675 -33.79 0.61 -26.83
C ASN B 675 -32.95 -0.56 -27.32
N LYS B 676 -33.00 -0.78 -28.64
CA LYS B 676 -32.30 -1.89 -29.28
C LYS B 676 -31.22 -1.45 -30.26
N HIS B 677 -31.26 -0.21 -30.74
CA HIS B 677 -30.30 0.22 -31.75
C HIS B 677 -28.88 0.26 -31.21
N MET B 678 -28.69 0.86 -30.04
CA MET B 678 -27.37 1.08 -29.47
C MET B 678 -27.09 0.20 -28.26
N LYS B 679 -27.99 -0.71 -27.91
CA LYS B 679 -27.88 -1.42 -26.65
C LYS B 679 -26.61 -2.26 -26.58
N HIS B 680 -26.40 -3.12 -27.57
CA HIS B 680 -25.33 -4.12 -27.49
C HIS B 680 -23.97 -3.46 -27.32
N HIS B 681 -23.73 -2.36 -28.03
CA HIS B 681 -22.48 -1.63 -27.86
C HIS B 681 -22.36 -1.05 -26.44
N VAL B 682 -23.48 -0.60 -25.87
CA VAL B 682 -23.44 -0.07 -24.52
C VAL B 682 -23.05 -1.17 -23.53
N ILE B 683 -23.66 -2.36 -23.66
CA ILE B 683 -23.27 -3.44 -22.76
C ILE B 683 -21.81 -3.83 -22.99
N GLU B 684 -21.36 -3.83 -24.25
CA GLU B 684 -19.98 -4.25 -24.49
C GLU B 684 -18.99 -3.27 -23.87
N VAL B 685 -19.24 -1.97 -23.99
CA VAL B 685 -18.31 -0.99 -23.42
C VAL B 685 -18.38 -1.03 -21.89
N LEU B 686 -19.58 -1.18 -21.32
CA LEU B 686 -19.68 -1.27 -19.87
C LEU B 686 -18.97 -2.51 -19.34
N LYS B 687 -19.13 -3.64 -20.03
CA LYS B 687 -18.44 -4.86 -19.62
C LYS B 687 -16.94 -4.70 -19.72
N GLU B 688 -16.46 -4.10 -20.81
CA GLU B 688 -15.03 -3.89 -20.96
C GLU B 688 -14.49 -3.02 -19.83
N ARG B 689 -15.25 -2.02 -19.40
CA ARG B 689 -14.77 -1.18 -18.32
C ARG B 689 -14.86 -1.87 -16.96
N VAL B 690 -15.94 -2.62 -16.70
CA VAL B 690 -16.09 -3.25 -15.39
C VAL B 690 -15.07 -4.36 -15.21
N LYS B 691 -14.74 -5.07 -16.29
CA LYS B 691 -13.85 -6.23 -16.18
C LYS B 691 -12.48 -5.85 -15.64
N ASN B 692 -11.95 -4.72 -16.09
CA ASN B 692 -10.57 -4.35 -15.84
C ASN B 692 -10.40 -3.18 -14.88
N SER B 693 -11.46 -2.74 -14.23
CA SER B 693 -11.39 -1.61 -13.30
C SER B 693 -11.96 -2.01 -11.95
N ASN B 694 -11.92 -1.05 -11.01
CA ASN B 694 -12.41 -1.24 -9.65
C ASN B 694 -13.41 -0.17 -9.26
N ASP B 695 -14.37 0.14 -10.14
CA ASP B 695 -15.44 1.07 -9.85
C ASP B 695 -16.72 0.27 -9.58
N LYS B 696 -17.16 0.25 -8.33
CA LYS B 696 -18.32 -0.55 -7.97
C LYS B 696 -19.60 -0.01 -8.60
N ARG B 697 -19.67 1.31 -8.80
CA ARG B 697 -20.86 1.91 -9.42
C ARG B 697 -21.06 1.38 -10.84
N TYR B 698 -19.97 1.16 -11.57
CA TYR B 698 -20.08 0.60 -12.91
C TYR B 698 -20.71 -0.78 -12.88
N LEU B 699 -20.25 -1.62 -11.96
CA LEU B 699 -20.81 -2.96 -11.82
C LEU B 699 -22.28 -2.91 -11.44
N GLU B 700 -22.63 -2.04 -10.49
CA GLU B 700 -24.02 -1.92 -10.06
C GLU B 700 -24.91 -1.48 -11.21
N ILE B 701 -24.46 -0.50 -11.99
CA ILE B 701 -25.25 -0.02 -13.12
C ILE B 701 -25.40 -1.11 -14.18
N LEU B 702 -24.31 -1.83 -14.45
CA LEU B 702 -24.38 -2.91 -15.44
C LEU B 702 -25.36 -3.98 -14.99
N MET B 703 -25.36 -4.29 -13.69
CA MET B 703 -26.13 -5.42 -13.20
C MET B 703 -27.62 -5.08 -13.06
N ASN B 704 -27.93 -4.02 -12.32
CA ASN B 704 -29.33 -3.76 -11.94
C ASN B 704 -30.21 -3.47 -13.15
N TYR B 705 -29.71 -2.66 -14.10
CA TYR B 705 -30.55 -2.12 -15.15
C TYR B 705 -30.48 -2.95 -16.43
N PHE B 706 -29.28 -3.11 -16.99
CA PHE B 706 -29.14 -3.82 -18.26
C PHE B 706 -29.32 -5.32 -18.13
N ILE B 707 -29.34 -5.86 -16.91
CA ILE B 707 -29.55 -7.28 -16.70
C ILE B 707 -30.71 -7.51 -15.73
N LYS C 2 17.09 1.74 -19.41
CA LYS C 2 17.67 2.55 -18.34
C LYS C 2 17.74 4.03 -18.71
N THR C 3 17.13 4.39 -19.84
CA THR C 3 17.05 5.78 -20.28
C THR C 3 15.61 6.24 -20.17
N VAL C 4 15.37 7.31 -19.41
CA VAL C 4 14.04 7.82 -19.17
C VAL C 4 13.96 9.24 -19.69
N ILE C 5 12.89 9.50 -20.46
CA ILE C 5 12.64 10.80 -21.08
C ILE C 5 11.61 11.54 -20.24
N GLN C 6 11.91 12.80 -19.92
CA GLN C 6 11.06 13.63 -19.09
C GLN C 6 10.67 14.89 -19.84
N ASP C 7 9.54 15.48 -19.44
CA ASP C 7 8.99 16.67 -20.07
C ASP C 7 8.76 17.75 -19.02
N THR C 8 8.32 18.91 -19.49
CA THR C 8 8.10 20.08 -18.66
C THR C 8 6.72 20.68 -18.92
N ALA C 9 6.45 21.82 -18.30
CA ALA C 9 5.20 22.55 -18.47
C ALA C 9 5.46 24.02 -18.10
N ASP C 10 4.38 24.81 -18.04
CA ASP C 10 4.52 26.23 -17.73
C ASP C 10 3.19 26.76 -17.22
N VAL C 11 3.24 27.60 -16.20
CA VAL C 11 2.05 28.07 -15.49
C VAL C 11 2.11 29.59 -15.36
N TYR C 12 0.96 30.25 -15.49
CA TYR C 12 0.89 31.70 -15.52
C TYR C 12 -0.35 32.15 -14.76
N PHE C 13 -0.18 32.72 -13.57
CA PHE C 13 -1.33 33.35 -12.92
C PHE C 13 -1.48 34.79 -13.42
N LYS C 14 -2.68 35.33 -13.19
CA LYS C 14 -2.96 36.72 -13.56
C LYS C 14 -4.25 37.16 -12.90
N ARG C 15 -4.22 38.27 -12.17
CA ARG C 15 -5.41 38.75 -11.49
C ARG C 15 -6.28 39.57 -12.43
N LYS C 16 -7.59 39.42 -12.27
CA LYS C 16 -8.55 40.09 -13.14
C LYS C 16 -8.61 41.58 -12.78
N SER C 17 -9.28 42.34 -13.65
CA SER C 17 -9.43 43.80 -13.62
C SER C 17 -8.13 44.52 -13.98
N ASP C 18 -7.03 43.81 -14.19
CA ASP C 18 -5.78 44.38 -14.67
C ASP C 18 -4.92 43.23 -15.18
N GLY C 19 -3.65 43.54 -15.44
CA GLY C 19 -2.75 42.54 -15.98
C GLY C 19 -1.57 42.22 -15.10
N LYS C 20 -1.79 42.15 -13.79
CA LYS C 20 -0.71 41.79 -12.88
C LYS C 20 -0.32 40.33 -13.10
N LEU C 21 0.95 40.10 -13.39
CA LEU C 21 1.43 38.79 -13.84
C LEU C 21 2.20 38.10 -12.73
N VAL C 22 1.69 36.95 -12.29
CA VAL C 22 2.40 36.05 -11.38
C VAL C 22 2.56 34.72 -12.09
N PHE C 23 3.76 34.14 -12.00
CA PHE C 23 4.03 32.96 -12.81
C PHE C 23 5.01 32.04 -12.13
N THR C 24 5.00 30.79 -12.57
CA THR C 24 5.96 29.77 -12.16
C THR C 24 6.72 29.31 -13.40
N ALA C 25 8.03 29.16 -13.26
CA ALA C 25 8.83 28.67 -14.38
C ALA C 25 8.48 27.23 -14.74
N GLU C 26 8.13 26.42 -13.75
CA GLU C 26 7.85 25.01 -13.96
C GLU C 26 6.63 24.59 -13.14
N ALA C 27 6.17 23.37 -13.42
CA ALA C 27 5.10 22.72 -12.66
C ALA C 27 5.47 21.24 -12.56
N GLN C 28 6.18 20.89 -11.49
CA GLN C 28 6.68 19.52 -11.35
C GLN C 28 5.56 18.56 -10.95
N THR C 29 4.95 18.78 -9.80
CA THR C 29 3.83 17.95 -9.37
C THR C 29 2.69 18.08 -10.35
N ALA C 30 2.13 19.29 -10.46
CA ALA C 30 1.16 19.63 -11.49
C ALA C 30 0.01 18.63 -11.54
N SER C 31 -0.48 18.25 -10.37
CA SER C 31 -1.55 17.25 -10.31
C SER C 31 -2.88 17.85 -10.72
N PHE C 32 -3.22 17.73 -12.00
CA PHE C 32 -4.53 18.14 -12.49
C PHE C 32 -5.51 16.99 -12.27
N SER C 33 -6.58 17.25 -11.54
CA SER C 33 -7.53 16.21 -11.13
C SER C 33 -8.94 16.65 -11.47
N GLN C 34 -9.53 16.03 -12.48
CA GLN C 34 -10.94 16.20 -12.77
C GLN C 34 -11.75 15.05 -12.20
N ALA C 35 -12.90 15.38 -11.61
CA ALA C 35 -13.69 14.37 -10.92
C ALA C 35 -15.17 14.63 -11.15
N ILE C 36 -15.97 13.57 -11.03
CA ILE C 36 -17.42 13.62 -11.17
C ILE C 36 -18.01 12.77 -10.05
N SER C 37 -18.95 13.34 -9.30
CA SER C 37 -19.64 12.61 -8.24
C SER C 37 -21.04 13.19 -8.06
N GLU C 38 -22.02 12.29 -7.92
CA GLU C 38 -23.40 12.70 -7.72
C GLU C 38 -24.07 11.76 -6.74
N GLU C 39 -25.12 12.26 -6.08
CA GLU C 39 -25.91 11.48 -5.14
C GLU C 39 -27.38 11.65 -5.46
N LYS C 40 -28.22 10.90 -4.73
CA LYS C 40 -29.66 11.05 -4.86
C LYS C 40 -30.08 12.45 -4.45
N LEU C 41 -30.98 13.05 -5.23
CA LEU C 41 -31.39 14.43 -5.00
C LEU C 41 -32.84 14.62 -5.43
N ARG C 42 -33.43 15.71 -4.94
CA ARG C 42 -34.79 16.14 -5.26
C ARG C 42 -35.84 15.24 -4.63
N GLY C 43 -37.01 15.81 -4.32
CA GLY C 43 -38.08 15.03 -3.72
C GLY C 43 -38.72 14.05 -4.70
N GLY C 44 -38.68 14.38 -5.99
CA GLY C 44 -39.32 13.56 -7.00
C GLY C 44 -40.78 13.89 -7.23
N ILE C 45 -41.36 14.83 -6.48
CA ILE C 45 -42.74 15.24 -6.67
C ILE C 45 -42.85 16.13 -7.90
N GLY C 46 -44.06 16.38 -8.35
CA GLY C 46 -44.26 17.17 -9.56
C GLY C 46 -44.36 16.36 -10.82
N ASN C 47 -44.65 15.05 -10.72
CA ASN C 47 -44.86 14.16 -11.86
C ASN C 47 -43.55 14.11 -12.66
N LYS C 48 -43.50 14.61 -13.88
CA LYS C 48 -42.30 14.48 -14.70
C LYS C 48 -41.15 15.29 -14.08
N PRO C 49 -39.94 14.75 -14.05
CA PRO C 49 -38.79 15.62 -13.77
C PRO C 49 -38.36 16.43 -14.98
N LEU C 50 -38.40 15.82 -16.17
CA LEU C 50 -38.14 16.50 -17.44
C LEU C 50 -36.79 17.23 -17.43
N TYR C 51 -35.83 16.69 -16.67
CA TYR C 51 -34.52 17.30 -16.52
C TYR C 51 -33.58 16.25 -15.94
N ILE C 52 -32.43 16.07 -16.60
CA ILE C 52 -31.45 15.07 -16.19
C ILE C 52 -30.07 15.70 -16.10
N LEU C 53 -30.00 17.01 -15.88
CA LEU C 53 -28.73 17.73 -15.96
C LEU C 53 -28.09 17.99 -14.58
N LYS C 54 -28.45 17.22 -13.56
CA LYS C 54 -27.69 17.30 -12.31
C LYS C 54 -26.23 16.99 -12.57
N SER C 55 -25.37 18.00 -12.42
CA SER C 55 -23.95 17.85 -12.67
C SER C 55 -23.16 18.48 -11.53
N GLU C 56 -22.08 17.81 -11.15
CA GLU C 56 -21.17 18.29 -10.12
C GLU C 56 -19.74 18.12 -10.65
N LYS C 57 -19.26 19.16 -11.34
CA LYS C 57 -17.93 19.13 -11.95
C LYS C 57 -17.00 20.05 -11.16
N GLU C 58 -16.01 19.47 -10.51
CA GLU C 58 -15.03 20.22 -9.75
C GLU C 58 -13.63 19.93 -10.28
N ILE C 59 -12.83 20.98 -10.44
CA ILE C 59 -11.51 20.88 -11.03
C ILE C 59 -10.49 21.37 -10.01
N ASN C 60 -9.45 20.58 -9.79
CA ASN C 60 -8.39 20.89 -8.85
C ASN C 60 -7.07 20.93 -9.58
N LEU C 61 -6.19 21.85 -9.16
CA LEU C 61 -4.87 22.01 -9.77
C LEU C 61 -3.82 21.92 -8.68
N THR C 62 -2.56 22.11 -9.09
CA THR C 62 -1.42 22.13 -8.18
C THR C 62 -0.22 22.65 -8.95
N VAL C 63 0.60 23.46 -8.29
CA VAL C 63 1.78 24.05 -8.93
C VAL C 63 2.96 23.97 -7.97
N LYS C 64 4.16 24.06 -8.52
CA LYS C 64 5.39 24.08 -7.74
C LYS C 64 6.30 25.19 -8.27
N ASN C 65 6.84 26.00 -7.37
CA ASN C 65 7.70 27.13 -7.75
C ASN C 65 8.27 27.76 -6.50
N ALA C 66 9.11 28.78 -6.72
CA ALA C 66 9.56 29.69 -5.67
C ALA C 66 9.58 31.14 -6.15
N PHE C 67 8.81 31.44 -7.20
CA PHE C 67 8.81 32.76 -7.84
C PHE C 67 7.46 33.43 -7.59
N PHE C 68 7.44 34.37 -6.66
CA PHE C 68 6.24 35.11 -6.32
C PHE C 68 6.23 36.53 -6.88
N ASP C 69 7.17 36.86 -7.77
CA ASP C 69 7.26 38.16 -8.42
C ASP C 69 7.75 39.23 -7.44
N LEU C 70 8.65 40.10 -7.89
CA LEU C 70 9.35 41.01 -7.00
C LEU C 70 8.85 42.44 -7.05
N GLU C 71 7.88 42.76 -7.91
CA GLU C 71 7.52 44.17 -8.10
C GLU C 71 6.43 44.61 -7.14
N TRP C 72 5.34 43.85 -7.03
CA TRP C 72 4.24 44.22 -6.15
C TRP C 72 4.17 43.41 -4.86
N LEU C 73 4.85 42.27 -4.80
CA LEU C 73 4.96 41.58 -3.52
C LEU C 73 5.60 42.48 -2.47
N ALA C 74 6.63 43.23 -2.88
CA ALA C 74 7.27 44.17 -1.96
C ALA C 74 6.35 45.33 -1.60
N MET C 75 5.61 45.88 -2.57
CA MET C 75 4.79 47.05 -2.27
C MET C 75 3.63 46.68 -1.34
N THR C 76 3.02 45.51 -1.53
CA THR C 76 1.98 45.09 -0.61
C THR C 76 2.57 44.63 0.72
N GLN C 77 3.81 44.11 0.69
CA GLN C 77 4.49 43.76 1.93
C GLN C 77 4.71 44.98 2.82
N GLY C 78 5.12 46.09 2.21
CA GLY C 78 5.35 47.32 2.96
C GLY C 78 4.34 48.40 2.64
N SER C 168 -9.48 39.99 -3.69
CA SER C 168 -10.61 39.14 -4.01
C SER C 168 -11.19 39.50 -5.38
N GLU C 169 -10.33 39.56 -6.39
CA GLU C 169 -10.71 39.90 -7.74
C GLU C 169 -10.30 38.82 -8.73
N ARG C 170 -10.52 37.56 -8.35
CA ARG C 170 -10.18 36.38 -9.15
C ARG C 170 -8.68 36.27 -9.41
N TYR C 171 -8.24 35.08 -9.83
CA TYR C 171 -6.82 34.79 -9.98
C TYR C 171 -6.59 33.95 -11.23
N GLU C 172 -7.24 34.31 -12.33
CA GLU C 172 -7.38 33.42 -13.48
C GLU C 172 -6.02 32.98 -14.02
N VAL C 173 -5.94 31.70 -14.41
CA VAL C 173 -4.70 31.04 -14.78
C VAL C 173 -4.74 30.71 -16.26
N GLU C 174 -3.56 30.59 -16.87
CA GLU C 174 -3.44 30.20 -18.28
C GLU C 174 -2.25 29.25 -18.40
N TYR C 175 -2.55 27.97 -18.64
CA TYR C 175 -1.51 26.97 -18.81
C TYR C 175 -0.99 26.99 -20.23
N ARG C 176 0.26 26.55 -20.40
CA ARG C 176 0.86 26.46 -21.72
C ARG C 176 1.86 25.32 -21.75
N THR C 177 1.75 24.48 -22.76
CA THR C 177 2.60 23.31 -22.89
C THR C 177 2.70 22.96 -24.37
N ILE C 178 3.50 21.93 -24.67
CA ILE C 178 3.79 21.54 -26.04
C ILE C 178 3.51 20.05 -26.21
N ALA C 179 3.10 19.67 -27.42
CA ALA C 179 2.89 18.29 -27.79
C ALA C 179 3.53 18.04 -29.14
N TYR C 180 4.01 16.81 -29.33
CA TYR C 180 4.73 16.44 -30.55
C TYR C 180 4.04 15.27 -31.23
N ASN C 181 4.17 15.22 -32.55
CA ASN C 181 3.61 14.12 -33.33
C ASN C 181 4.47 12.88 -33.12
N PRO C 182 3.89 11.75 -32.69
CA PRO C 182 4.72 10.56 -32.44
C PRO C 182 5.45 10.05 -33.68
N ASP C 183 4.86 10.20 -34.87
CA ASP C 183 5.50 9.69 -36.08
C ASP C 183 6.80 10.41 -36.37
N THR C 184 6.84 11.73 -36.20
CA THR C 184 8.01 12.53 -36.52
C THR C 184 8.79 13.00 -35.31
N GLU C 185 8.19 13.00 -34.12
CA GLU C 185 8.84 13.45 -32.88
C GLU C 185 9.38 14.87 -33.02
N GLU C 186 8.62 15.75 -33.65
CA GLU C 186 9.01 17.14 -33.86
C GLU C 186 8.03 18.06 -33.15
N VAL C 187 8.55 19.17 -32.63
CA VAL C 187 7.72 20.16 -31.94
C VAL C 187 6.88 20.89 -32.99
N TYR C 188 5.58 20.62 -33.01
CA TYR C 188 4.69 21.22 -33.99
C TYR C 188 3.40 21.78 -33.42
N SER C 189 3.07 21.47 -32.16
CA SER C 189 1.81 21.90 -31.56
C SER C 189 2.08 22.60 -30.24
N ASP C 190 1.37 23.71 -30.02
CA ASP C 190 1.40 24.42 -28.75
C ASP C 190 0.01 24.33 -28.11
N ILE C 191 -0.03 23.87 -26.86
CA ILE C 191 -1.29 23.64 -26.16
C ILE C 191 -1.47 24.73 -25.12
N TYR C 192 -2.59 25.44 -25.21
CA TYR C 192 -2.95 26.47 -24.25
C TYR C 192 -4.22 26.07 -23.53
N ILE C 193 -4.17 26.05 -22.20
CA ILE C 193 -5.32 25.74 -21.35
C ILE C 193 -5.61 26.96 -20.51
N GLN C 194 -6.87 27.39 -20.48
CA GLN C 194 -7.24 28.63 -19.84
C GLN C 194 -8.37 28.41 -18.85
N PHE C 195 -8.24 29.04 -17.67
CA PHE C 195 -9.30 29.13 -16.68
C PHE C 195 -9.60 30.59 -16.41
N PRO C 196 -10.86 31.01 -16.46
CA PRO C 196 -11.17 32.44 -16.27
C PRO C 196 -11.47 32.82 -14.83
N ASN C 197 -11.47 31.86 -13.92
CA ASN C 197 -11.78 32.16 -12.52
C ASN C 197 -11.26 31.03 -11.65
N VAL C 198 -10.35 31.35 -10.73
CA VAL C 198 -9.82 30.39 -9.79
C VAL C 198 -9.73 31.03 -8.41
N SER C 199 -9.65 30.18 -7.37
CA SER C 199 -9.54 30.64 -6.00
C SER C 199 -8.48 29.83 -5.28
N PRO C 200 -7.49 30.49 -4.67
CA PRO C 200 -6.41 29.75 -3.98
C PRO C 200 -6.90 29.22 -2.65
N SER C 201 -6.76 27.91 -2.45
CA SER C 201 -7.18 27.24 -1.22
C SER C 201 -6.02 26.36 -0.75
N GLY C 202 -5.11 26.97 0.00
CA GLY C 202 -3.94 26.27 0.51
C GLY C 202 -4.06 26.03 1.99
N GLU C 203 -3.71 24.81 2.41
CA GLU C 203 -3.72 24.46 3.83
C GLU C 203 -2.53 25.12 4.51
N PHE C 204 -2.81 25.98 5.49
CA PHE C 204 -1.76 26.69 6.21
C PHE C 204 -1.24 25.86 7.38
N GLU C 205 -0.92 24.60 7.12
CA GLU C 205 -0.42 23.69 8.14
C GLU C 205 0.73 22.87 7.58
N MET C 206 1.63 23.50 6.83
CA MET C 206 2.78 22.83 6.26
C MET C 206 4.03 22.99 7.13
N SER C 207 3.85 23.14 8.43
CA SER C 207 4.99 23.33 9.34
C SER C 207 5.70 21.99 9.49
N LEU C 208 6.73 21.78 8.69
CA LEU C 208 7.47 20.52 8.71
C LEU C 208 8.64 20.64 9.67
N GLU C 209 9.35 19.53 9.85
CA GLU C 209 10.29 19.41 10.95
C GLU C 209 11.73 19.74 10.56
N ASN C 210 12.13 19.46 9.31
CA ASN C 210 13.47 19.76 8.85
C ASN C 210 13.42 20.78 7.72
N GLY C 211 14.56 21.42 7.47
CA GLY C 211 14.66 22.35 6.37
C GLY C 211 14.48 21.69 5.02
N ASN C 212 13.41 22.03 4.32
CA ASN C 212 13.07 21.41 3.05
C ASN C 212 13.64 22.21 1.88
N ALA C 213 13.36 21.74 0.67
CA ALA C 213 13.81 22.40 -0.55
C ALA C 213 12.79 23.46 -0.99
N LEU C 214 12.44 24.32 -0.04
CA LEU C 214 11.38 25.31 -0.23
C LEU C 214 10.11 24.62 -0.71
N ALA C 215 9.88 24.66 -2.02
CA ALA C 215 8.75 23.99 -2.66
C ALA C 215 7.41 24.29 -1.99
N PRO C 216 6.99 25.56 -1.95
CA PRO C 216 5.66 25.87 -1.40
C PRO C 216 4.54 25.51 -2.38
N GLU C 217 4.14 24.24 -2.34
CA GLU C 217 3.07 23.76 -3.20
C GLU C 217 1.81 24.56 -2.98
N ILE C 218 1.20 25.01 -4.07
CA ILE C 218 0.00 25.84 -4.03
C ILE C 218 -1.12 25.08 -4.73
N LYS C 219 -2.28 25.00 -4.08
CA LYS C 219 -3.44 24.31 -4.61
C LYS C 219 -4.49 25.32 -5.05
N PHE C 220 -5.12 25.03 -6.19
CA PHE C 220 -6.12 25.91 -6.77
C PHE C 220 -7.39 25.13 -7.05
N GLU C 221 -8.51 25.85 -7.05
CA GLU C 221 -9.81 25.24 -7.27
C GLU C 221 -10.57 26.06 -8.31
N ALA C 222 -11.13 25.39 -9.31
CA ALA C 222 -11.90 26.08 -10.33
C ALA C 222 -13.17 26.64 -9.71
N LEU C 223 -13.39 27.94 -9.89
CA LEU C 223 -14.55 28.63 -9.34
C LEU C 223 -15.42 29.12 -10.49
N ALA C 224 -16.73 29.05 -10.29
CA ALA C 224 -17.69 29.38 -11.35
C ALA C 224 -18.75 30.33 -10.80
N ASP C 225 -19.15 31.29 -11.63
CA ASP C 225 -20.29 32.13 -11.34
C ASP C 225 -21.55 31.44 -11.84
N THR C 226 -22.66 32.18 -11.90
CA THR C 226 -23.94 31.60 -12.29
C THR C 226 -24.36 32.03 -13.70
N ASP C 227 -23.47 32.67 -14.45
CA ASP C 227 -23.88 33.28 -15.72
C ASP C 227 -23.81 32.27 -16.88
N THR C 228 -22.61 31.80 -17.20
CA THR C 228 -22.42 30.86 -18.30
C THR C 228 -20.94 30.51 -18.41
N ASP C 229 -20.67 29.42 -19.13
CA ASP C 229 -19.33 29.07 -19.65
C ASP C 229 -18.36 28.95 -18.47
N GLU C 230 -17.17 29.56 -18.56
CA GLU C 230 -16.15 29.58 -17.51
C GLU C 230 -15.44 28.23 -17.38
N MET C 231 -14.48 28.15 -16.46
CA MET C 231 -13.52 27.05 -16.37
C MET C 231 -12.88 26.68 -17.71
N ALA C 232 -13.17 25.47 -18.20
CA ALA C 232 -12.29 24.81 -19.17
C ALA C 232 -12.39 25.48 -20.53
N VAL C 233 -11.26 26.04 -20.99
CA VAL C 233 -11.10 26.52 -22.35
C VAL C 233 -9.71 26.11 -22.81
N VAL C 234 -9.63 25.47 -23.98
CA VAL C 234 -8.37 24.92 -24.49
C VAL C 234 -8.13 25.49 -25.88
N ILE C 235 -6.90 25.97 -26.11
CA ILE C 235 -6.49 26.50 -27.40
C ILE C 235 -5.54 25.50 -28.04
N GLU C 236 -5.77 25.18 -29.31
CA GLU C 236 -4.99 24.15 -29.99
C GLU C 236 -4.25 24.73 -31.18
N ALA C 237 -2.94 24.56 -31.18
CA ALA C 237 -2.04 24.93 -32.27
C ALA C 237 -1.86 23.73 -33.20
N SER C 238 -0.77 23.74 -33.98
CA SER C 238 -0.40 22.73 -34.99
C SER C 238 -1.15 22.89 -36.30
N ARG C 239 -1.51 24.11 -36.67
CA ARG C 239 -1.91 24.41 -38.04
C ARG C 239 -0.70 24.20 -38.93
N ASP C 240 -0.90 23.51 -40.05
CA ASP C 240 0.19 23.18 -40.98
C ASP C 240 -0.34 22.61 -42.29
N MET D 1 -7.36 -2.85 29.42
CA MET D 1 -8.74 -3.25 29.61
C MET D 1 -9.69 -2.47 28.70
N LYS D 2 -9.14 -1.52 27.92
CA LYS D 2 -10.00 -0.70 27.07
C LYS D 2 -10.34 -1.42 25.78
N THR D 3 -9.36 -1.61 24.90
CA THR D 3 -9.56 -2.31 23.63
C THR D 3 -8.21 -2.90 23.22
N VAL D 4 -7.97 -4.16 23.56
CA VAL D 4 -6.86 -4.87 22.93
C VAL D 4 -7.31 -6.23 22.39
N ILE D 5 -7.82 -7.08 23.28
CA ILE D 5 -8.30 -8.43 22.97
C ILE D 5 -7.20 -9.28 22.34
N GLN D 6 -6.77 -10.32 23.04
CA GLN D 6 -5.74 -11.23 22.55
C GLN D 6 -6.19 -12.68 22.77
N ASP D 7 -5.39 -13.61 22.25
CA ASP D 7 -5.65 -15.04 22.40
C ASP D 7 -4.31 -15.77 22.37
N THR D 8 -4.35 -17.09 22.16
CA THR D 8 -3.14 -17.91 22.15
C THR D 8 -3.40 -19.16 21.33
N ALA D 9 -2.31 -19.84 20.96
CA ALA D 9 -2.38 -21.08 20.20
C ALA D 9 -1.26 -22.00 20.65
N ASP D 10 -1.11 -23.13 19.98
CA ASP D 10 -0.09 -24.11 20.33
C ASP D 10 0.26 -24.94 19.10
N VAL D 11 1.52 -25.38 19.04
CA VAL D 11 2.03 -26.16 17.92
C VAL D 11 2.87 -27.32 18.46
N TYR D 12 2.70 -28.50 17.88
CA TYR D 12 3.43 -29.70 18.26
C TYR D 12 3.80 -30.45 17.00
N PHE D 13 5.10 -30.63 16.77
CA PHE D 13 5.59 -31.45 15.68
C PHE D 13 5.88 -32.86 16.19
N LYS D 14 6.23 -33.74 15.27
CA LYS D 14 6.45 -35.13 15.61
C LYS D 14 7.22 -35.78 14.48
N ARG D 15 8.00 -36.79 14.83
CA ARG D 15 8.74 -37.60 13.87
C ARG D 15 7.99 -38.90 13.63
N LYS D 16 7.65 -39.16 12.38
CA LYS D 16 6.83 -40.32 12.05
C LYS D 16 7.55 -41.61 12.39
N SER D 17 6.78 -42.61 12.81
CA SER D 17 7.26 -43.93 13.22
C SER D 17 8.15 -43.87 14.46
N ASP D 18 7.99 -42.86 15.30
CA ASP D 18 8.79 -42.75 16.51
C ASP D 18 8.10 -41.78 17.47
N GLY D 19 8.42 -41.93 18.76
CA GLY D 19 7.91 -41.05 19.79
C GLY D 19 8.84 -39.91 20.14
N LYS D 20 9.30 -39.15 19.14
CA LYS D 20 10.26 -38.07 19.37
C LYS D 20 9.55 -36.73 19.29
N LEU D 21 9.47 -36.03 20.42
CA LEU D 21 8.82 -34.73 20.51
C LEU D 21 9.89 -33.65 20.43
N VAL D 22 10.31 -33.33 19.22
CA VAL D 22 11.36 -32.34 19.00
C VAL D 22 10.77 -31.24 18.13
N PHE D 23 10.18 -30.24 18.79
CA PHE D 23 9.89 -28.96 18.15
C PHE D 23 9.35 -27.90 19.10
N THR D 24 8.95 -26.78 18.51
CA THR D 24 8.50 -25.59 19.22
C THR D 24 7.08 -25.78 19.76
N ALA D 25 6.59 -24.77 20.46
CA ALA D 25 5.21 -24.76 20.95
C ALA D 25 4.86 -23.33 21.35
N GLU D 26 3.91 -22.72 20.61
CA GLU D 26 3.33 -21.39 20.82
C GLU D 26 2.74 -20.86 19.52
N ALA D 27 3.55 -20.77 18.47
CA ALA D 27 3.11 -20.25 17.19
C ALA D 27 2.61 -18.82 17.28
N GLN D 28 3.51 -17.88 17.57
CA GLN D 28 3.13 -16.47 17.74
C GLN D 28 2.46 -15.91 16.49
N THR D 29 3.09 -16.04 15.33
CA THR D 29 2.48 -15.55 14.11
C THR D 29 1.40 -16.52 13.63
N ALA D 30 1.81 -17.76 13.34
CA ALA D 30 0.89 -18.87 13.10
C ALA D 30 -0.13 -18.56 12.01
N SER D 31 0.35 -18.04 10.88
CA SER D 31 -0.56 -17.89 9.75
C SER D 31 -0.80 -19.26 9.11
N PHE D 32 -2.01 -19.45 8.60
CA PHE D 32 -2.49 -20.74 8.13
C PHE D 32 -3.33 -20.50 6.89
N SER D 33 -2.89 -21.03 5.75
CA SER D 33 -3.45 -20.65 4.47
C SER D 33 -3.95 -21.85 3.68
N GLN D 34 -5.11 -21.68 3.07
CA GLN D 34 -5.69 -22.65 2.14
C GLN D 34 -5.81 -22.02 0.77
N ALA D 35 -5.55 -22.82 -0.26
CA ALA D 35 -5.63 -22.33 -1.63
C ALA D 35 -5.90 -23.48 -2.58
N ILE D 36 -6.97 -23.36 -3.36
CA ILE D 36 -7.35 -24.31 -4.40
C ILE D 36 -7.33 -23.59 -5.73
N SER D 37 -6.64 -24.16 -6.71
CA SER D 37 -6.49 -23.50 -8.00
C SER D 37 -6.60 -24.53 -9.11
N GLU D 38 -6.90 -24.03 -10.31
CA GLU D 38 -6.96 -24.85 -11.52
C GLU D 38 -6.54 -23.98 -12.70
N GLU D 39 -6.17 -24.64 -13.80
CA GLU D 39 -5.72 -23.94 -14.99
C GLU D 39 -6.22 -24.71 -16.21
N LYS D 40 -5.65 -24.38 -17.37
CA LYS D 40 -6.03 -24.99 -18.64
C LYS D 40 -5.23 -26.25 -18.96
N LEU D 41 -4.68 -26.91 -17.94
CA LEU D 41 -3.92 -28.14 -18.18
C LEU D 41 -4.82 -29.26 -18.70
N ARG D 42 -6.13 -29.15 -18.50
CA ARG D 42 -7.12 -30.02 -19.14
C ARG D 42 -7.84 -29.31 -20.28
N GLY D 43 -7.15 -28.41 -20.98
CA GLY D 43 -7.74 -27.72 -22.11
C GLY D 43 -7.86 -28.61 -23.32
N GLY D 44 -8.70 -29.65 -23.22
CA GLY D 44 -8.87 -30.60 -24.28
C GLY D 44 -8.93 -32.03 -23.77
N ILE D 45 -9.97 -32.76 -24.16
CA ILE D 45 -10.18 -34.14 -23.72
C ILE D 45 -10.97 -34.86 -24.79
N GLY D 46 -10.97 -36.19 -24.72
CA GLY D 46 -11.71 -37.00 -25.67
C GLY D 46 -13.21 -36.98 -25.50
N ASN D 47 -13.70 -36.25 -24.50
CA ASN D 47 -15.12 -36.10 -24.20
C ASN D 47 -15.79 -37.42 -23.85
N LYS D 48 -17.06 -37.35 -23.48
CA LYS D 48 -17.85 -38.46 -22.94
C LYS D 48 -17.06 -39.31 -21.95
N PRO D 49 -16.51 -38.74 -20.87
CA PRO D 49 -15.89 -39.58 -19.86
C PRO D 49 -16.79 -39.66 -18.63
N LEU D 50 -16.27 -39.34 -17.46
CA LEU D 50 -17.18 -39.07 -16.35
C LEU D 50 -16.82 -37.83 -15.53
N TYR D 51 -15.55 -37.67 -15.16
CA TYR D 51 -14.85 -36.45 -14.75
C TYR D 51 -13.48 -36.82 -14.19
N ILE D 52 -12.67 -35.82 -13.82
CA ILE D 52 -11.49 -36.09 -13.02
C ILE D 52 -11.43 -35.15 -11.83
N LEU D 53 -12.12 -34.01 -11.93
CA LEU D 53 -11.93 -32.89 -11.01
C LEU D 53 -10.49 -32.41 -11.05
N LYS D 54 -9.77 -32.60 -9.93
CA LYS D 54 -8.34 -32.35 -9.68
C LYS D 54 -8.17 -31.37 -8.53
N SER D 55 -8.40 -30.08 -8.79
CA SER D 55 -8.37 -28.99 -7.82
C SER D 55 -6.99 -28.76 -7.21
N GLU D 56 -5.97 -29.51 -7.59
CA GLU D 56 -4.62 -29.36 -7.06
C GLU D 56 -4.61 -29.46 -5.54
N LYS D 57 -4.90 -28.34 -4.88
CA LYS D 57 -5.00 -28.22 -3.43
C LYS D 57 -3.63 -28.27 -2.76
N GLU D 58 -3.39 -27.34 -1.84
CA GLU D 58 -2.16 -27.29 -1.05
C GLU D 58 -2.39 -26.33 0.11
N ILE D 59 -1.84 -26.67 1.26
CA ILE D 59 -2.02 -25.88 2.46
C ILE D 59 -0.65 -25.59 3.08
N ASN D 60 -0.48 -24.36 3.55
CA ASN D 60 0.78 -23.88 4.07
C ASN D 60 0.69 -23.66 5.57
N LEU D 61 1.84 -23.50 6.20
CA LEU D 61 1.94 -23.24 7.63
C LEU D 61 3.20 -22.44 7.91
N THR D 62 3.21 -21.75 9.05
CA THR D 62 4.42 -21.11 9.54
C THR D 62 4.26 -20.80 11.02
N VAL D 63 5.29 -21.13 11.81
CA VAL D 63 5.30 -20.90 13.24
C VAL D 63 6.68 -20.35 13.62
N LYS D 64 6.75 -19.68 14.77
CA LYS D 64 8.04 -19.21 15.26
C LYS D 64 7.99 -18.98 16.78
N ASN D 65 8.67 -19.83 17.53
CA ASN D 65 9.32 -19.41 18.77
C ASN D 65 10.67 -20.08 19.00
N ALA D 66 11.01 -21.10 18.20
CA ALA D 66 12.24 -21.89 18.30
C ALA D 66 12.29 -22.81 19.51
N PHE D 67 13.45 -22.91 20.14
CA PHE D 67 13.75 -23.84 21.24
C PHE D 67 13.06 -25.20 21.02
N PHE D 68 13.51 -25.87 19.95
CA PHE D 68 12.96 -27.16 19.57
C PHE D 68 13.13 -28.20 20.68
N ASP D 69 14.38 -28.56 20.97
CA ASP D 69 14.68 -29.58 21.97
C ASP D 69 16.19 -29.61 22.17
N LEU D 70 16.62 -30.41 23.14
CA LEU D 70 18.05 -30.57 23.42
C LEU D 70 18.44 -32.03 23.52
N GLU D 71 17.47 -32.91 23.82
CA GLU D 71 17.76 -34.34 23.88
C GLU D 71 17.68 -34.97 22.50
N TRP D 72 16.51 -34.88 21.86
CA TRP D 72 16.35 -35.40 20.51
C TRP D 72 17.22 -34.63 19.52
N LEU D 73 17.43 -33.33 19.78
CA LEU D 73 18.40 -32.59 18.98
C LEU D 73 19.80 -33.18 19.11
N ALA D 74 20.20 -33.53 20.33
CA ALA D 74 21.52 -34.11 20.53
C ALA D 74 21.63 -35.46 19.83
N MET D 75 20.58 -36.28 19.88
CA MET D 75 20.68 -37.60 19.26
C MET D 75 20.60 -37.51 17.74
N THR D 76 19.94 -36.48 17.21
CA THR D 76 19.98 -36.23 15.76
C THR D 76 21.31 -35.62 15.31
N GLN D 77 22.01 -34.92 16.20
CA GLN D 77 23.30 -34.32 15.81
C GLN D 77 24.33 -35.40 15.50
N GLY D 78 24.35 -36.47 16.28
CA GLY D 78 25.30 -37.54 16.06
C GLY D 78 24.87 -38.52 14.97
N SER D 168 14.03 -39.77 6.50
CA SER D 168 13.06 -38.80 6.00
C SER D 168 11.64 -39.31 6.18
N GLU D 169 11.17 -39.31 7.43
CA GLU D 169 9.84 -39.81 7.73
C GLU D 169 8.75 -38.79 7.42
N ARG D 170 9.12 -37.58 7.03
CA ARG D 170 8.21 -36.55 6.54
C ARG D 170 7.36 -35.94 7.66
N TYR D 171 7.48 -36.50 8.87
CA TYR D 171 6.96 -35.86 10.09
C TYR D 171 5.45 -35.69 10.10
N GLU D 172 4.88 -35.41 11.28
CA GLU D 172 3.47 -35.11 11.42
C GLU D 172 3.30 -34.04 12.49
N VAL D 173 2.18 -33.32 12.40
CA VAL D 173 1.92 -32.19 13.28
C VAL D 173 0.55 -32.36 13.92
N GLU D 174 0.37 -31.74 15.08
CA GLU D 174 -0.90 -31.71 15.77
C GLU D 174 -1.11 -30.33 16.37
N TYR D 175 -2.25 -29.72 16.07
CA TYR D 175 -2.59 -28.42 16.60
C TYR D 175 -3.53 -28.58 17.79
N ARG D 176 -3.43 -27.66 18.74
CA ARG D 176 -4.33 -27.63 19.89
C ARG D 176 -4.70 -26.19 20.18
N THR D 177 -5.97 -25.85 19.94
CA THR D 177 -6.47 -24.51 20.17
C THR D 177 -7.74 -24.59 21.03
N ILE D 178 -7.98 -23.53 21.79
CA ILE D 178 -9.09 -23.46 22.73
C ILE D 178 -10.02 -22.35 22.28
N ALA D 179 -11.32 -22.67 22.17
CA ALA D 179 -12.35 -21.72 21.80
C ALA D 179 -13.38 -21.63 22.92
N TYR D 180 -13.96 -20.44 23.08
CA TYR D 180 -14.92 -20.17 24.14
C TYR D 180 -16.27 -19.80 23.55
N ASN D 181 -17.32 -20.08 24.31
CA ASN D 181 -18.68 -19.74 23.88
C ASN D 181 -18.90 -18.25 24.02
N PRO D 182 -19.29 -17.54 22.96
CA PRO D 182 -19.46 -16.08 23.07
C PRO D 182 -20.53 -15.67 24.07
N ASP D 183 -21.58 -16.47 24.25
CA ASP D 183 -22.66 -16.10 25.16
C ASP D 183 -22.17 -16.07 26.61
N THR D 184 -21.34 -17.04 27.01
CA THR D 184 -20.89 -17.14 28.38
C THR D 184 -19.42 -16.79 28.59
N GLU D 185 -18.63 -16.75 27.52
CA GLU D 185 -17.19 -16.46 27.60
C GLU D 185 -16.48 -17.42 28.56
N GLU D 186 -16.86 -18.69 28.49
CA GLU D 186 -16.30 -19.73 29.36
C GLU D 186 -15.48 -20.72 28.54
N VAL D 187 -14.38 -21.19 29.12
CA VAL D 187 -13.51 -22.16 28.46
C VAL D 187 -14.23 -23.50 28.45
N TYR D 188 -14.71 -23.92 27.28
CA TYR D 188 -15.47 -25.16 27.16
C TYR D 188 -15.06 -26.04 25.99
N SER D 189 -14.39 -25.51 24.97
CA SER D 189 -14.11 -26.27 23.75
C SER D 189 -12.63 -26.23 23.43
N ASP D 190 -12.08 -27.39 23.05
CA ASP D 190 -10.72 -27.53 22.56
C ASP D 190 -10.77 -28.17 21.18
N ILE D 191 -9.97 -27.63 20.26
CA ILE D 191 -9.97 -28.08 18.87
C ILE D 191 -8.72 -28.91 18.63
N TYR D 192 -8.90 -30.07 18.01
CA TYR D 192 -7.80 -30.96 17.65
C TYR D 192 -7.66 -30.96 16.13
N ILE D 193 -6.48 -30.55 15.64
CA ILE D 193 -6.20 -30.51 14.21
C ILE D 193 -4.88 -31.22 13.98
N GLN D 194 -4.88 -32.18 13.07
CA GLN D 194 -3.71 -33.01 12.81
C GLN D 194 -3.48 -33.12 11.31
N PHE D 195 -2.24 -32.88 10.87
CA PHE D 195 -1.83 -33.11 9.50
C PHE D 195 -0.84 -34.26 9.45
N PRO D 196 -1.14 -35.35 8.77
CA PRO D 196 -0.26 -36.53 8.85
C PRO D 196 1.10 -36.33 8.21
N ASN D 197 1.20 -35.52 7.16
CA ASN D 197 2.48 -35.28 6.50
C ASN D 197 2.75 -33.78 6.38
N VAL D 198 4.04 -33.43 6.43
CA VAL D 198 4.45 -32.03 6.46
C VAL D 198 5.87 -31.93 5.90
N SER D 199 6.08 -30.97 5.00
CA SER D 199 7.37 -30.79 4.33
C SER D 199 8.01 -29.49 4.76
N PRO D 200 9.07 -29.52 5.57
CA PRO D 200 9.70 -28.28 6.03
C PRO D 200 10.58 -27.70 4.94
N SER D 201 10.26 -26.46 4.53
CA SER D 201 11.02 -25.82 3.45
C SER D 201 10.93 -24.31 3.65
N GLY D 202 11.96 -23.73 4.27
CA GLY D 202 12.03 -22.31 4.47
C GLY D 202 13.28 -21.67 3.90
N GLU D 203 13.20 -20.38 3.59
CA GLU D 203 14.33 -19.67 2.99
C GLU D 203 15.47 -19.60 3.99
N PHE D 204 16.54 -20.36 3.72
CA PHE D 204 17.60 -20.53 4.71
C PHE D 204 18.57 -19.35 4.67
N GLU D 205 18.04 -18.14 4.66
CA GLU D 205 18.89 -16.94 4.71
C GLU D 205 18.03 -15.79 5.23
N MET D 206 18.19 -15.46 6.51
CA MET D 206 17.65 -14.20 6.99
C MET D 206 18.54 -13.05 6.58
N SER D 207 19.80 -13.08 7.00
CA SER D 207 20.81 -12.10 6.61
C SER D 207 20.37 -10.68 6.94
N LEU D 208 19.56 -10.52 7.98
CA LEU D 208 19.13 -9.19 8.38
C LEU D 208 20.31 -8.43 9.00
N GLU D 209 20.35 -7.12 8.74
CA GLU D 209 21.53 -6.34 9.13
C GLU D 209 21.68 -6.23 10.64
N ASN D 210 20.58 -6.10 11.37
CA ASN D 210 20.61 -5.96 12.82
C ASN D 210 20.17 -7.26 13.48
N GLY D 211 20.98 -7.76 14.41
CA GLY D 211 20.66 -8.98 15.11
C GLY D 211 19.32 -8.94 15.81
N ASN D 212 18.49 -9.96 15.59
CA ASN D 212 17.15 -10.01 16.13
C ASN D 212 17.15 -10.70 17.50
N ALA D 213 15.97 -10.78 18.11
CA ALA D 213 15.78 -11.50 19.37
C ALA D 213 15.32 -12.93 19.09
N LEU D 214 16.17 -13.67 18.38
CA LEU D 214 15.94 -15.06 17.99
C LEU D 214 14.69 -15.09 17.11
N ALA D 215 13.73 -15.99 17.34
CA ALA D 215 12.51 -16.14 16.55
C ALA D 215 12.83 -16.41 15.08
N PRO D 216 13.42 -17.58 14.76
CA PRO D 216 13.66 -17.92 13.36
C PRO D 216 12.42 -18.48 12.68
N GLU D 217 11.57 -17.61 12.16
CA GLU D 217 10.31 -18.04 11.56
C GLU D 217 10.57 -19.02 10.42
N ILE D 218 9.85 -20.14 10.45
CA ILE D 218 9.96 -21.16 9.42
C ILE D 218 8.56 -21.57 8.97
N LYS D 219 8.48 -22.07 7.74
CA LYS D 219 7.22 -22.43 7.12
C LYS D 219 7.21 -23.91 6.77
N PHE D 220 6.01 -24.44 6.56
CA PHE D 220 5.82 -25.86 6.27
C PHE D 220 4.85 -26.03 5.12
N GLU D 221 4.99 -27.14 4.41
CA GLU D 221 4.10 -27.51 3.31
C GLU D 221 3.57 -28.91 3.57
N ALA D 222 2.27 -29.10 3.43
CA ALA D 222 1.65 -30.38 3.77
C ALA D 222 1.72 -31.31 2.59
N LEU D 223 2.58 -32.32 2.68
CA LEU D 223 2.72 -33.31 1.62
C LEU D 223 1.51 -34.24 1.61
N ALA D 224 1.20 -34.74 0.42
CA ALA D 224 0.08 -35.66 0.24
C ALA D 224 0.53 -36.82 -0.63
N ASP D 225 0.03 -38.01 -0.32
CA ASP D 225 0.35 -39.22 -1.06
C ASP D 225 -0.85 -39.63 -1.92
N THR D 226 -0.70 -40.77 -2.59
CA THR D 226 -1.72 -41.27 -3.50
C THR D 226 -2.70 -42.23 -2.81
N ASP D 227 -2.47 -42.57 -1.55
CA ASP D 227 -3.23 -43.65 -0.93
C ASP D 227 -4.66 -43.25 -0.59
N THR D 228 -4.84 -42.33 0.36
CA THR D 228 -6.16 -41.91 0.83
C THR D 228 -5.98 -40.83 1.88
N ASP D 229 -7.09 -40.21 2.27
CA ASP D 229 -7.17 -39.30 3.40
C ASP D 229 -6.16 -38.17 3.30
N GLU D 230 -5.19 -38.17 4.22
CA GLU D 230 -4.17 -37.13 4.33
C GLU D 230 -4.80 -35.78 4.70
N MET D 231 -4.07 -34.70 4.42
CA MET D 231 -4.51 -33.35 4.72
C MET D 231 -4.83 -33.15 6.19
N ALA D 232 -6.12 -33.17 6.55
CA ALA D 232 -6.51 -32.72 7.88
C ALA D 232 -7.50 -33.68 8.51
N VAL D 233 -7.33 -33.90 9.82
CA VAL D 233 -8.30 -34.61 10.66
C VAL D 233 -8.59 -33.72 11.85
N VAL D 234 -9.87 -33.41 12.07
CA VAL D 234 -10.28 -32.42 13.06
C VAL D 234 -11.19 -33.10 14.07
N ILE D 235 -10.90 -32.87 15.36
CA ILE D 235 -11.74 -33.36 16.45
C ILE D 235 -12.23 -32.16 17.26
N GLU D 236 -13.50 -32.21 17.66
CA GLU D 236 -14.13 -31.11 18.36
C GLU D 236 -14.54 -31.53 19.77
N ALA D 237 -14.12 -30.75 20.77
CA ALA D 237 -14.48 -30.95 22.17
C ALA D 237 -15.81 -30.28 22.51
N SER D 238 -16.04 -30.07 23.81
CA SER D 238 -17.22 -29.38 24.34
C SER D 238 -18.47 -30.25 24.27
N ARG D 239 -18.31 -31.54 24.55
CA ARG D 239 -19.46 -32.45 24.69
C ARG D 239 -20.14 -32.24 26.05
N ASP D 240 -20.61 -31.02 26.26
CA ASP D 240 -21.26 -30.65 27.52
C ASP D 240 -22.78 -30.72 27.40
#